data_6J1U
#
_entry.id   6J1U
#
_cell.length_a   119.592
_cell.length_b   126.747
_cell.length_c   194.425
_cell.angle_alpha   90.00
_cell.angle_beta   90.00
_cell.angle_gamma   90.00
#
_symmetry.space_group_name_H-M   'C 2 2 21'
#
loop_
_entity.id
_entity.type
_entity.pdbx_description
1 polymer Nucleoprotein
2 non-polymer ~{N}-[4-[(4-~{tert}-butylphenyl)carbonylamino]phenyl]-2,3-dihydro-1,4-benzodioxine-6-carboxamide
#
_entity_poly.entity_id   1
_entity_poly.type   'polypeptide(L)'
_entity_poly.pdbx_seq_one_letter_code
;MATKGTKRSYEQMETDGERQNATEIRASVGKMIDGIGRFYIQMCTELKLSDYEGRLIQNSLTIERMVLSAFDERRNKYLE
EHPSAGKDPKKTGGPIYRRVDGKWRRELILYDKEEIRRIWRQANNGDDATAGLTHMMIWHSNLNDATYQRTRALVRTGMD
PRMCSLMQGSTLPRRSGAAGAAVKGVGTMVMELIRMIKRGINDRNFWRGENGRRTRIAYERMCNILKGKFQTAAQRTMVD
QVRESRNPGNAEFEDLIFLARSALILRGSVAHKSCLPACVYGSAVASGYDFEREGYSLVGIDPFRLLQNSQVYSLIRPNE
NPAHKSQLVWMACHSAAFEDLRVSSFIRGTKVVPRGKLSTRGVQIASNENMETMESSTLELRSRYWAIRTRSGGNTNQQR
ASSGQISIQPTFSVQRNLPFDRPTIMAAFTGNTEGRTSDMRTEIIRLMESARPEDVSFQGRGVFELSDEKATSPIVPSFD
MSNEGSYFFGDNAEEYDN
;
_entity_poly.pdbx_strand_id   A,B,C
#
loop_
_chem_comp.id
_chem_comp.type
_chem_comp.name
_chem_comp.formula
B7O non-polymer ~{N}-[4-[(4-~{tert}-butylphenyl)carbonylamino]phenyl]-2,3-dihydro-1,4-benzodioxine-6-carboxamide 'C26 H26 N2 O4'
#
# COMPACT_ATOMS: atom_id res chain seq x y z
N ASN A 21 -24.66 36.40 4.65
CA ASN A 21 -24.88 35.73 6.01
C ASN A 21 -23.69 34.84 6.41
N ALA A 22 -23.00 34.22 5.44
CA ALA A 22 -21.71 33.58 5.69
C ALA A 22 -20.82 34.59 6.43
N THR A 23 -20.87 35.84 5.95
CA THR A 23 -20.02 36.91 6.42
C THR A 23 -20.55 37.46 7.77
N GLU A 24 -21.78 37.13 8.13
CA GLU A 24 -22.30 37.47 9.44
C GLU A 24 -21.54 36.64 10.49
N ILE A 25 -21.39 35.36 10.21
CA ILE A 25 -20.76 34.41 11.09
C ILE A 25 -19.27 34.81 11.21
N ARG A 26 -18.61 35.07 10.09
CA ARG A 26 -17.23 35.44 10.15
C ARG A 26 -17.08 36.63 11.10
N ALA A 27 -18.03 37.57 11.07
CA ALA A 27 -17.91 38.78 11.85
C ALA A 27 -18.05 38.45 13.35
N SER A 28 -18.96 37.53 13.66
CA SER A 28 -19.24 37.12 15.01
C SER A 28 -18.03 36.42 15.61
N VAL A 29 -17.47 35.44 14.90
CA VAL A 29 -16.35 34.73 15.44
C VAL A 29 -15.16 35.70 15.49
N GLY A 30 -15.07 36.61 14.49
CA GLY A 30 -14.07 37.68 14.48
C GLY A 30 -14.12 38.49 15.76
N LYS A 31 -15.33 38.84 16.21
CA LYS A 31 -15.54 39.64 17.40
C LYS A 31 -15.11 38.86 18.63
N MET A 32 -15.36 37.55 18.62
CA MET A 32 -14.97 36.71 19.73
C MET A 32 -13.43 36.66 19.87
N ILE A 33 -12.72 36.38 18.77
CA ILE A 33 -11.26 36.39 18.68
C ILE A 33 -10.71 37.76 19.14
N ASP A 34 -11.30 38.85 18.66
CA ASP A 34 -10.87 40.21 19.05
C ASP A 34 -10.86 40.32 20.59
N GLY A 35 -11.94 39.84 21.21
CA GLY A 35 -12.09 39.94 22.61
C GLY A 35 -11.02 39.15 23.34
N ILE A 36 -10.72 37.94 22.88
CA ILE A 36 -9.70 37.15 23.53
C ILE A 36 -8.34 37.86 23.45
N GLY A 37 -8.03 38.32 22.23
CA GLY A 37 -6.83 39.12 21.95
C GLY A 37 -6.70 40.32 22.89
N ARG A 38 -7.78 41.13 23.01
CA ARG A 38 -7.73 42.35 23.83
C ARG A 38 -7.49 41.95 25.29
N PHE A 39 -8.20 40.92 25.73
CA PHE A 39 -8.04 40.47 27.07
C PHE A 39 -6.58 40.08 27.30
N TYR A 40 -6.00 39.30 26.37
CA TYR A 40 -4.63 38.80 26.53
C TYR A 40 -3.66 39.99 26.62
N ILE A 41 -3.81 41.00 25.76
CA ILE A 41 -2.97 42.22 25.75
C ILE A 41 -3.04 42.89 27.13
N GLN A 42 -4.27 43.02 27.66
CA GLN A 42 -4.49 43.67 28.93
C GLN A 42 -3.86 42.87 30.08
N MET A 43 -3.83 41.53 29.99
CA MET A 43 -3.18 40.71 30.99
C MET A 43 -1.65 40.85 30.91
N CYS A 44 -1.12 40.89 29.69
CA CYS A 44 0.30 41.08 29.49
C CYS A 44 0.76 42.43 30.05
N THR A 45 -0.09 43.48 29.94
CA THR A 45 0.25 44.80 30.46
C THR A 45 0.25 44.83 32.00
N GLU A 46 -0.72 44.15 32.62
CA GLU A 46 -0.81 44.08 34.04
C GLU A 46 0.40 43.34 34.63
N LEU A 47 0.80 42.23 34.00
CA LEU A 47 1.95 41.42 34.43
C LEU A 47 3.29 42.00 33.92
N LYS A 48 3.23 43.08 33.14
CA LYS A 48 4.44 43.71 32.62
C LYS A 48 5.32 42.65 31.94
N LEU A 49 4.73 41.87 31.02
CA LEU A 49 5.46 40.88 30.28
C LEU A 49 6.06 41.54 29.05
N SER A 50 7.29 41.20 28.74
CA SER A 50 7.92 41.59 27.48
C SER A 50 7.15 40.95 26.30
N ASP A 51 7.39 41.41 25.08
CA ASP A 51 6.78 40.79 23.94
C ASP A 51 7.20 39.31 23.87
N TYR A 52 8.48 39.00 24.19
CA TYR A 52 8.93 37.62 24.09
C TYR A 52 8.10 36.77 25.07
N GLU A 53 7.94 37.26 26.32
CA GLU A 53 7.32 36.52 27.40
C GLU A 53 5.85 36.28 27.10
N GLY A 54 5.22 37.28 26.49
CA GLY A 54 3.83 37.22 26.09
C GLY A 54 3.58 36.12 25.07
N ARG A 55 4.60 35.80 24.27
CA ARG A 55 4.48 34.78 23.22
C ARG A 55 4.96 33.41 23.75
N LEU A 56 5.25 33.35 25.07
CA LEU A 56 5.59 32.07 25.70
C LEU A 56 4.27 31.30 25.94
N ILE A 57 4.19 30.10 25.36
CA ILE A 57 2.95 29.34 25.39
C ILE A 57 2.58 28.93 26.81
N GLN A 58 3.56 28.76 27.70
CA GLN A 58 3.29 28.46 29.08
C GLN A 58 2.59 29.65 29.76
N ASN A 59 2.94 30.87 29.34
CA ASN A 59 2.31 32.04 29.91
C ASN A 59 0.87 32.09 29.41
N SER A 60 0.69 31.72 28.15
CA SER A 60 -0.61 31.78 27.50
C SER A 60 -1.59 30.84 28.23
N LEU A 61 -1.13 29.63 28.53
CA LEU A 61 -1.89 28.64 29.29
C LEU A 61 -2.32 29.16 30.67
N THR A 62 -1.41 29.75 31.42
CA THR A 62 -1.76 30.24 32.73
C THR A 62 -2.85 31.31 32.60
N ILE A 63 -2.62 32.28 31.73
CA ILE A 63 -3.53 33.41 31.58
C ILE A 63 -4.90 32.86 31.19
N GLU A 64 -4.91 31.92 30.24
CA GLU A 64 -6.14 31.23 29.81
C GLU A 64 -6.85 30.57 31.01
N ARG A 65 -6.10 29.79 31.78
CA ARG A 65 -6.70 29.05 32.89
C ARG A 65 -7.25 30.02 33.93
N MET A 66 -6.59 31.16 34.11
CA MET A 66 -7.06 32.13 35.10
C MET A 66 -8.45 32.64 34.73
N VAL A 67 -8.65 33.00 33.46
CA VAL A 67 -9.92 33.61 33.07
C VAL A 67 -11.05 32.56 33.14
N LEU A 68 -10.76 31.31 32.77
CA LEU A 68 -11.79 30.29 32.79
C LEU A 68 -12.19 30.05 34.23
N SER A 69 -11.18 29.85 35.07
CA SER A 69 -11.27 29.65 36.49
C SER A 69 -12.11 30.75 37.16
N ALA A 70 -11.97 32.00 36.69
CA ALA A 70 -12.64 33.15 37.28
C ALA A 70 -14.16 33.07 37.01
N PHE A 71 -14.56 32.28 36.01
CA PHE A 71 -15.97 32.17 35.63
C PHE A 71 -16.52 30.79 36.04
N ASP A 72 -15.73 30.01 36.78
CA ASP A 72 -16.17 28.82 37.51
C ASP A 72 -16.18 29.11 39.02
N LYS A 90 -12.00 32.76 46.06
CA LYS A 90 -12.08 34.17 45.66
C LYS A 90 -10.84 34.64 44.87
N LYS A 91 -9.77 33.85 44.88
CA LYS A 91 -8.53 34.20 44.17
C LYS A 91 -8.27 33.12 43.11
N THR A 92 -7.47 33.50 42.10
CA THR A 92 -7.11 32.62 41.00
C THR A 92 -5.71 33.01 40.51
N GLY A 93 -4.99 32.03 39.95
CA GLY A 93 -3.70 32.30 39.40
C GLY A 93 -2.96 31.05 39.02
N GLY A 94 -1.66 31.22 38.77
CA GLY A 94 -0.79 30.11 38.51
C GLY A 94 0.59 30.58 38.08
N PRO A 95 1.39 29.71 37.44
CA PRO A 95 2.79 30.06 37.18
C PRO A 95 2.92 31.02 35.98
N ILE A 96 3.58 32.13 36.20
CA ILE A 96 3.99 33.04 35.12
C ILE A 96 5.51 32.93 35.00
N TYR A 97 6.04 32.96 33.77
CA TYR A 97 7.50 32.72 33.55
C TYR A 97 8.16 33.97 32.97
N ARG A 98 9.29 34.36 33.56
CA ARG A 98 9.99 35.56 33.13
C ARG A 98 11.44 35.26 32.77
N ARG A 99 11.95 36.00 31.79
CA ARG A 99 13.35 36.00 31.46
C ARG A 99 14.02 37.02 32.37
N VAL A 100 14.67 36.53 33.43
CA VAL A 100 15.36 37.35 34.45
C VAL A 100 16.83 36.89 34.58
N ASP A 101 17.76 37.83 34.38
CA ASP A 101 19.21 37.57 34.52
C ASP A 101 19.60 36.32 33.70
N GLY A 102 19.31 36.40 32.39
CA GLY A 102 19.68 35.37 31.42
C GLY A 102 19.00 34.03 31.65
N LYS A 103 17.97 33.97 32.48
CA LYS A 103 17.35 32.70 32.84
C LYS A 103 15.82 32.82 32.85
N TRP A 104 15.14 31.67 32.85
CA TRP A 104 13.70 31.59 33.02
C TRP A 104 13.41 31.37 34.48
N ARG A 105 12.70 32.32 35.07
CA ARG A 105 12.25 32.26 36.44
C ARG A 105 10.73 32.08 36.47
N ARG A 106 10.26 31.05 37.17
CA ARG A 106 8.83 30.79 37.45
C ARG A 106 8.37 31.49 38.74
N GLU A 107 7.46 32.46 38.64
CA GLU A 107 6.76 33.02 39.81
C GLU A 107 5.31 32.56 39.82
N LEU A 108 4.70 32.53 41.01
CA LEU A 108 3.29 32.14 41.19
C LEU A 108 2.46 33.38 41.53
N ILE A 109 1.50 33.74 40.67
CA ILE A 109 0.73 34.99 40.79
C ILE A 109 -0.73 34.71 41.22
N LEU A 110 -1.36 35.72 41.80
CA LEU A 110 -2.67 35.59 42.36
C LEU A 110 -3.51 36.83 42.03
N TYR A 111 -4.79 36.61 41.78
CA TYR A 111 -5.66 37.65 41.37
C TYR A 111 -7.05 37.35 41.89
N ASP A 112 -7.84 38.40 41.97
CA ASP A 112 -9.21 38.26 42.32
C ASP A 112 -9.94 37.78 41.08
N LYS A 113 -10.73 36.74 41.25
CA LYS A 113 -11.61 36.30 40.19
C LYS A 113 -12.39 37.52 39.66
N GLU A 114 -12.85 38.38 40.58
CA GLU A 114 -13.63 39.54 40.28
C GLU A 114 -12.83 40.48 39.38
N GLU A 115 -11.53 40.62 39.67
CA GLU A 115 -10.68 41.55 38.89
C GLU A 115 -10.51 40.99 37.47
N ILE A 116 -10.25 39.66 37.36
CA ILE A 116 -10.10 39.01 36.07
C ILE A 116 -11.43 39.07 35.27
N ARG A 117 -12.55 38.68 35.89
CA ARG A 117 -13.88 38.80 35.22
C ARG A 117 -14.04 40.23 34.63
N ARG A 118 -13.63 41.22 35.40
CA ARG A 118 -13.87 42.61 35.13
C ARG A 118 -13.03 43.00 33.92
N ILE A 119 -11.79 42.48 33.89
CA ILE A 119 -10.88 42.72 32.79
C ILE A 119 -11.37 42.01 31.54
N TRP A 120 -11.95 40.82 31.71
CA TRP A 120 -12.49 40.07 30.61
C TRP A 120 -13.66 40.83 29.95
N ARG A 121 -14.56 41.40 30.76
CA ARG A 121 -15.75 42.06 30.25
C ARG A 121 -15.32 43.34 29.54
N GLN A 122 -14.38 44.06 30.15
CA GLN A 122 -13.86 45.30 29.55
C GLN A 122 -13.26 44.99 28.18
N ALA A 123 -12.48 43.90 28.09
CA ALA A 123 -11.83 43.47 26.86
C ALA A 123 -12.86 43.12 25.79
N ASN A 124 -14.05 42.68 26.23
CA ASN A 124 -15.08 42.21 25.36
C ASN A 124 -16.24 43.21 25.30
N ASN A 125 -15.99 44.48 25.65
CA ASN A 125 -16.97 45.58 25.53
C ASN A 125 -18.22 45.29 26.35
N GLY A 126 -18.05 44.72 27.54
CA GLY A 126 -19.15 44.53 28.43
C GLY A 126 -20.04 43.35 28.10
N ASP A 127 -19.92 42.77 26.89
CA ASP A 127 -20.48 41.42 26.61
C ASP A 127 -19.91 40.42 27.64
N ASP A 128 -20.61 39.31 27.85
CA ASP A 128 -20.16 38.33 28.83
C ASP A 128 -19.19 37.36 28.14
N ALA A 129 -19.33 37.23 26.80
CA ALA A 129 -18.38 36.57 25.88
C ALA A 129 -18.21 35.08 26.21
N THR A 130 -19.33 34.37 26.35
CA THR A 130 -19.27 32.94 26.69
C THR A 130 -18.47 32.19 25.63
N ALA A 131 -18.68 32.57 24.38
CA ALA A 131 -18.13 31.92 23.26
C ALA A 131 -16.59 31.96 23.38
N GLY A 132 -16.05 33.14 23.68
CA GLY A 132 -14.59 33.32 23.85
C GLY A 132 -14.03 32.42 24.91
N LEU A 133 -14.78 32.28 26.02
CA LEU A 133 -14.41 31.33 27.12
C LEU A 133 -14.41 29.92 26.56
N THR A 134 -15.48 29.56 25.87
CA THR A 134 -15.59 28.22 25.30
C THR A 134 -14.41 27.93 24.36
N HIS A 135 -14.00 28.95 23.58
CA HIS A 135 -13.00 28.77 22.55
C HIS A 135 -11.67 28.34 23.17
N MET A 136 -11.36 28.93 24.32
CA MET A 136 -10.16 28.65 25.00
C MET A 136 -10.25 27.27 25.61
N MET A 137 -11.46 26.89 26.05
CA MET A 137 -11.68 25.60 26.62
C MET A 137 -11.36 24.53 25.58
N ILE A 138 -11.90 24.73 24.37
CA ILE A 138 -11.74 23.80 23.31
C ILE A 138 -10.26 23.70 22.90
N TRP A 139 -9.54 24.82 22.89
CA TRP A 139 -8.08 24.76 22.72
C TRP A 139 -7.45 23.85 23.77
N HIS A 140 -7.80 23.99 25.05
CA HIS A 140 -7.20 23.16 26.10
C HIS A 140 -7.48 21.69 25.83
N SER A 141 -8.70 21.41 25.37
CA SER A 141 -9.12 20.07 25.10
C SER A 141 -8.28 19.47 23.99
N ASN A 142 -8.12 20.22 22.88
CA ASN A 142 -7.35 19.83 21.75
C ASN A 142 -5.91 19.50 22.18
N LEU A 143 -5.34 20.35 23.08
CA LEU A 143 -4.01 20.13 23.59
C LEU A 143 -3.99 18.87 24.45
N ASN A 144 -4.98 18.69 25.32
CA ASN A 144 -5.07 17.47 26.12
C ASN A 144 -5.16 16.24 25.23
N ASP A 145 -5.98 16.30 24.17
CA ASP A 145 -6.18 15.14 23.33
C ASP A 145 -4.87 14.72 22.68
N ALA A 146 -3.99 15.68 22.38
CA ALA A 146 -2.72 15.50 21.67
C ALA A 146 -1.56 15.16 22.62
N THR A 147 -1.77 15.34 23.94
CA THR A 147 -0.72 15.15 24.93
C THR A 147 -0.88 13.78 25.61
N TYR A 148 -2.12 13.41 25.95
CA TYR A 148 -2.38 12.33 26.91
C TYR A 148 -3.38 11.35 26.32
N GLN A 149 -2.94 10.08 26.25
CA GLN A 149 -3.83 8.95 26.02
C GLN A 149 -4.66 8.84 27.29
N ARG A 150 -5.91 8.39 27.18
CA ARG A 150 -6.76 8.35 28.37
C ARG A 150 -7.11 6.87 28.66
N THR A 151 -6.06 6.08 28.79
CA THR A 151 -6.17 4.64 28.94
C THR A 151 -6.83 4.35 30.29
N ARG A 152 -6.32 5.00 31.34
CA ARG A 152 -6.84 4.88 32.68
C ARG A 152 -8.36 4.97 32.66
N ALA A 153 -8.87 6.12 32.20
CA ALA A 153 -10.31 6.46 32.26
C ALA A 153 -11.13 5.41 31.53
N LEU A 154 -10.62 4.96 30.39
CA LEU A 154 -11.32 4.04 29.55
C LEU A 154 -11.53 2.71 30.27
N VAL A 155 -10.47 2.14 30.86
CA VAL A 155 -10.62 0.78 31.50
C VAL A 155 -11.54 0.89 32.73
N ARG A 156 -11.47 2.00 33.48
CA ARG A 156 -12.28 2.18 34.67
C ARG A 156 -13.77 2.30 34.32
N THR A 157 -14.10 2.42 33.03
CA THR A 157 -15.48 2.60 32.56
C THR A 157 -15.96 1.31 31.87
N GLY A 158 -15.07 0.32 31.74
CA GLY A 158 -15.36 -0.91 31.00
C GLY A 158 -15.23 -0.68 29.49
N MET A 159 -14.48 0.35 29.09
CA MET A 159 -14.26 0.61 27.68
C MET A 159 -12.85 0.15 27.32
N ASP A 160 -12.66 -0.20 26.06
CA ASP A 160 -11.42 -0.71 25.54
C ASP A 160 -10.47 0.47 25.30
N PRO A 161 -9.21 0.37 25.81
CA PRO A 161 -8.23 1.48 25.70
C PRO A 161 -7.76 1.81 24.27
N ARG A 162 -8.17 0.97 23.31
CA ARG A 162 -7.89 1.15 21.89
C ARG A 162 -8.98 1.94 21.18
N MET A 163 -9.97 2.41 21.96
CA MET A 163 -11.02 3.26 21.49
C MET A 163 -10.60 4.74 21.61
N CYS A 164 -9.29 5.03 21.75
CA CYS A 164 -8.87 6.37 22.06
C CYS A 164 -9.06 7.32 20.87
N SER A 165 -9.25 6.82 19.64
CA SER A 165 -9.52 7.74 18.49
C SER A 165 -10.92 8.34 18.60
N LEU A 166 -11.75 7.75 19.49
CA LEU A 166 -13.11 8.13 19.65
C LEU A 166 -13.29 9.14 20.79
N MET A 167 -12.17 9.49 21.47
CA MET A 167 -12.23 10.23 22.79
C MET A 167 -12.00 11.73 22.70
N GLN A 168 -12.17 12.35 21.52
CA GLN A 168 -12.01 13.79 21.38
C GLN A 168 -12.90 14.43 22.44
N GLY A 169 -12.33 15.40 23.16
CA GLY A 169 -13.13 16.29 24.00
C GLY A 169 -13.51 15.63 25.30
N SER A 170 -12.91 14.48 25.58
CA SER A 170 -13.19 13.71 26.81
C SER A 170 -12.78 14.50 28.06
N THR A 171 -12.16 15.65 27.86
CA THR A 171 -11.47 16.41 28.91
C THR A 171 -12.23 17.70 29.21
N LEU A 172 -13.14 18.07 28.31
CA LEU A 172 -14.04 19.17 28.46
C LEU A 172 -14.91 18.89 29.67
N PRO A 173 -15.35 19.90 30.42
CA PRO A 173 -16.49 19.77 31.33
C PRO A 173 -17.75 19.21 30.67
N ARG A 174 -18.50 18.42 31.45
CA ARG A 174 -19.61 17.57 30.98
C ARG A 174 -20.77 18.40 30.42
N ARG A 175 -21.04 19.58 31.01
CA ARG A 175 -21.90 20.58 30.37
C ARG A 175 -21.00 21.73 29.91
N SER A 176 -20.95 21.93 28.59
CA SER A 176 -20.18 22.95 27.88
C SER A 176 -21.07 23.56 26.79
N GLY A 177 -20.51 24.21 25.79
CA GLY A 177 -21.40 24.83 24.81
C GLY A 177 -22.26 23.82 24.07
N ALA A 178 -23.02 24.33 23.10
CA ALA A 178 -23.33 23.57 21.92
C ALA A 178 -22.01 23.28 21.19
N ALA A 179 -21.08 24.24 21.31
CA ALA A 179 -19.75 24.10 20.73
C ALA A 179 -19.04 22.94 21.43
N GLY A 180 -19.20 22.88 22.77
CA GLY A 180 -18.70 21.78 23.58
C GLY A 180 -19.09 20.44 22.97
N ALA A 181 -20.40 20.27 22.76
CA ALA A 181 -20.92 19.00 22.35
C ALA A 181 -20.61 18.68 20.88
N ALA A 182 -20.44 19.68 20.01
CA ALA A 182 -20.13 19.38 18.63
C ALA A 182 -18.78 18.66 18.57
N VAL A 183 -17.88 19.02 19.48
CA VAL A 183 -16.46 18.77 19.37
C VAL A 183 -16.12 17.46 20.07
N LYS A 184 -17.07 16.97 20.89
CA LYS A 184 -16.92 15.74 21.64
C LYS A 184 -17.10 14.52 20.74
N GLY A 185 -16.24 13.52 20.99
CA GLY A 185 -16.21 12.29 20.21
C GLY A 185 -17.35 11.34 20.55
N VAL A 186 -17.60 10.39 19.65
CA VAL A 186 -18.53 9.30 19.94
C VAL A 186 -18.14 8.65 21.27
N GLY A 187 -16.85 8.34 21.43
CA GLY A 187 -16.36 7.71 22.66
C GLY A 187 -16.59 8.54 23.91
N THR A 188 -16.40 9.85 23.81
CA THR A 188 -16.61 10.75 24.92
C THR A 188 -18.07 10.63 25.38
N MET A 189 -18.97 10.60 24.40
CA MET A 189 -20.43 10.61 24.64
C MET A 189 -20.91 9.29 25.23
N VAL A 190 -20.31 8.18 24.77
CA VAL A 190 -20.56 6.84 25.30
C VAL A 190 -20.05 6.78 26.72
N MET A 191 -18.88 7.37 26.95
CA MET A 191 -18.27 7.33 28.27
C MET A 191 -19.16 8.07 29.28
N GLU A 192 -19.71 9.22 28.87
CA GLU A 192 -20.57 10.04 29.73
C GLU A 192 -21.86 9.26 30.04
N LEU A 193 -22.49 8.66 29.02
CA LEU A 193 -23.70 7.88 29.26
C LEU A 193 -23.42 6.62 30.11
N ILE A 194 -22.31 5.90 29.91
CA ILE A 194 -21.93 4.75 30.77
C ILE A 194 -21.81 5.21 32.23
N ARG A 195 -21.12 6.34 32.46
CA ARG A 195 -20.94 6.88 33.80
C ARG A 195 -22.32 7.05 34.46
N MET A 196 -23.29 7.59 33.72
CA MET A 196 -24.63 7.85 34.23
C MET A 196 -25.45 6.56 34.44
N ILE A 197 -25.27 5.56 33.58
CA ILE A 197 -25.97 4.30 33.74
C ILE A 197 -25.50 3.64 35.06
N LYS A 198 -24.20 3.71 35.32
CA LYS A 198 -23.61 3.09 36.51
C LYS A 198 -24.12 3.79 37.79
N ARG A 199 -24.16 5.13 37.80
CA ARG A 199 -24.67 5.91 38.93
C ARG A 199 -26.10 5.48 39.28
N GLY A 200 -26.88 5.16 38.25
CA GLY A 200 -28.26 4.73 38.38
C GLY A 200 -28.40 3.29 38.87
N ILE A 201 -27.44 2.42 38.53
CA ILE A 201 -27.41 1.05 39.06
C ILE A 201 -27.07 1.10 40.55
N ASN A 202 -25.87 1.64 40.87
CA ASN A 202 -25.34 1.65 42.21
C ASN A 202 -26.36 2.33 43.12
N ASP A 203 -26.58 3.63 42.89
CA ASP A 203 -27.46 4.48 43.73
C ASP A 203 -28.86 4.50 43.08
N ARG A 204 -29.77 3.65 43.57
CA ARG A 204 -31.12 3.47 42.96
C ARG A 204 -32.05 4.65 43.31
N ASN A 205 -31.47 5.82 43.68
CA ASN A 205 -32.19 7.07 43.94
C ASN A 205 -31.77 8.19 42.96
N PHE A 206 -30.95 7.82 41.98
CA PHE A 206 -30.43 8.72 40.97
C PHE A 206 -31.54 9.06 39.96
N TRP A 207 -32.35 8.05 39.59
CA TRP A 207 -33.37 8.19 38.55
C TRP A 207 -34.71 8.63 39.14
N ARG A 208 -34.75 8.83 40.48
CA ARG A 208 -36.02 9.00 41.18
C ARG A 208 -36.01 10.35 41.93
N GLY A 209 -37.19 10.98 41.95
CA GLY A 209 -37.43 12.25 42.61
C GLY A 209 -37.44 13.44 41.66
N GLU A 210 -37.26 14.62 42.24
CA GLU A 210 -37.21 15.88 41.52
C GLU A 210 -35.85 15.96 40.82
N ASN A 211 -34.85 15.41 41.52
CA ASN A 211 -33.49 15.22 41.04
C ASN A 211 -33.49 14.28 39.84
N GLY A 212 -34.35 13.27 39.89
CA GLY A 212 -34.41 12.20 38.89
C GLY A 212 -35.16 12.61 37.63
N ARG A 213 -35.93 13.69 37.68
CA ARG A 213 -36.61 14.20 36.49
C ARG A 213 -35.56 14.90 35.63
N ARG A 214 -34.64 15.60 36.29
CA ARG A 214 -33.65 16.43 35.62
C ARG A 214 -32.46 15.57 35.16
N THR A 215 -32.10 14.53 35.91
CA THR A 215 -31.02 13.62 35.45
C THR A 215 -31.53 12.80 34.24
N ARG A 216 -32.82 12.44 34.24
CA ARG A 216 -33.39 11.68 33.13
C ARG A 216 -33.30 12.53 31.85
N ILE A 217 -33.65 13.82 31.92
CA ILE A 217 -33.69 14.64 30.71
C ILE A 217 -32.25 14.83 30.20
N ALA A 218 -31.30 14.92 31.12
CA ALA A 218 -29.94 15.01 30.76
C ALA A 218 -29.53 13.73 29.99
N TYR A 219 -29.90 12.53 30.48
CA TYR A 219 -29.56 11.25 29.80
C TYR A 219 -30.14 11.21 28.38
N GLU A 220 -31.39 11.65 28.24
CA GLU A 220 -32.03 11.64 26.94
C GLU A 220 -31.30 12.61 26.02
N ARG A 221 -30.98 13.80 26.54
CA ARG A 221 -30.34 14.86 25.79
C ARG A 221 -29.02 14.32 25.25
N MET A 222 -28.27 13.65 26.11
CA MET A 222 -27.00 13.09 25.71
C MET A 222 -27.19 11.96 24.68
N CYS A 223 -28.25 11.17 24.80
CA CYS A 223 -28.49 10.13 23.83
C CYS A 223 -28.77 10.75 22.46
N ASN A 224 -29.43 11.91 22.44
CA ASN A 224 -29.78 12.57 21.19
C ASN A 224 -28.50 13.11 20.56
N ILE A 225 -27.65 13.74 21.37
CA ILE A 225 -26.37 14.29 20.89
C ILE A 225 -25.57 13.17 20.21
N LEU A 226 -25.43 12.03 20.89
CA LEU A 226 -24.75 10.85 20.34
C LEU A 226 -25.41 10.41 19.04
N LYS A 227 -26.75 10.36 19.07
CA LYS A 227 -27.54 9.90 17.94
C LYS A 227 -27.24 10.76 16.72
N GLY A 228 -27.18 12.07 16.95
CA GLY A 228 -26.95 13.06 15.91
C GLY A 228 -25.56 12.99 15.31
N LYS A 229 -24.60 12.34 15.99
CA LYS A 229 -23.28 12.17 15.44
C LYS A 229 -23.23 10.95 14.54
N PHE A 230 -24.16 10.00 14.67
CA PHE A 230 -24.10 8.78 13.87
C PHE A 230 -24.68 9.00 12.47
N GLN A 231 -24.06 8.38 11.47
CA GLN A 231 -24.41 8.63 10.08
C GLN A 231 -25.03 7.37 9.43
N THR A 232 -25.54 6.44 10.21
CA THR A 232 -26.32 5.34 9.64
C THR A 232 -27.64 5.20 10.41
N ALA A 233 -28.68 4.75 9.70
CA ALA A 233 -29.97 4.54 10.33
C ALA A 233 -29.85 3.52 11.46
N ALA A 234 -29.04 2.47 11.28
CA ALA A 234 -28.96 1.41 12.26
C ALA A 234 -28.38 1.91 13.59
N GLN A 235 -27.23 2.57 13.54
CA GLN A 235 -26.60 3.14 14.72
C GLN A 235 -27.58 4.09 15.42
N ARG A 236 -28.26 4.95 14.66
CA ARG A 236 -29.24 5.89 15.21
C ARG A 236 -30.36 5.12 15.92
N THR A 237 -30.88 4.06 15.31
CA THR A 237 -31.95 3.29 15.87
C THR A 237 -31.47 2.73 17.22
N MET A 238 -30.25 2.19 17.27
CA MET A 238 -29.76 1.57 18.53
C MET A 238 -29.67 2.61 19.67
N VAL A 239 -29.38 3.86 19.33
CA VAL A 239 -29.31 4.91 20.32
C VAL A 239 -30.73 5.23 20.82
N ASP A 240 -31.73 5.23 19.92
CA ASP A 240 -33.19 5.35 20.28
C ASP A 240 -33.61 4.26 21.28
N GLN A 241 -33.29 2.99 21.00
CA GLN A 241 -33.50 1.88 21.92
C GLN A 241 -32.85 2.17 23.28
N VAL A 242 -31.63 2.71 23.32
CA VAL A 242 -30.94 2.95 24.61
C VAL A 242 -31.61 4.11 25.38
N ARG A 243 -31.99 5.17 24.68
CA ARG A 243 -32.65 6.32 25.27
C ARG A 243 -33.99 5.87 25.90
N GLU A 244 -34.75 5.11 25.10
CA GLU A 244 -36.13 4.73 25.40
C GLU A 244 -36.15 3.70 26.55
N SER A 245 -34.99 3.14 26.90
CA SER A 245 -34.92 2.29 28.06
C SER A 245 -35.40 3.07 29.28
N ARG A 246 -36.40 2.46 29.92
CA ARG A 246 -37.04 2.92 31.14
C ARG A 246 -36.02 2.92 32.29
N ASN A 247 -35.41 1.75 32.48
CA ASN A 247 -34.61 1.45 33.61
C ASN A 247 -33.24 1.02 33.10
N PRO A 248 -32.36 1.97 32.74
CA PRO A 248 -31.12 1.68 32.02
C PRO A 248 -30.09 0.94 32.88
N GLY A 249 -29.73 -0.28 32.48
CA GLY A 249 -28.73 -1.03 33.22
C GLY A 249 -27.69 -1.68 32.31
N ASN A 250 -27.37 -2.94 32.64
CA ASN A 250 -26.27 -3.72 32.06
C ASN A 250 -26.50 -3.93 30.55
N ALA A 251 -27.74 -4.09 30.08
CA ALA A 251 -28.01 -4.32 28.63
C ALA A 251 -27.64 -3.08 27.82
N GLU A 252 -27.93 -1.89 28.36
CA GLU A 252 -27.72 -0.65 27.65
C GLU A 252 -26.22 -0.39 27.59
N PHE A 253 -25.54 -0.72 28.69
CA PHE A 253 -24.09 -0.63 28.78
C PHE A 253 -23.50 -1.40 27.59
N GLU A 254 -23.98 -2.63 27.41
CA GLU A 254 -23.47 -3.50 26.38
C GLU A 254 -23.79 -2.91 24.99
N ASP A 255 -24.96 -2.30 24.84
CA ASP A 255 -25.37 -1.65 23.57
C ASP A 255 -24.39 -0.51 23.23
N LEU A 256 -24.11 0.33 24.24
CA LEU A 256 -23.23 1.50 24.10
C LEU A 256 -21.78 1.09 23.79
N ILE A 257 -21.24 0.05 24.41
CA ILE A 257 -19.87 -0.35 24.07
C ILE A 257 -19.88 -0.86 22.63
N PHE A 258 -20.90 -1.61 22.25
CA PHE A 258 -21.01 -2.12 20.89
C PHE A 258 -21.00 -0.91 19.93
N LEU A 259 -21.75 0.14 20.26
CA LEU A 259 -21.87 1.30 19.39
C LEU A 259 -20.51 1.94 19.22
N ALA A 260 -19.80 2.12 20.36
CA ALA A 260 -18.47 2.74 20.36
C ALA A 260 -17.55 1.93 19.44
N ARG A 261 -17.54 0.62 19.58
CA ARG A 261 -16.75 -0.25 18.77
C ARG A 261 -17.15 -0.05 17.31
N SER A 262 -18.44 0.13 17.02
CA SER A 262 -18.87 0.31 15.63
C SER A 262 -18.30 1.62 15.04
N ALA A 263 -18.17 2.65 15.87
CA ALA A 263 -17.75 3.97 15.46
C ALA A 263 -16.27 4.01 15.09
N LEU A 264 -15.56 2.89 15.29
CA LEU A 264 -14.22 2.75 14.82
C LEU A 264 -14.20 2.55 13.30
N ILE A 265 -15.34 2.15 12.69
CA ILE A 265 -15.45 1.88 11.24
C ILE A 265 -16.53 2.74 10.59
N LEU A 266 -17.76 2.66 11.09
CA LEU A 266 -18.85 3.60 10.76
C LEU A 266 -18.77 4.84 11.66
N ARG A 267 -17.83 5.72 11.32
CA ARG A 267 -17.36 6.78 12.16
C ARG A 267 -18.46 7.84 12.34
N GLY A 268 -18.46 8.53 13.47
CA GLY A 268 -19.44 9.58 13.72
C GLY A 268 -18.98 10.93 13.20
N SER A 269 -19.92 11.88 13.17
CA SER A 269 -19.64 13.29 12.90
C SER A 269 -19.11 13.95 14.14
N VAL A 270 -17.89 14.45 14.08
CA VAL A 270 -17.29 15.17 15.19
C VAL A 270 -16.67 16.48 14.65
N ALA A 271 -17.03 17.61 15.25
CA ALA A 271 -16.60 18.93 14.78
C ALA A 271 -15.10 19.06 15.08
N HIS A 272 -14.35 19.67 14.16
CA HIS A 272 -12.98 20.03 14.33
C HIS A 272 -12.83 21.54 14.09
N LYS A 273 -12.24 22.18 15.09
CA LYS A 273 -12.12 23.58 15.22
C LYS A 273 -10.65 23.91 15.58
N SER A 274 -9.98 24.66 14.69
CA SER A 274 -8.67 25.18 15.00
C SER A 274 -8.81 26.35 15.99
N CYS A 275 -8.41 26.10 17.24
CA CYS A 275 -8.43 27.07 18.31
C CYS A 275 -7.05 27.22 18.88
N LEU A 276 -6.51 28.44 18.77
CA LEU A 276 -5.13 28.75 19.04
C LEU A 276 -4.99 29.35 20.45
N PRO A 277 -3.79 29.26 21.06
CA PRO A 277 -3.53 29.86 22.35
C PRO A 277 -3.83 31.36 22.30
N ALA A 278 -4.17 31.94 23.44
CA ALA A 278 -4.65 33.25 23.45
C ALA A 278 -3.57 34.18 22.90
N CYS A 279 -2.29 33.84 23.14
CA CYS A 279 -1.21 34.80 22.87
C CYS A 279 -1.16 35.08 21.38
N VAL A 280 -1.57 34.08 20.61
CA VAL A 280 -1.54 34.24 19.17
C VAL A 280 -2.55 35.30 18.74
N TYR A 281 -3.77 35.22 19.25
CA TYR A 281 -4.78 36.22 19.01
C TYR A 281 -4.31 37.59 19.55
N GLY A 282 -3.74 37.59 20.76
CA GLY A 282 -3.28 38.79 21.39
C GLY A 282 -2.20 39.51 20.57
N SER A 283 -1.21 38.73 20.16
CA SER A 283 -0.20 39.16 19.26
C SER A 283 -0.83 39.83 18.04
N ALA A 284 -1.77 39.15 17.37
CA ALA A 284 -2.35 39.70 16.16
C ALA A 284 -3.08 41.01 16.47
N VAL A 285 -3.80 41.07 17.57
CA VAL A 285 -4.57 42.25 17.90
C VAL A 285 -3.62 43.42 18.19
N ALA A 286 -2.51 43.14 18.86
CA ALA A 286 -1.51 44.17 19.13
C ALA A 286 -0.88 44.69 17.83
N SER A 287 -0.92 43.94 16.73
CA SER A 287 -0.42 44.40 15.42
C SER A 287 -1.41 45.29 14.68
N GLY A 288 -2.56 45.57 15.30
CA GLY A 288 -3.61 46.35 14.67
C GLY A 288 -4.48 45.52 13.75
N TYR A 289 -4.49 44.19 13.90
CA TYR A 289 -5.37 43.34 13.11
C TYR A 289 -6.80 43.51 13.59
N ASP A 290 -7.71 43.62 12.64
CA ASP A 290 -9.07 43.90 12.94
C ASP A 290 -9.94 42.67 12.60
N PHE A 291 -10.11 41.79 13.58
CA PHE A 291 -10.76 40.47 13.37
C PHE A 291 -12.23 40.66 13.01
N GLU A 292 -12.86 41.68 13.60
CA GLU A 292 -14.26 41.90 13.33
C GLU A 292 -14.47 42.40 11.90
N ARG A 293 -13.72 43.39 11.43
CA ARG A 293 -13.88 43.87 10.05
C ARG A 293 -13.44 42.78 9.07
N GLU A 294 -12.31 42.15 9.34
CA GLU A 294 -11.74 41.16 8.45
C GLU A 294 -12.55 39.87 8.50
N GLY A 295 -13.17 39.55 9.64
CA GLY A 295 -13.87 38.28 9.86
C GLY A 295 -12.89 37.18 10.20
N TYR A 296 -13.41 36.04 10.67
CA TYR A 296 -12.53 34.89 10.97
C TYR A 296 -13.39 33.63 10.92
N SER A 297 -12.74 32.49 10.69
CA SER A 297 -13.32 31.14 10.57
C SER A 297 -12.43 30.13 11.29
N LEU A 298 -13.01 29.26 12.09
CA LEU A 298 -12.26 28.25 12.83
C LEU A 298 -11.99 27.01 11.95
N VAL A 299 -12.63 26.97 10.78
CA VAL A 299 -12.63 25.79 9.93
C VAL A 299 -12.09 26.07 8.52
N GLY A 300 -12.04 27.33 8.07
CA GLY A 300 -11.39 27.68 6.78
C GLY A 300 -9.90 27.98 6.91
N ILE A 301 -9.41 28.97 6.15
CA ILE A 301 -7.99 29.28 6.02
C ILE A 301 -7.51 30.06 7.25
N ASP A 302 -8.39 30.72 7.96
CA ASP A 302 -7.91 31.86 8.80
C ASP A 302 -6.90 31.40 9.85
N PRO A 303 -7.11 30.29 10.60
CA PRO A 303 -6.12 29.88 11.60
C PRO A 303 -4.78 29.53 10.96
N PHE A 304 -4.81 28.96 9.74
CA PHE A 304 -3.57 28.61 9.04
C PHE A 304 -2.81 29.86 8.59
N ARG A 305 -3.56 30.87 8.13
CA ARG A 305 -2.98 32.15 7.77
C ARG A 305 -2.39 32.82 9.00
N LEU A 306 -3.12 32.76 10.12
CA LEU A 306 -2.69 33.42 11.35
C LEU A 306 -1.41 32.75 11.89
N LEU A 307 -1.36 31.41 11.77
CA LEU A 307 -0.21 30.65 12.21
C LEU A 307 0.96 30.80 11.23
N GLN A 308 0.73 31.14 9.97
CA GLN A 308 1.90 31.27 9.10
C GLN A 308 2.84 32.37 9.58
N ASN A 309 2.29 33.40 10.23
CA ASN A 309 2.98 34.65 10.45
C ASN A 309 3.08 34.97 11.95
N SER A 310 2.69 34.02 12.80
CA SER A 310 2.77 34.29 14.19
C SER A 310 4.01 33.58 14.72
N GLN A 311 4.31 33.87 15.98
CA GLN A 311 5.55 33.48 16.59
C GLN A 311 5.24 33.14 18.04
N VAL A 312 5.31 31.85 18.38
CA VAL A 312 5.11 31.37 19.72
C VAL A 312 6.37 30.67 20.23
N TYR A 313 6.66 30.83 21.52
CA TYR A 313 7.82 30.14 22.11
C TYR A 313 7.32 29.13 23.14
N SER A 314 8.20 28.20 23.49
CA SER A 314 7.95 27.24 24.52
C SER A 314 9.20 27.01 25.35
N LEU A 315 9.02 26.96 26.68
CA LEU A 315 9.92 26.27 27.55
C LEU A 315 10.10 24.81 27.08
N ILE A 316 11.31 24.30 27.30
CA ILE A 316 11.68 22.98 26.78
C ILE A 316 12.71 22.33 27.73
N ARG A 317 12.39 21.10 28.11
CA ARG A 317 13.15 20.35 29.09
C ARG A 317 14.42 19.81 28.45
N PRO A 318 15.46 19.53 29.29
CA PRO A 318 16.72 18.95 28.85
C PRO A 318 16.60 17.84 27.81
N ASN A 319 15.66 16.93 27.96
CA ASN A 319 15.80 15.80 27.05
C ASN A 319 15.00 15.99 25.76
N GLU A 320 14.48 17.21 25.51
CA GLU A 320 13.36 17.37 24.59
C GLU A 320 13.84 17.98 23.29
N ASN A 321 13.33 17.45 22.20
CA ASN A 321 13.55 17.90 20.86
C ASN A 321 12.53 18.99 20.53
N PRO A 322 12.98 20.25 20.28
CA PRO A 322 12.06 21.35 19.93
C PRO A 322 11.11 21.09 18.76
N ALA A 323 11.57 20.38 17.73
CA ALA A 323 10.72 20.05 16.59
C ALA A 323 9.53 19.17 17.03
N HIS A 324 9.77 18.30 18.02
CA HIS A 324 8.77 17.40 18.57
C HIS A 324 7.76 18.18 19.43
N LYS A 325 8.25 19.10 20.26
CA LYS A 325 7.36 20.01 20.99
C LYS A 325 6.46 20.76 19.99
N SER A 326 7.11 21.23 18.92
CA SER A 326 6.46 21.94 17.86
C SER A 326 5.31 21.13 17.24
N GLN A 327 5.57 19.86 16.88
CA GLN A 327 4.59 18.95 16.31
C GLN A 327 3.42 18.81 17.26
N LEU A 328 3.68 18.81 18.57
CA LEU A 328 2.63 18.58 19.54
C LEU A 328 1.62 19.73 19.48
N VAL A 329 2.16 20.93 19.61
CA VAL A 329 1.33 22.12 19.59
C VAL A 329 0.62 22.25 18.22
N TRP A 330 1.31 21.98 17.14
CA TRP A 330 0.67 22.04 15.84
C TRP A 330 -0.57 21.13 15.82
N MET A 331 -0.40 19.86 16.22
CA MET A 331 -1.50 18.96 16.21
C MET A 331 -2.67 19.53 17.03
N ALA A 332 -2.37 20.03 18.24
CA ALA A 332 -3.38 20.64 19.14
C ALA A 332 -4.10 21.80 18.45
N CYS A 333 -3.32 22.72 17.84
CA CYS A 333 -3.84 23.90 17.21
C CYS A 333 -4.85 23.53 16.13
N HIS A 334 -4.65 22.42 15.45
CA HIS A 334 -5.57 22.05 14.37
C HIS A 334 -6.48 20.87 14.74
N SER A 335 -6.51 20.47 16.01
CA SER A 335 -7.37 19.41 16.43
C SER A 335 -7.08 18.11 15.65
N ALA A 336 -5.80 17.72 15.57
CA ALA A 336 -5.34 16.64 14.68
C ALA A 336 -4.73 15.41 15.41
N ALA A 337 -4.87 15.36 16.74
CA ALA A 337 -4.41 14.19 17.52
C ALA A 337 -4.81 12.91 16.82
N PHE A 338 -6.07 12.77 16.39
CA PHE A 338 -6.54 11.44 15.93
C PHE A 338 -6.66 11.33 14.41
N GLU A 339 -6.03 12.25 13.67
CA GLU A 339 -5.95 12.20 12.22
C GLU A 339 -4.77 11.31 11.77
N ASP A 340 -4.92 10.78 10.58
CA ASP A 340 -3.93 10.03 9.88
C ASP A 340 -2.62 10.85 9.80
N LEU A 341 -1.54 10.27 10.33
CA LEU A 341 -0.27 10.94 10.35
C LEU A 341 0.17 11.28 8.92
N ARG A 342 -0.25 10.47 7.96
CA ARG A 342 0.13 10.71 6.59
C ARG A 342 -0.47 12.02 6.10
N VAL A 343 -1.75 12.25 6.44
CA VAL A 343 -2.45 13.49 6.08
C VAL A 343 -1.80 14.66 6.81
N SER A 344 -1.53 14.51 8.11
CA SER A 344 -0.92 15.56 8.88
C SER A 344 0.47 15.92 8.31
N SER A 345 1.25 14.90 7.92
CA SER A 345 2.60 15.14 7.28
C SER A 345 2.47 15.93 5.98
N PHE A 346 1.53 15.53 5.14
CA PHE A 346 1.37 16.12 3.85
C PHE A 346 1.06 17.60 4.00
N ILE A 347 0.10 17.94 4.85
CA ILE A 347 -0.32 19.33 5.04
C ILE A 347 0.87 20.13 5.59
N ARG A 348 1.56 19.53 6.56
CA ARG A 348 2.53 20.24 7.38
C ARG A 348 3.81 20.49 6.58
N GLY A 349 4.20 19.49 5.77
CA GLY A 349 5.38 19.55 4.93
C GLY A 349 6.58 18.93 5.60
N THR A 350 6.47 18.64 6.90
CA THR A 350 7.45 17.87 7.69
C THR A 350 6.78 16.57 8.16
N LYS A 351 7.60 15.56 8.47
CA LYS A 351 7.09 14.29 8.97
C LYS A 351 6.38 14.54 10.32
N VAL A 352 5.11 14.09 10.43
CA VAL A 352 4.42 14.10 11.69
C VAL A 352 4.47 12.67 12.24
N VAL A 353 5.19 12.53 13.34
CA VAL A 353 5.75 11.28 13.85
C VAL A 353 4.87 10.72 14.97
N PRO A 354 4.78 9.39 15.20
CA PRO A 354 3.92 8.86 16.27
C PRO A 354 4.30 9.29 17.69
N ARG A 355 3.31 9.31 18.60
CA ARG A 355 3.52 9.77 19.99
C ARG A 355 4.69 8.99 20.62
N GLY A 356 4.81 7.70 20.31
CA GLY A 356 5.84 6.88 20.89
C GLY A 356 7.23 7.22 20.41
N LYS A 357 7.37 7.97 19.32
CA LYS A 357 8.67 8.32 18.80
C LYS A 357 9.00 9.80 19.08
N LEU A 358 8.28 10.42 20.00
CA LEU A 358 8.24 11.86 20.16
C LEU A 358 8.92 12.26 21.48
N SER A 359 10.11 12.84 21.38
CA SER A 359 10.94 13.30 22.49
C SER A 359 10.39 14.62 23.06
N THR A 360 9.22 14.53 23.73
CA THR A 360 8.68 15.63 24.55
C THR A 360 7.56 15.10 25.43
N ARG A 361 7.36 15.78 26.57
CA ARG A 361 6.54 15.31 27.69
C ARG A 361 5.36 16.24 27.95
N GLY A 362 5.18 17.30 27.16
CA GLY A 362 3.95 18.08 27.42
C GLY A 362 4.18 19.51 27.89
N VAL A 363 3.21 20.38 27.67
CA VAL A 363 3.53 21.76 27.48
C VAL A 363 3.52 22.48 28.82
N GLN A 364 2.56 22.18 29.70
CA GLN A 364 2.59 22.76 31.04
C GLN A 364 3.85 22.22 31.73
N ILE A 365 4.40 23.00 32.67
CA ILE A 365 5.49 22.62 33.49
C ILE A 365 5.00 22.50 34.94
N ALA A 366 5.26 21.36 35.57
CA ALA A 366 4.91 21.09 36.95
C ALA A 366 5.75 21.96 37.90
N SER A 367 5.18 22.18 39.10
CA SER A 367 5.66 23.10 40.13
C SER A 367 6.92 22.56 40.79
N ASN A 368 7.15 21.26 40.66
CA ASN A 368 8.33 20.61 41.21
C ASN A 368 9.40 20.43 40.13
N GLU A 369 9.23 21.08 38.99
CA GLU A 369 10.19 20.92 37.89
C GLU A 369 11.26 21.99 38.10
N ASN A 370 12.47 21.70 37.63
CA ASN A 370 13.63 22.51 37.89
C ASN A 370 13.73 23.64 36.82
N MET A 371 13.61 24.90 37.27
CA MET A 371 13.63 25.98 36.32
C MET A 371 15.07 26.25 35.83
N GLU A 372 16.06 25.76 36.56
CA GLU A 372 17.48 26.04 36.25
C GLU A 372 17.88 25.34 34.93
N THR A 373 17.29 24.16 34.65
CA THR A 373 17.66 23.33 33.47
C THR A 373 16.79 23.64 32.25
N MET A 374 15.92 24.63 32.39
CA MET A 374 14.92 24.96 31.42
C MET A 374 15.49 25.93 30.36
N GLU A 375 15.50 25.51 29.09
CA GLU A 375 15.77 26.39 27.93
C GLU A 375 14.43 26.73 27.20
N SER A 376 14.51 27.55 26.14
CA SER A 376 13.32 27.90 25.43
C SER A 376 13.60 27.94 23.94
N SER A 377 12.58 27.66 23.11
CA SER A 377 12.76 27.66 21.64
C SER A 377 11.53 28.20 20.96
N THR A 378 11.73 28.58 19.70
CA THR A 378 10.70 28.86 18.80
C THR A 378 9.95 27.56 18.53
N LEU A 379 8.64 27.57 18.75
CA LEU A 379 7.76 26.59 18.15
C LEU A 379 7.62 26.87 16.65
N GLU A 380 7.83 25.85 15.83
CA GLU A 380 7.65 25.91 14.37
C GLU A 380 6.19 25.52 14.04
N LEU A 381 5.33 26.52 13.83
CA LEU A 381 3.88 26.17 13.76
C LEU A 381 3.27 26.38 12.36
N ARG A 382 4.14 26.51 11.35
CA ARG A 382 3.70 26.80 10.04
C ARG A 382 3.39 25.48 9.34
N SER A 383 2.89 25.58 8.10
CA SER A 383 2.66 24.43 7.36
C SER A 383 2.68 24.72 5.86
N ARG A 384 2.90 23.66 5.08
CA ARG A 384 3.12 23.74 3.63
C ARG A 384 1.79 24.05 2.95
N TYR A 385 0.71 23.44 3.41
CA TYR A 385 -0.61 23.68 2.88
C TYR A 385 -1.62 23.89 4.00
N TRP A 386 -2.85 24.21 3.58
CA TRP A 386 -3.96 24.16 4.48
C TRP A 386 -5.06 23.22 3.94
N ALA A 387 -5.95 22.79 4.82
CA ALA A 387 -7.10 22.04 4.46
C ALA A 387 -8.26 22.54 5.29
N ILE A 388 -9.47 22.50 4.73
CA ILE A 388 -10.70 22.79 5.48
C ILE A 388 -10.84 21.75 6.59
N ARG A 389 -11.24 22.18 7.80
CA ARG A 389 -11.65 21.25 8.88
C ARG A 389 -13.10 20.73 8.70
N THR A 390 -13.31 19.42 8.92
CA THR A 390 -14.61 18.73 8.68
C THR A 390 -15.23 18.29 10.02
N ARG A 391 -16.58 18.24 10.05
CA ARG A 391 -17.36 17.62 11.08
C ARG A 391 -17.78 16.21 10.61
N SER A 392 -17.43 15.82 9.38
CA SER A 392 -17.81 14.56 8.80
C SER A 392 -16.82 13.49 9.24
N GLY A 393 -17.28 12.25 9.29
CA GLY A 393 -16.41 11.11 9.62
C GLY A 393 -16.24 10.15 8.46
N GLY A 394 -16.63 10.57 7.24
CA GLY A 394 -16.41 9.75 6.04
C GLY A 394 -17.71 9.11 5.59
N ASN A 395 -17.67 8.04 4.79
CA ASN A 395 -18.93 7.44 4.29
C ASN A 395 -19.43 6.37 5.28
N SER A 403 -23.11 10.03 -10.10
CA SER A 403 -22.11 10.06 -11.18
C SER A 403 -20.71 10.31 -10.64
N GLY A 404 -19.72 10.14 -11.53
CA GLY A 404 -18.32 10.01 -11.15
C GLY A 404 -17.79 8.65 -11.54
N GLN A 405 -16.53 8.60 -11.91
CA GLN A 405 -15.87 7.37 -12.22
C GLN A 405 -15.69 6.54 -10.93
N ILE A 406 -15.96 5.23 -10.99
CA ILE A 406 -15.82 4.33 -9.83
C ILE A 406 -14.83 3.20 -10.14
N SER A 407 -14.13 3.28 -11.26
CA SER A 407 -13.13 2.29 -11.58
C SER A 407 -12.12 2.84 -12.59
N ILE A 408 -10.96 2.18 -12.68
CA ILE A 408 -9.93 2.54 -13.61
C ILE A 408 -9.98 1.48 -14.69
N GLN A 409 -9.74 1.86 -15.94
CA GLN A 409 -9.43 0.90 -16.95
C GLN A 409 -7.97 1.13 -17.32
N PRO A 410 -7.12 0.10 -17.11
CA PRO A 410 -5.70 0.26 -17.40
C PRO A 410 -5.43 0.57 -18.88
N THR A 411 -4.61 1.59 -19.11
CA THR A 411 -4.19 2.02 -20.42
C THR A 411 -2.74 1.61 -20.68
N PHE A 412 -1.90 1.70 -19.65
CA PHE A 412 -0.49 1.43 -19.80
C PHE A 412 -0.12 0.16 -19.05
N SER A 413 0.87 -0.53 -19.60
CA SER A 413 1.44 -1.71 -19.02
C SER A 413 2.46 -1.29 -17.95
N VAL A 414 2.00 -1.12 -16.73
CA VAL A 414 2.81 -0.59 -15.67
C VAL A 414 2.33 -1.22 -14.35
N GLN A 415 3.26 -1.54 -13.46
CA GLN A 415 2.94 -2.18 -12.21
C GLN A 415 2.26 -1.18 -11.23
N ARG A 416 1.06 -1.57 -10.78
CA ARG A 416 0.28 -0.81 -9.84
C ARG A 416 -1.00 -1.58 -9.45
N ASN A 417 -1.68 -1.08 -8.43
CA ASN A 417 -3.00 -1.52 -8.10
C ASN A 417 -4.00 -1.00 -9.15
N LEU A 418 -5.16 -1.65 -9.25
CA LEU A 418 -6.21 -1.19 -10.14
C LEU A 418 -7.42 -0.74 -9.32
N PRO A 419 -7.50 0.57 -8.98
CA PRO A 419 -8.57 1.07 -8.15
C PRO A 419 -9.97 0.81 -8.70
N PHE A 420 -10.85 0.55 -7.76
CA PHE A 420 -12.25 0.67 -7.90
C PHE A 420 -12.83 0.93 -6.53
N ASP A 421 -14.01 1.50 -6.54
CA ASP A 421 -14.71 1.91 -5.41
C ASP A 421 -15.57 0.71 -4.96
N ARG A 422 -15.01 -0.08 -4.05
CA ARG A 422 -15.63 -1.35 -3.62
C ARG A 422 -16.95 -1.10 -2.90
N PRO A 423 -17.03 -0.15 -1.94
CA PRO A 423 -18.31 0.17 -1.31
C PRO A 423 -19.47 0.40 -2.31
N THR A 424 -19.26 1.27 -3.29
CA THR A 424 -20.34 1.64 -4.19
C THR A 424 -20.78 0.43 -5.01
N ILE A 425 -19.81 -0.29 -5.59
CA ILE A 425 -20.08 -1.31 -6.54
C ILE A 425 -20.81 -2.45 -5.83
N MET A 426 -20.26 -2.90 -4.69
CA MET A 426 -20.82 -4.04 -3.96
C MET A 426 -22.20 -3.68 -3.37
N ALA A 427 -22.50 -2.39 -3.25
CA ALA A 427 -23.76 -1.89 -2.66
C ALA A 427 -24.95 -2.37 -3.51
N ALA A 428 -24.69 -2.69 -4.78
CA ALA A 428 -25.71 -3.20 -5.68
C ALA A 428 -26.15 -4.64 -5.29
N PHE A 429 -25.50 -5.31 -4.31
CA PHE A 429 -25.82 -6.75 -3.97
C PHE A 429 -25.99 -6.98 -2.46
N SER A 438 -33.74 -8.50 10.89
CA SER A 438 -33.88 -7.04 11.02
C SER A 438 -33.60 -6.60 12.47
N ASP A 439 -32.47 -7.11 12.98
CA ASP A 439 -31.93 -6.84 14.30
C ASP A 439 -30.77 -5.85 14.13
N MET A 440 -30.75 -4.78 14.95
CA MET A 440 -29.88 -3.64 14.65
C MET A 440 -28.40 -4.03 14.81
N ARG A 441 -28.05 -4.76 15.87
CA ARG A 441 -26.63 -5.22 16.02
C ARG A 441 -26.13 -5.97 14.78
N THR A 442 -27.01 -6.78 14.17
CA THR A 442 -26.71 -7.62 12.99
C THR A 442 -26.54 -6.73 11.76
N GLU A 443 -27.42 -5.74 11.59
CA GLU A 443 -27.29 -4.76 10.47
C GLU A 443 -25.92 -4.05 10.56
N ILE A 444 -25.48 -3.72 11.77
CA ILE A 444 -24.31 -2.93 11.97
C ILE A 444 -23.09 -3.81 11.70
N ILE A 445 -23.08 -5.04 12.21
CA ILE A 445 -21.95 -5.95 11.97
C ILE A 445 -21.82 -6.18 10.46
N ARG A 446 -22.96 -6.34 9.77
CA ARG A 446 -22.97 -6.49 8.29
C ARG A 446 -22.26 -5.29 7.60
N LEU A 447 -22.64 -4.05 7.93
CA LEU A 447 -21.97 -2.85 7.40
C LEU A 447 -20.46 -2.80 7.75
N MET A 448 -20.11 -3.09 9.00
CA MET A 448 -18.73 -3.10 9.41
C MET A 448 -17.92 -4.10 8.55
N GLU A 449 -18.50 -5.29 8.36
CA GLU A 449 -17.85 -6.37 7.66
C GLU A 449 -17.67 -5.97 6.20
N SER A 450 -18.60 -5.18 5.64
CA SER A 450 -18.56 -4.66 4.25
C SER A 450 -17.36 -3.73 4.05
N ALA A 451 -17.16 -2.82 5.01
CA ALA A 451 -16.14 -1.79 4.93
C ALA A 451 -14.74 -2.40 4.89
N ARG A 452 -13.85 -1.61 4.27
CA ARG A 452 -12.45 -1.94 4.03
C ARG A 452 -11.62 -0.71 4.39
N PRO A 453 -10.41 -0.88 4.97
CA PRO A 453 -9.58 0.26 5.34
C PRO A 453 -9.18 1.15 4.15
N GLU A 454 -9.29 0.67 2.93
CA GLU A 454 -8.83 1.43 1.78
C GLU A 454 -10.01 2.02 0.97
N ASP A 455 -11.24 1.92 1.49
CA ASP A 455 -12.38 2.67 1.00
C ASP A 455 -12.00 4.16 1.01
N VAL A 456 -12.31 4.89 -0.06
CA VAL A 456 -11.93 6.29 -0.07
C VAL A 456 -13.11 7.15 0.41
N SER A 457 -12.80 8.15 1.22
CA SER A 457 -13.76 9.14 1.67
C SER A 457 -13.38 10.52 1.11
N PHE A 458 -14.28 11.50 1.27
CA PHE A 458 -14.08 12.93 0.89
C PHE A 458 -13.64 13.03 -0.57
N GLN A 459 -14.27 12.25 -1.45
CA GLN A 459 -13.97 12.22 -2.89
C GLN A 459 -14.00 13.66 -3.41
N GLY A 460 -12.98 14.07 -4.17
CA GLY A 460 -12.94 15.41 -4.78
C GLY A 460 -12.33 16.48 -3.86
N ARG A 461 -12.29 16.23 -2.55
CA ARG A 461 -11.80 17.19 -1.58
C ARG A 461 -10.28 17.08 -1.52
N GLY A 462 -9.59 18.21 -1.30
CA GLY A 462 -8.11 18.23 -1.18
C GLY A 462 -7.59 19.46 -0.45
N VAL A 463 -6.26 19.48 -0.26
CA VAL A 463 -5.60 20.54 0.45
C VAL A 463 -5.45 21.76 -0.49
N PHE A 464 -5.07 22.92 0.05
CA PHE A 464 -4.94 24.14 -0.71
C PHE A 464 -3.58 24.80 -0.44
N GLU A 465 -3.15 25.62 -1.39
CA GLU A 465 -2.03 26.53 -1.23
C GLU A 465 -2.43 27.68 -0.30
N LEU A 466 -1.44 28.22 0.43
CA LEU A 466 -1.69 29.35 1.37
C LEU A 466 -2.08 30.63 0.61
N SER A 467 -1.81 30.67 -0.69
CA SER A 467 -2.17 31.78 -1.54
C SER A 467 -3.55 31.55 -2.18
N ASP A 468 -4.14 30.38 -1.96
CA ASP A 468 -5.45 30.06 -2.51
C ASP A 468 -6.46 30.31 -1.41
N GLU A 469 -6.70 31.61 -1.14
CA GLU A 469 -7.55 32.06 -0.03
C GLU A 469 -8.96 31.51 -0.18
N LYS A 470 -9.49 31.49 -1.43
CA LYS A 470 -10.93 31.21 -1.68
C LYS A 470 -11.18 29.72 -1.91
N ALA A 471 -10.15 28.88 -1.75
CA ALA A 471 -10.31 27.42 -1.75
C ALA A 471 -10.79 26.95 -3.11
N THR A 472 -10.08 27.41 -4.15
CA THR A 472 -10.37 27.25 -5.58
C THR A 472 -9.81 25.94 -6.17
N SER A 473 -8.60 25.53 -5.78
CA SER A 473 -7.89 24.49 -6.50
C SER A 473 -7.42 23.41 -5.54
N PRO A 474 -8.25 22.38 -5.28
CA PRO A 474 -7.88 21.35 -4.35
C PRO A 474 -6.76 20.50 -4.93
N ILE A 475 -5.90 20.02 -4.05
CA ILE A 475 -4.82 19.13 -4.37
C ILE A 475 -5.04 17.83 -3.56
N VAL A 476 -5.22 16.72 -4.26
CA VAL A 476 -5.38 15.43 -3.63
C VAL A 476 -4.02 14.90 -3.20
N PRO A 477 -3.82 14.56 -1.92
CA PRO A 477 -2.55 14.00 -1.45
C PRO A 477 -2.30 12.63 -2.06
N SER A 478 -1.05 12.36 -2.37
CA SER A 478 -0.58 11.04 -2.69
C SER A 478 0.42 10.66 -1.59
N PHE A 479 0.45 9.36 -1.26
CA PHE A 479 1.28 8.87 -0.20
C PHE A 479 2.16 7.75 -0.75
N ASP A 480 2.83 8.03 -1.87
CA ASP A 480 3.61 7.02 -2.63
C ASP A 480 5.08 7.06 -2.20
N MET A 481 5.69 8.24 -2.34
CA MET A 481 7.06 8.50 -1.88
C MET A 481 7.08 8.48 -0.35
N SER A 482 5.93 8.78 0.26
CA SER A 482 5.69 8.81 1.72
C SER A 482 5.99 7.43 2.36
N ASN A 483 6.50 7.47 3.59
CA ASN A 483 6.76 6.29 4.44
C ASN A 483 5.49 6.08 5.29
N GLU A 484 5.29 4.84 5.74
CA GLU A 484 4.01 4.40 6.35
C GLU A 484 3.77 5.18 7.66
N GLY A 485 2.70 4.80 8.41
CA GLY A 485 2.42 5.23 9.79
C GLY A 485 1.15 6.06 9.85
N SER A 486 0.05 5.53 10.41
CA SER A 486 -1.23 6.27 10.40
C SER A 486 -1.70 6.78 11.77
N TYR A 487 -1.37 6.08 12.88
CA TYR A 487 -2.01 6.31 14.20
C TYR A 487 -1.03 7.05 15.11
N PHE A 488 -1.44 8.17 15.68
CA PHE A 488 -0.58 8.91 16.59
C PHE A 488 -0.29 8.12 17.88
N PHE A 489 -1.24 7.27 18.30
CA PHE A 489 -1.17 6.60 19.60
C PHE A 489 -1.19 5.06 19.45
N ALA B 22 5.61 -9.65 -38.05
CA ALA B 22 5.67 -8.62 -36.94
C ALA B 22 6.25 -7.31 -37.49
N THR B 23 7.34 -7.41 -38.26
CA THR B 23 7.84 -6.27 -39.01
C THR B 23 6.98 -6.03 -40.25
N GLU B 24 6.14 -7.01 -40.59
CA GLU B 24 5.11 -6.84 -41.65
C GLU B 24 3.99 -5.92 -41.16
N ILE B 25 3.50 -6.19 -39.93
CA ILE B 25 2.58 -5.24 -39.22
C ILE B 25 3.18 -3.82 -39.06
N ARG B 26 4.45 -3.67 -38.64
CA ARG B 26 4.97 -2.34 -38.47
C ARG B 26 4.94 -1.63 -39.82
N ALA B 27 5.23 -2.35 -40.89
CA ALA B 27 5.29 -1.73 -42.23
C ALA B 27 3.88 -1.32 -42.69
N SER B 28 2.86 -2.11 -42.38
CA SER B 28 1.51 -1.81 -42.83
C SER B 28 0.91 -0.63 -42.02
N VAL B 29 1.14 -0.58 -40.71
CA VAL B 29 0.76 0.57 -39.87
C VAL B 29 1.56 1.80 -40.35
N GLY B 30 2.85 1.60 -40.59
CA GLY B 30 3.63 2.64 -41.21
C GLY B 30 2.96 3.19 -42.46
N LYS B 31 2.54 2.30 -43.37
CA LYS B 31 1.96 2.71 -44.64
C LYS B 31 0.67 3.51 -44.36
N MET B 32 -0.06 3.12 -43.31
CA MET B 32 -1.30 3.78 -43.01
C MET B 32 -1.00 5.21 -42.55
N ILE B 33 -0.05 5.36 -41.63
CA ILE B 33 0.37 6.65 -41.11
C ILE B 33 0.88 7.55 -42.25
N ASP B 34 1.75 7.00 -43.12
CA ASP B 34 2.23 7.70 -44.32
C ASP B 34 1.06 8.37 -45.06
N GLY B 35 0.00 7.58 -45.32
CA GLY B 35 -1.13 8.00 -46.06
C GLY B 35 -1.83 9.17 -45.39
N ILE B 36 -2.05 9.09 -44.07
CA ILE B 36 -2.69 10.19 -43.32
C ILE B 36 -1.82 11.46 -43.42
N GLY B 37 -0.51 11.33 -43.21
CA GLY B 37 0.42 12.42 -43.30
C GLY B 37 0.38 13.11 -44.66
N ARG B 38 0.43 12.28 -45.72
CA ARG B 38 0.43 12.74 -47.12
C ARG B 38 -0.89 13.47 -47.37
N PHE B 39 -1.99 12.85 -46.95
CA PHE B 39 -3.29 13.47 -47.15
C PHE B 39 -3.32 14.83 -46.44
N TYR B 40 -2.83 14.88 -45.21
CA TYR B 40 -2.88 16.12 -44.45
C TYR B 40 -2.06 17.21 -45.14
N ILE B 41 -0.84 16.88 -45.60
CA ILE B 41 0.01 17.83 -46.35
C ILE B 41 -0.72 18.36 -47.60
N GLN B 42 -1.34 17.47 -48.36
CA GLN B 42 -2.10 17.87 -49.54
C GLN B 42 -3.24 18.81 -49.17
N MET B 43 -3.91 18.57 -48.05
CA MET B 43 -5.05 19.41 -47.64
C MET B 43 -4.58 20.81 -47.18
N CYS B 44 -3.37 20.89 -46.62
CA CYS B 44 -2.78 22.14 -46.18
C CYS B 44 -2.36 22.96 -47.40
N THR B 45 -1.95 22.26 -48.46
CA THR B 45 -1.59 22.97 -49.65
C THR B 45 -2.85 23.60 -50.27
N GLU B 46 -3.93 22.81 -50.37
CA GLU B 46 -5.15 23.24 -51.06
C GLU B 46 -5.76 24.43 -50.35
N LEU B 47 -5.73 24.43 -49.01
CA LEU B 47 -6.23 25.51 -48.17
C LEU B 47 -5.19 26.63 -48.03
N LYS B 48 -3.99 26.48 -48.61
CA LYS B 48 -2.90 27.47 -48.46
C LYS B 48 -2.68 27.84 -46.98
N LEU B 49 -2.44 26.85 -46.13
CA LEU B 49 -2.27 27.10 -44.71
C LEU B 49 -0.78 27.34 -44.46
N SER B 50 -0.47 28.26 -43.55
CA SER B 50 0.91 28.54 -43.17
C SER B 50 1.46 27.34 -42.40
N ASP B 51 2.75 27.38 -42.09
CA ASP B 51 3.32 26.33 -41.26
C ASP B 51 2.57 26.31 -39.93
N TYR B 52 2.32 27.51 -39.39
CA TYR B 52 1.75 27.63 -38.08
C TYR B 52 0.31 27.11 -38.12
N GLU B 53 -0.46 27.52 -39.13
CA GLU B 53 -1.85 27.21 -39.17
C GLU B 53 -2.04 25.71 -39.36
N GLY B 54 -1.15 25.08 -40.15
CA GLY B 54 -1.15 23.62 -40.42
C GLY B 54 -0.99 22.79 -39.16
N ARG B 55 -0.24 23.32 -38.18
CA ARG B 55 -0.03 22.65 -36.93
C ARG B 55 -1.02 23.07 -35.84
N LEU B 56 -2.06 23.83 -36.23
CA LEU B 56 -3.14 24.26 -35.28
C LEU B 56 -4.14 23.11 -35.16
N ILE B 57 -4.22 22.53 -33.96
CA ILE B 57 -5.05 21.34 -33.73
C ILE B 57 -6.49 21.54 -34.21
N GLN B 58 -7.07 22.73 -34.04
CA GLN B 58 -8.42 23.03 -34.52
C GLN B 58 -8.52 22.83 -36.04
N ASN B 59 -7.47 23.22 -36.78
CA ASN B 59 -7.46 23.01 -38.24
C ASN B 59 -7.28 21.52 -38.57
N SER B 60 -6.56 20.80 -37.70
CA SER B 60 -6.35 19.40 -37.88
C SER B 60 -7.70 18.70 -37.75
N LEU B 61 -8.47 19.08 -36.73
CA LEU B 61 -9.78 18.47 -36.46
C LEU B 61 -10.75 18.64 -37.64
N THR B 62 -10.81 19.84 -38.21
CA THR B 62 -11.70 20.13 -39.32
C THR B 62 -11.35 19.28 -40.54
N ILE B 63 -10.05 19.23 -40.86
CA ILE B 63 -9.56 18.49 -42.03
C ILE B 63 -9.87 17.01 -41.83
N GLU B 64 -9.63 16.51 -40.60
CA GLU B 64 -9.98 15.14 -40.19
C GLU B 64 -11.48 14.87 -40.37
N ARG B 65 -12.37 15.71 -39.79
CA ARG B 65 -13.78 15.37 -39.87
C ARG B 65 -14.35 15.66 -41.28
N MET B 66 -13.61 16.40 -42.13
CA MET B 66 -14.00 16.55 -43.54
C MET B 66 -13.83 15.21 -44.27
N VAL B 67 -12.71 14.55 -44.06
CA VAL B 67 -12.44 13.31 -44.78
C VAL B 67 -13.37 12.23 -44.24
N LEU B 68 -13.66 12.23 -42.94
CA LEU B 68 -14.47 11.16 -42.39
C LEU B 68 -15.89 11.31 -42.90
N SER B 69 -16.36 12.56 -42.86
CA SER B 69 -17.62 12.99 -43.41
C SER B 69 -17.78 12.67 -44.92
N ALA B 70 -16.68 12.72 -45.66
CA ALA B 70 -16.68 12.42 -47.08
C ALA B 70 -16.89 10.93 -47.33
N PHE B 71 -16.64 10.09 -46.32
CA PHE B 71 -16.84 8.66 -46.50
C PHE B 71 -18.06 8.14 -45.70
N ASP B 72 -18.91 9.05 -45.21
CA ASP B 72 -20.10 8.66 -44.43
C ASP B 72 -21.35 8.71 -45.32
N PRO B 89 -25.31 18.64 -48.02
CA PRO B 89 -25.71 17.85 -49.20
C PRO B 89 -24.63 16.82 -49.58
N LYS B 90 -24.05 16.98 -50.78
CA LYS B 90 -22.85 16.30 -51.21
C LYS B 90 -21.69 17.29 -51.11
N LYS B 91 -21.82 18.21 -50.15
CA LYS B 91 -20.75 19.09 -49.73
C LYS B 91 -20.35 18.69 -48.29
N THR B 92 -19.17 19.16 -47.89
CA THR B 92 -18.62 18.95 -46.55
C THR B 92 -17.66 20.09 -46.22
N GLY B 93 -17.34 20.24 -44.94
CA GLY B 93 -16.47 21.30 -44.54
C GLY B 93 -16.61 21.67 -43.09
N GLY B 94 -16.00 22.78 -42.71
CA GLY B 94 -16.00 23.17 -41.35
C GLY B 94 -15.14 24.41 -41.11
N PRO B 95 -14.85 24.73 -39.85
CA PRO B 95 -14.13 25.96 -39.57
C PRO B 95 -12.63 25.75 -39.87
N ILE B 96 -12.03 26.70 -40.58
CA ILE B 96 -10.59 26.78 -40.76
C ILE B 96 -10.16 28.10 -40.14
N TYR B 97 -9.04 28.13 -39.39
CA TYR B 97 -8.65 29.30 -38.60
C TYR B 97 -7.34 29.87 -39.14
N ARG B 98 -7.28 31.20 -39.25
CA ARG B 98 -6.18 31.87 -39.94
C ARG B 98 -5.68 33.05 -39.11
N ARG B 99 -4.37 33.15 -39.10
CA ARG B 99 -3.65 34.23 -38.50
C ARG B 99 -3.59 35.34 -39.55
N VAL B 100 -4.45 36.36 -39.41
CA VAL B 100 -4.52 37.48 -40.36
C VAL B 100 -4.34 38.80 -39.59
N ASP B 101 -3.23 39.50 -39.86
CA ASP B 101 -2.90 40.82 -39.27
C ASP B 101 -3.09 40.77 -37.75
N GLY B 102 -2.39 39.85 -37.09
CA GLY B 102 -2.40 39.72 -35.63
C GLY B 102 -3.77 39.38 -35.05
N LYS B 103 -4.66 38.79 -35.87
CA LYS B 103 -5.97 38.38 -35.41
C LYS B 103 -6.28 36.98 -35.94
N TRP B 104 -7.00 36.21 -35.12
CA TRP B 104 -7.44 34.89 -35.48
C TRP B 104 -8.82 35.00 -36.11
N ARG B 105 -8.92 34.58 -37.36
CA ARG B 105 -10.12 34.64 -38.16
C ARG B 105 -10.58 33.21 -38.43
N ARG B 106 -11.84 32.94 -38.09
CA ARG B 106 -12.51 31.67 -38.29
C ARG B 106 -13.37 31.76 -39.55
N GLU B 107 -12.94 31.11 -40.63
CA GLU B 107 -13.68 31.09 -41.89
C GLU B 107 -14.28 29.69 -42.09
N LEU B 108 -15.34 29.59 -42.88
CA LEU B 108 -16.02 28.33 -43.12
C LEU B 108 -15.71 27.91 -44.56
N ILE B 109 -15.22 26.68 -44.74
CA ILE B 109 -14.89 26.21 -46.09
C ILE B 109 -15.87 25.10 -46.48
N LEU B 110 -16.03 24.90 -47.80
CA LEU B 110 -16.90 23.90 -48.33
C LEU B 110 -16.21 23.13 -49.46
N TYR B 111 -16.54 21.85 -49.56
CA TYR B 111 -15.84 20.99 -50.44
C TYR B 111 -16.81 19.92 -50.92
N ASP B 112 -16.54 19.36 -52.09
CA ASP B 112 -17.25 18.21 -52.52
C ASP B 112 -16.68 16.99 -51.79
N LYS B 113 -17.58 16.17 -51.27
CA LYS B 113 -17.19 14.90 -50.70
C LYS B 113 -16.38 14.10 -51.74
N GLU B 114 -16.75 14.23 -53.02
CA GLU B 114 -16.05 13.52 -54.09
C GLU B 114 -14.61 14.04 -54.16
N GLU B 115 -14.44 15.35 -54.07
CA GLU B 115 -13.11 15.93 -54.19
C GLU B 115 -12.23 15.45 -53.01
N ILE B 116 -12.80 15.35 -51.80
CA ILE B 116 -12.01 14.99 -50.65
C ILE B 116 -11.72 13.49 -50.66
N ARG B 117 -12.68 12.67 -51.08
CA ARG B 117 -12.45 11.22 -51.27
C ARG B 117 -11.29 11.00 -52.27
N ARG B 118 -11.27 11.82 -53.30
CA ARG B 118 -10.33 11.73 -54.37
C ARG B 118 -8.93 11.99 -53.80
N ILE B 119 -8.81 13.07 -53.02
CA ILE B 119 -7.56 13.51 -52.45
C ILE B 119 -7.04 12.43 -51.51
N TRP B 120 -7.96 11.85 -50.74
CA TRP B 120 -7.63 10.81 -49.80
C TRP B 120 -7.02 9.60 -50.51
N ARG B 121 -7.59 9.21 -51.64
CA ARG B 121 -7.13 8.02 -52.32
C ARG B 121 -5.79 8.28 -53.03
N GLN B 122 -5.65 9.44 -53.68
CA GLN B 122 -4.39 9.88 -54.20
C GLN B 122 -3.31 9.79 -53.11
N ALA B 123 -3.58 10.35 -51.93
CA ALA B 123 -2.59 10.40 -50.86
C ALA B 123 -2.17 9.00 -50.45
N ASN B 124 -3.09 8.05 -50.60
CA ASN B 124 -2.91 6.66 -50.16
C ASN B 124 -2.64 5.75 -51.35
N ASN B 125 -2.18 6.31 -52.48
CA ASN B 125 -1.78 5.55 -53.69
C ASN B 125 -2.94 4.71 -54.25
N GLY B 126 -4.17 5.22 -54.16
CA GLY B 126 -5.30 4.53 -54.75
C GLY B 126 -5.84 3.37 -53.90
N ASP B 127 -5.16 3.01 -52.79
CA ASP B 127 -5.79 2.11 -51.81
C ASP B 127 -7.03 2.84 -51.29
N ASP B 128 -8.03 2.12 -50.82
CA ASP B 128 -8.98 2.82 -49.98
C ASP B 128 -8.57 2.42 -48.58
N ALA B 129 -8.11 3.44 -47.88
CA ALA B 129 -7.35 3.28 -46.74
C ALA B 129 -8.33 3.30 -45.58
N THR B 130 -9.08 2.20 -45.41
CA THR B 130 -10.13 2.18 -44.43
C THR B 130 -9.50 2.33 -43.04
N ALA B 131 -8.40 1.61 -42.85
CA ALA B 131 -7.64 1.60 -41.64
C ALA B 131 -7.27 3.03 -41.20
N GLY B 132 -6.79 3.85 -42.12
CA GLY B 132 -6.46 5.23 -41.87
C GLY B 132 -7.66 6.04 -41.43
N LEU B 133 -8.83 5.76 -42.02
CA LEU B 133 -10.06 6.49 -41.65
C LEU B 133 -10.44 6.07 -40.22
N THR B 134 -10.27 4.78 -39.96
CA THR B 134 -10.60 4.24 -38.67
C THR B 134 -9.66 4.81 -37.60
N HIS B 135 -8.40 5.04 -37.96
CA HIS B 135 -7.36 5.56 -37.06
C HIS B 135 -7.77 6.94 -36.55
N MET B 136 -8.24 7.78 -37.47
CA MET B 136 -8.65 9.13 -37.17
C MET B 136 -9.91 9.06 -36.29
N MET B 137 -10.79 8.10 -36.58
CA MET B 137 -12.01 7.95 -35.82
C MET B 137 -11.67 7.67 -34.35
N ILE B 138 -10.69 6.80 -34.16
CA ILE B 138 -10.30 6.40 -32.85
C ILE B 138 -9.67 7.60 -32.12
N TRP B 139 -8.85 8.39 -32.82
CA TRP B 139 -8.34 9.63 -32.25
C TRP B 139 -9.48 10.52 -31.76
N HIS B 140 -10.52 10.73 -32.57
CA HIS B 140 -11.66 11.56 -32.17
C HIS B 140 -12.37 10.93 -30.97
N SER B 141 -12.44 9.59 -30.97
CA SER B 141 -13.05 8.85 -29.87
C SER B 141 -12.30 9.08 -28.55
N ASN B 142 -10.97 8.94 -28.60
CA ASN B 142 -10.14 9.18 -27.47
C ASN B 142 -10.31 10.62 -26.96
N LEU B 143 -10.51 11.59 -27.87
CA LEU B 143 -10.66 12.99 -27.51
C LEU B 143 -12.01 13.21 -26.85
N ASN B 144 -13.08 12.64 -27.46
CA ASN B 144 -14.40 12.55 -26.79
C ASN B 144 -14.30 11.96 -25.38
N ASP B 145 -13.64 10.81 -25.23
CA ASP B 145 -13.63 10.10 -23.94
C ASP B 145 -12.99 11.02 -22.88
N ALA B 146 -12.01 11.82 -23.28
CA ALA B 146 -11.24 12.68 -22.34
C ALA B 146 -11.94 14.03 -22.07
N THR B 147 -12.91 14.42 -22.89
CA THR B 147 -13.52 15.73 -22.77
C THR B 147 -14.87 15.65 -22.06
N TYR B 148 -15.64 14.59 -22.32
CA TYR B 148 -17.08 14.54 -21.95
C TYR B 148 -17.38 13.28 -21.15
N GLN B 149 -18.18 13.46 -20.09
CA GLN B 149 -18.54 12.34 -19.21
C GLN B 149 -19.59 11.43 -19.88
N ARG B 150 -20.58 11.98 -20.61
CA ARG B 150 -21.63 11.13 -21.30
C ARG B 150 -22.57 10.43 -20.28
N THR B 151 -22.99 11.22 -19.28
CA THR B 151 -24.02 10.88 -18.25
C THR B 151 -25.43 10.78 -18.88
N ARG B 152 -25.76 11.69 -19.82
CA ARG B 152 -27.01 11.71 -20.59
C ARG B 152 -27.25 10.37 -21.28
N ALA B 153 -26.34 9.99 -22.16
CA ALA B 153 -26.46 8.76 -22.96
C ALA B 153 -26.69 7.53 -22.06
N LEU B 154 -25.94 7.46 -20.95
CA LEU B 154 -25.92 6.30 -20.02
C LEU B 154 -27.28 6.12 -19.30
N VAL B 155 -27.87 7.18 -18.76
CA VAL B 155 -29.18 7.05 -18.14
C VAL B 155 -30.24 6.71 -19.21
N ARG B 156 -30.17 7.33 -20.39
CA ARG B 156 -31.14 7.07 -21.47
C ARG B 156 -31.05 5.63 -21.98
N THR B 157 -30.08 4.83 -21.50
CA THR B 157 -29.97 3.38 -21.88
C THR B 157 -30.25 2.45 -20.68
N GLY B 158 -30.58 3.04 -19.52
CA GLY B 158 -30.79 2.28 -18.31
C GLY B 158 -29.49 1.78 -17.71
N MET B 159 -28.39 2.49 -18.02
CA MET B 159 -27.08 2.24 -17.44
C MET B 159 -26.77 3.35 -16.43
N ASP B 160 -25.85 3.04 -15.51
CA ASP B 160 -25.44 3.94 -14.42
C ASP B 160 -24.40 4.93 -14.98
N PRO B 161 -24.53 6.24 -14.69
CA PRO B 161 -23.56 7.26 -15.14
C PRO B 161 -22.15 7.21 -14.53
N ARG B 162 -21.97 6.23 -13.62
CA ARG B 162 -20.70 5.94 -12.98
C ARG B 162 -20.01 4.75 -13.67
N MET B 163 -20.60 4.30 -14.77
CA MET B 163 -20.02 3.25 -15.57
C MET B 163 -19.11 3.84 -16.65
N CYS B 164 -18.68 5.09 -16.49
CA CYS B 164 -18.00 5.80 -17.56
C CYS B 164 -16.59 5.22 -17.86
N SER B 165 -15.95 4.53 -16.92
CA SER B 165 -14.70 3.84 -17.21
C SER B 165 -14.91 2.65 -18.17
N LEU B 166 -16.15 2.23 -18.39
CA LEU B 166 -16.45 1.12 -19.29
C LEU B 166 -16.85 1.58 -20.69
N MET B 167 -16.84 2.90 -20.94
CA MET B 167 -17.48 3.50 -22.12
C MET B 167 -16.43 3.98 -23.14
N GLN B 168 -15.21 3.42 -23.08
CA GLN B 168 -14.21 3.77 -24.09
C GLN B 168 -14.84 3.45 -25.44
N GLY B 169 -14.73 4.36 -26.39
CA GLY B 169 -15.19 4.13 -27.79
C GLY B 169 -16.70 4.25 -27.96
N SER B 170 -17.38 4.80 -26.96
CA SER B 170 -18.83 4.91 -27.03
C SER B 170 -19.26 5.93 -28.09
N THR B 171 -18.33 6.51 -28.83
CA THR B 171 -18.60 7.62 -29.73
C THR B 171 -18.29 7.19 -31.15
N LEU B 172 -17.53 6.10 -31.30
CA LEU B 172 -17.28 5.43 -32.56
C LEU B 172 -18.57 5.00 -33.23
N PRO B 173 -18.66 5.05 -34.58
CA PRO B 173 -19.70 4.32 -35.33
C PRO B 173 -19.78 2.82 -35.02
N ARG B 174 -21.02 2.30 -34.99
CA ARG B 174 -21.35 0.93 -34.52
C ARG B 174 -20.58 -0.14 -35.31
N ARG B 175 -20.35 0.06 -36.62
CA ARG B 175 -19.42 -0.79 -37.38
C ARG B 175 -18.20 0.07 -37.74
N SER B 176 -17.01 -0.27 -37.22
CA SER B 176 -15.77 0.54 -37.41
C SER B 176 -14.52 -0.33 -37.59
N GLY B 177 -14.64 -1.42 -38.34
CA GLY B 177 -13.50 -2.30 -38.50
C GLY B 177 -13.14 -3.00 -37.20
N ALA B 178 -12.07 -3.79 -37.28
CA ALA B 178 -11.63 -4.59 -36.19
C ALA B 178 -10.87 -3.70 -35.17
N ALA B 179 -10.23 -2.65 -35.69
CA ALA B 179 -9.57 -1.70 -34.84
C ALA B 179 -10.61 -0.99 -33.97
N GLY B 180 -11.74 -0.65 -34.58
CA GLY B 180 -12.88 -0.03 -33.86
C GLY B 180 -13.31 -0.89 -32.67
N ALA B 181 -13.45 -2.18 -32.90
CA ALA B 181 -13.99 -3.05 -31.94
C ALA B 181 -12.96 -3.32 -30.84
N ALA B 182 -11.68 -3.40 -31.20
CA ALA B 182 -10.65 -3.70 -30.16
C ALA B 182 -10.67 -2.62 -29.06
N VAL B 183 -10.98 -1.40 -29.47
CA VAL B 183 -10.76 -0.19 -28.69
C VAL B 183 -12.02 0.12 -27.85
N LYS B 184 -13.15 -0.49 -28.18
CA LYS B 184 -14.42 -0.21 -27.52
C LYS B 184 -14.42 -0.91 -26.17
N GLY B 185 -15.03 -0.25 -25.19
CA GLY B 185 -15.16 -0.81 -23.86
C GLY B 185 -16.33 -1.78 -23.73
N VAL B 186 -16.29 -2.59 -22.68
CA VAL B 186 -17.38 -3.49 -22.31
C VAL B 186 -18.71 -2.73 -22.28
N GLY B 187 -18.70 -1.54 -21.68
CA GLY B 187 -19.89 -0.74 -21.56
C GLY B 187 -20.41 -0.35 -22.94
N THR B 188 -19.50 0.11 -23.81
CA THR B 188 -19.90 0.53 -25.15
C THR B 188 -20.62 -0.63 -25.83
N MET B 189 -20.06 -1.83 -25.70
CA MET B 189 -20.60 -3.04 -26.32
C MET B 189 -21.98 -3.35 -25.73
N VAL B 190 -22.08 -3.24 -24.41
CA VAL B 190 -23.32 -3.52 -23.78
C VAL B 190 -24.33 -2.51 -24.31
N MET B 191 -23.90 -1.25 -24.42
CA MET B 191 -24.81 -0.19 -24.81
C MET B 191 -25.37 -0.47 -26.22
N GLU B 192 -24.54 -1.01 -27.10
CA GLU B 192 -24.96 -1.24 -28.47
C GLU B 192 -25.89 -2.45 -28.51
N LEU B 193 -25.64 -3.47 -27.67
CA LEU B 193 -26.55 -4.65 -27.57
C LEU B 193 -27.89 -4.23 -26.96
N ILE B 194 -27.89 -3.34 -25.96
CA ILE B 194 -29.16 -2.87 -25.38
C ILE B 194 -29.94 -2.07 -26.43
N ARG B 195 -29.26 -1.21 -27.18
CA ARG B 195 -29.89 -0.45 -28.25
C ARG B 195 -30.66 -1.41 -29.15
N MET B 196 -30.06 -2.56 -29.51
CA MET B 196 -30.64 -3.54 -30.46
C MET B 196 -31.80 -4.30 -29.82
N ILE B 197 -31.70 -4.62 -28.53
CA ILE B 197 -32.77 -5.30 -27.83
C ILE B 197 -34.02 -4.38 -27.83
N LYS B 198 -33.82 -3.07 -27.62
CA LYS B 198 -34.91 -2.10 -27.54
C LYS B 198 -35.61 -1.89 -28.90
N ARG B 199 -34.84 -1.89 -30.00
CA ARG B 199 -35.38 -1.85 -31.36
C ARG B 199 -36.29 -3.07 -31.59
N GLY B 200 -35.90 -4.22 -31.04
CA GLY B 200 -36.65 -5.48 -31.12
C GLY B 200 -37.94 -5.49 -30.31
N ILE B 201 -37.97 -4.71 -29.21
CA ILE B 201 -39.15 -4.56 -28.36
C ILE B 201 -40.15 -3.62 -29.04
N ASN B 202 -39.68 -2.41 -29.42
CA ASN B 202 -40.48 -1.39 -30.11
C ASN B 202 -41.08 -1.98 -31.39
N ASP B 203 -40.22 -2.47 -32.29
CA ASP B 203 -40.66 -3.02 -33.58
C ASP B 203 -40.64 -4.56 -33.52
N ARG B 204 -41.78 -5.13 -33.15
CA ARG B 204 -41.93 -6.54 -32.79
C ARG B 204 -41.85 -7.45 -34.03
N ASN B 205 -40.98 -7.11 -34.98
CA ASN B 205 -40.71 -7.97 -36.16
C ASN B 205 -39.31 -7.63 -36.72
N PHE B 206 -38.47 -7.09 -35.84
CA PHE B 206 -37.07 -6.74 -36.09
C PHE B 206 -36.25 -8.02 -36.30
N TRP B 207 -36.57 -9.05 -35.52
CA TRP B 207 -35.82 -10.32 -35.48
C TRP B 207 -36.35 -11.33 -36.52
N ARG B 208 -37.27 -10.94 -37.40
CA ARG B 208 -38.20 -11.94 -37.97
C ARG B 208 -37.79 -12.40 -39.38
N GLY B 209 -37.72 -11.51 -40.38
CA GLY B 209 -37.81 -11.94 -41.81
C GLY B 209 -36.45 -12.23 -42.45
N GLU B 210 -36.29 -11.80 -43.71
CA GLU B 210 -35.01 -11.83 -44.43
C GLU B 210 -34.08 -10.77 -43.83
N ASN B 211 -34.69 -9.71 -43.31
CA ASN B 211 -33.95 -8.66 -42.66
C ASN B 211 -33.68 -9.07 -41.19
N GLY B 212 -34.49 -9.98 -40.65
CA GLY B 212 -34.32 -10.51 -39.29
C GLY B 212 -33.22 -11.55 -39.18
N ARG B 213 -32.76 -12.10 -40.31
CA ARG B 213 -31.61 -13.01 -40.31
C ARG B 213 -30.31 -12.20 -40.26
N ARG B 214 -30.30 -11.02 -40.91
CA ARG B 214 -29.09 -10.22 -40.99
C ARG B 214 -28.95 -9.35 -39.73
N THR B 215 -30.06 -9.01 -39.07
CA THR B 215 -29.97 -8.30 -37.79
C THR B 215 -29.49 -9.29 -36.71
N ARG B 216 -29.96 -10.55 -36.81
CA ARG B 216 -29.56 -11.63 -35.90
C ARG B 216 -28.03 -11.87 -35.94
N ILE B 217 -27.43 -11.86 -37.13
CA ILE B 217 -26.01 -12.17 -37.21
C ILE B 217 -25.22 -10.97 -36.63
N ALA B 218 -25.77 -9.75 -36.79
CA ALA B 218 -25.16 -8.53 -36.23
C ALA B 218 -25.11 -8.65 -34.70
N TYR B 219 -26.22 -9.08 -34.11
CA TYR B 219 -26.33 -9.28 -32.68
C TYR B 219 -25.31 -10.33 -32.20
N GLU B 220 -25.17 -11.42 -32.94
CA GLU B 220 -24.27 -12.51 -32.52
C GLU B 220 -22.83 -12.05 -32.62
N ARG B 221 -22.54 -11.26 -33.65
CA ARG B 221 -21.22 -10.73 -33.87
C ARG B 221 -20.85 -9.88 -32.64
N MET B 222 -21.77 -9.01 -32.25
CA MET B 222 -21.51 -8.10 -31.17
C MET B 222 -21.35 -8.85 -29.84
N CYS B 223 -22.15 -9.89 -29.62
CA CYS B 223 -22.00 -10.70 -28.45
C CYS B 223 -20.62 -11.33 -28.42
N ASN B 224 -20.13 -11.76 -29.58
CA ASN B 224 -18.82 -12.44 -29.65
C ASN B 224 -17.69 -11.47 -29.34
N ILE B 225 -17.77 -10.24 -29.86
CA ILE B 225 -16.82 -9.18 -29.56
C ILE B 225 -16.79 -8.95 -28.04
N LEU B 226 -17.95 -8.80 -27.41
CA LEU B 226 -18.03 -8.62 -25.95
C LEU B 226 -17.44 -9.82 -25.23
N LYS B 227 -17.84 -11.01 -25.67
CA LYS B 227 -17.38 -12.23 -25.08
C LYS B 227 -15.85 -12.27 -25.07
N GLY B 228 -15.26 -11.91 -26.20
CA GLY B 228 -13.81 -11.96 -26.37
C GLY B 228 -13.06 -11.01 -25.45
N LYS B 229 -13.72 -9.98 -24.92
CA LYS B 229 -13.07 -9.03 -24.05
C LYS B 229 -13.08 -9.54 -22.60
N PHE B 230 -13.87 -10.58 -22.29
CA PHE B 230 -13.96 -11.02 -20.90
C PHE B 230 -12.85 -12.06 -20.64
N GLN B 231 -12.23 -11.93 -19.46
CA GLN B 231 -11.11 -12.76 -19.07
C GLN B 231 -11.49 -13.77 -17.96
N THR B 232 -12.80 -14.06 -17.75
CA THR B 232 -13.24 -15.16 -16.89
C THR B 232 -14.24 -16.05 -17.61
N ALA B 233 -14.21 -17.36 -17.27
CA ALA B 233 -15.16 -18.36 -17.75
C ALA B 233 -16.61 -17.96 -17.41
N ALA B 234 -16.81 -17.41 -16.22
CA ALA B 234 -18.13 -17.09 -15.82
C ALA B 234 -18.74 -16.01 -16.72
N GLN B 235 -18.02 -14.90 -16.87
CA GLN B 235 -18.52 -13.78 -17.67
C GLN B 235 -18.78 -14.25 -19.10
N ARG B 236 -17.85 -15.06 -19.63
CA ARG B 236 -17.98 -15.57 -20.99
C ARG B 236 -19.23 -16.47 -21.11
N THR B 237 -19.47 -17.33 -20.12
CA THR B 237 -20.65 -18.21 -20.17
C THR B 237 -21.93 -17.36 -20.20
N MET B 238 -21.99 -16.31 -19.38
CA MET B 238 -23.19 -15.44 -19.37
C MET B 238 -23.40 -14.77 -20.74
N VAL B 239 -22.33 -14.42 -21.47
CA VAL B 239 -22.48 -13.79 -22.79
C VAL B 239 -23.04 -14.83 -23.78
N ASP B 240 -22.57 -16.09 -23.69
CA ASP B 240 -23.14 -17.22 -24.47
C ASP B 240 -24.67 -17.32 -24.24
N GLN B 241 -25.10 -17.32 -22.98
CA GLN B 241 -26.53 -17.37 -22.64
C GLN B 241 -27.27 -16.24 -23.35
N VAL B 242 -26.71 -15.02 -23.31
CA VAL B 242 -27.35 -13.87 -23.94
C VAL B 242 -27.43 -14.06 -25.46
N ARG B 243 -26.32 -14.47 -26.09
CA ARG B 243 -26.26 -14.59 -27.55
C ARG B 243 -27.27 -15.64 -28.03
N GLU B 244 -27.42 -16.71 -27.22
CA GLU B 244 -28.20 -17.88 -27.63
C GLU B 244 -29.70 -17.61 -27.42
N SER B 245 -30.05 -16.51 -26.74
CA SER B 245 -31.44 -16.04 -26.69
C SER B 245 -31.99 -15.82 -28.11
N ARG B 246 -33.05 -16.55 -28.46
CA ARG B 246 -33.64 -16.40 -29.79
C ARG B 246 -34.49 -15.12 -29.86
N ASN B 247 -35.17 -14.73 -28.78
CA ASN B 247 -36.05 -13.56 -28.79
C ASN B 247 -35.67 -12.61 -27.66
N PRO B 248 -34.62 -11.79 -27.84
CA PRO B 248 -33.97 -11.07 -26.76
C PRO B 248 -34.83 -9.92 -26.24
N GLY B 249 -35.06 -9.93 -24.92
CA GLY B 249 -35.83 -8.89 -24.25
C GLY B 249 -35.28 -8.52 -22.88
N ASN B 250 -36.21 -8.25 -21.96
CA ASN B 250 -35.96 -7.65 -20.67
C ASN B 250 -34.99 -8.54 -19.87
N ALA B 251 -35.04 -9.87 -20.01
CA ALA B 251 -34.12 -10.75 -19.25
C ALA B 251 -32.67 -10.56 -19.67
N GLU B 252 -32.43 -10.39 -20.97
CA GLU B 252 -31.10 -10.19 -21.54
C GLU B 252 -30.57 -8.79 -21.22
N PHE B 253 -31.46 -7.81 -21.15
CA PHE B 253 -31.11 -6.49 -20.72
C PHE B 253 -30.49 -6.60 -19.31
N GLU B 254 -31.19 -7.29 -18.43
CA GLU B 254 -30.77 -7.39 -17.05
C GLU B 254 -29.42 -8.11 -16.97
N ASP B 255 -29.23 -9.16 -17.78
CA ASP B 255 -27.99 -9.89 -17.80
C ASP B 255 -26.81 -8.97 -18.21
N LEU B 256 -27.01 -8.16 -19.26
CA LEU B 256 -25.99 -7.24 -19.81
C LEU B 256 -25.66 -6.08 -18.83
N ILE B 257 -26.64 -5.54 -18.08
CA ILE B 257 -26.33 -4.52 -17.02
C ILE B 257 -25.51 -5.18 -15.91
N PHE B 258 -25.87 -6.39 -15.53
CA PHE B 258 -25.09 -7.12 -14.56
C PHE B 258 -23.64 -7.25 -15.05
N LEU B 259 -23.45 -7.63 -16.31
CA LEU B 259 -22.13 -7.89 -16.88
C LEU B 259 -21.33 -6.57 -16.88
N ALA B 260 -21.98 -5.48 -17.29
CA ALA B 260 -21.33 -4.17 -17.28
C ALA B 260 -20.85 -3.84 -15.85
N ARG B 261 -21.73 -4.01 -14.85
CA ARG B 261 -21.38 -3.79 -13.45
C ARG B 261 -20.18 -4.65 -13.10
N SER B 262 -20.18 -5.91 -13.54
CA SER B 262 -19.07 -6.86 -13.23
C SER B 262 -17.71 -6.43 -13.81
N ALA B 263 -17.74 -5.69 -14.92
CA ALA B 263 -16.53 -5.30 -15.66
C ALA B 263 -15.85 -4.11 -14.99
N LEU B 264 -16.48 -3.56 -13.95
CA LEU B 264 -15.86 -2.55 -13.11
C LEU B 264 -14.80 -3.19 -12.20
N ILE B 265 -14.86 -4.51 -12.00
CA ILE B 265 -13.94 -5.24 -11.07
C ILE B 265 -13.17 -6.36 -11.80
N LEU B 266 -13.91 -7.30 -12.41
CA LEU B 266 -13.35 -8.26 -13.39
C LEU B 266 -13.33 -7.63 -14.78
N ARG B 267 -12.33 -6.79 -15.01
CA ARG B 267 -12.25 -5.86 -16.14
C ARG B 267 -12.09 -6.61 -17.47
N GLY B 268 -12.68 -6.06 -18.54
CA GLY B 268 -12.52 -6.56 -19.88
C GLY B 268 -11.17 -6.15 -20.44
N SER B 269 -10.74 -6.86 -21.49
CA SER B 269 -9.62 -6.49 -22.36
C SER B 269 -10.08 -5.46 -23.39
N VAL B 270 -9.44 -4.32 -23.38
CA VAL B 270 -9.80 -3.21 -24.20
C VAL B 270 -8.48 -2.66 -24.76
N ALA B 271 -8.40 -2.53 -26.08
CA ALA B 271 -7.18 -2.15 -26.67
C ALA B 271 -6.98 -0.65 -26.37
N HIS B 272 -5.73 -0.24 -26.27
CA HIS B 272 -5.36 1.12 -26.16
C HIS B 272 -4.31 1.41 -27.25
N LYS B 273 -4.59 2.47 -28.01
CA LYS B 273 -3.94 2.81 -29.21
C LYS B 273 -3.74 4.32 -29.17
N SER B 274 -2.47 4.73 -29.22
CA SER B 274 -2.09 6.10 -29.27
C SER B 274 -2.29 6.56 -30.69
N CYS B 275 -3.31 7.39 -30.93
CA CYS B 275 -3.65 7.89 -32.25
C CYS B 275 -3.68 9.39 -32.17
N LEU B 276 -2.78 9.99 -32.97
CA LEU B 276 -2.45 11.41 -32.91
C LEU B 276 -3.25 12.15 -33.97
N PRO B 277 -3.41 13.47 -33.82
CA PRO B 277 -4.02 14.31 -34.84
C PRO B 277 -3.25 14.22 -36.18
N ALA B 278 -3.96 14.39 -37.27
CA ALA B 278 -3.36 14.20 -38.55
C ALA B 278 -2.16 15.13 -38.75
N CYS B 279 -2.20 16.38 -38.24
CA CYS B 279 -1.12 17.35 -38.47
C CYS B 279 0.21 16.85 -37.91
N VAL B 280 0.19 16.03 -36.88
CA VAL B 280 1.41 15.50 -36.36
C VAL B 280 2.03 14.56 -37.38
N TYR B 281 1.26 13.62 -37.90
CA TYR B 281 1.76 12.76 -38.92
C TYR B 281 2.14 13.58 -40.15
N GLY B 282 1.34 14.59 -40.51
CA GLY B 282 1.62 15.47 -41.65
C GLY B 282 2.96 16.13 -41.54
N SER B 283 3.18 16.75 -40.39
CA SER B 283 4.48 17.30 -39.98
C SER B 283 5.61 16.27 -40.19
N ALA B 284 5.45 15.08 -39.61
CA ALA B 284 6.52 14.09 -39.65
C ALA B 284 6.84 13.70 -41.11
N VAL B 285 5.82 13.59 -41.94
CA VAL B 285 6.07 13.20 -43.30
C VAL B 285 6.81 14.33 -44.01
N ALA B 286 6.43 15.58 -43.70
CA ALA B 286 7.10 16.70 -44.29
C ALA B 286 8.59 16.73 -43.89
N SER B 287 8.95 16.22 -42.72
CA SER B 287 10.35 16.17 -42.27
C SER B 287 11.15 15.09 -42.96
N GLY B 288 10.54 14.30 -43.82
CA GLY B 288 11.23 13.22 -44.49
C GLY B 288 11.27 11.98 -43.63
N TYR B 289 10.32 11.84 -42.71
CA TYR B 289 10.16 10.58 -42.00
C TYR B 289 9.40 9.60 -42.87
N ASP B 290 9.95 8.39 -43.01
CA ASP B 290 9.40 7.41 -43.94
C ASP B 290 8.83 6.26 -43.15
N PHE B 291 7.53 6.36 -42.85
CA PHE B 291 6.86 5.56 -41.83
C PHE B 291 6.79 4.10 -42.25
N GLU B 292 6.66 3.91 -43.57
CA GLU B 292 6.58 2.60 -44.19
C GLU B 292 7.96 1.90 -44.19
N ARG B 293 9.04 2.61 -44.51
CA ARG B 293 10.36 1.98 -44.42
C ARG B 293 10.70 1.78 -42.95
N GLU B 294 10.47 2.80 -42.13
CA GLU B 294 10.86 2.79 -40.74
C GLU B 294 9.90 1.92 -39.89
N GLY B 295 8.70 1.57 -40.37
CA GLY B 295 7.70 0.90 -39.55
C GLY B 295 7.13 1.80 -38.46
N TYR B 296 5.99 1.42 -37.89
CA TYR B 296 5.33 2.20 -36.78
C TYR B 296 4.42 1.27 -35.97
N SER B 297 4.23 1.62 -34.70
CA SER B 297 3.39 0.88 -33.78
C SER B 297 2.52 1.85 -32.99
N LEU B 298 1.26 1.49 -32.78
CA LEU B 298 0.29 2.31 -32.08
C LEU B 298 0.42 2.08 -30.57
N VAL B 299 1.23 1.07 -30.19
CA VAL B 299 1.32 0.62 -28.78
C VAL B 299 2.75 0.69 -28.23
N GLY B 300 3.74 0.79 -29.09
CA GLY B 300 5.15 0.87 -28.67
C GLY B 300 5.59 2.30 -28.42
N ILE B 301 6.88 2.55 -28.66
CA ILE B 301 7.53 3.84 -28.42
C ILE B 301 7.11 4.88 -29.47
N ASP B 302 6.68 4.45 -30.64
CA ASP B 302 6.71 5.34 -31.80
C ASP B 302 5.89 6.59 -31.50
N PRO B 303 4.60 6.51 -31.13
CA PRO B 303 3.79 7.72 -30.90
C PRO B 303 4.35 8.67 -29.81
N PHE B 304 4.95 8.13 -28.75
CA PHE B 304 5.66 8.95 -27.77
C PHE B 304 6.83 9.72 -28.41
N ARG B 305 7.62 9.06 -29.26
CA ARG B 305 8.76 9.73 -29.84
C ARG B 305 8.28 10.83 -30.76
N LEU B 306 7.27 10.49 -31.56
CA LEU B 306 6.70 11.41 -32.50
C LEU B 306 6.18 12.65 -31.78
N LEU B 307 5.41 12.49 -30.71
CA LEU B 307 4.91 13.64 -29.96
C LEU B 307 6.02 14.35 -29.22
N GLN B 308 7.13 13.67 -28.85
CA GLN B 308 8.16 14.35 -28.03
C GLN B 308 8.77 15.51 -28.80
N ASN B 309 8.75 15.41 -30.14
CA ASN B 309 9.56 16.26 -30.99
C ASN B 309 8.70 16.94 -32.05
N SER B 310 7.39 16.86 -31.91
CA SER B 310 6.55 17.58 -32.81
C SER B 310 6.01 18.80 -32.09
N GLN B 311 5.31 19.64 -32.82
CA GLN B 311 4.96 20.94 -32.33
C GLN B 311 3.55 21.25 -32.81
N VAL B 312 2.58 21.13 -31.89
CA VAL B 312 1.17 21.36 -32.17
C VAL B 312 0.66 22.59 -31.41
N TYR B 313 -0.20 23.39 -32.05
CA TYR B 313 -0.72 24.59 -31.42
C TYR B 313 -2.24 24.46 -31.21
N SER B 314 -2.73 25.35 -30.33
CA SER B 314 -4.09 25.32 -30.00
C SER B 314 -4.55 26.72 -29.72
N LEU B 315 -5.70 27.04 -30.29
CA LEU B 315 -6.48 28.17 -29.84
C LEU B 315 -6.83 27.92 -28.38
N ILE B 316 -6.99 29.01 -27.63
CA ILE B 316 -7.24 28.95 -26.22
C ILE B 316 -8.03 30.19 -25.80
N ARG B 317 -9.13 29.92 -25.08
CA ARG B 317 -10.05 30.96 -24.65
C ARG B 317 -9.44 31.74 -23.48
N PRO B 318 -9.87 33.01 -23.29
CA PRO B 318 -9.31 33.88 -22.25
C PRO B 318 -9.31 33.31 -20.82
N ASN B 319 -10.26 32.43 -20.47
CA ASN B 319 -10.24 31.98 -19.09
C ASN B 319 -9.54 30.61 -18.96
N GLU B 320 -8.75 30.23 -19.95
CA GLU B 320 -8.28 28.89 -20.02
C GLU B 320 -6.78 28.88 -19.70
N ASN B 321 -6.38 27.81 -19.01
CA ASN B 321 -5.01 27.56 -18.66
C ASN B 321 -4.40 26.67 -19.74
N PRO B 322 -3.44 27.17 -20.55
CA PRO B 322 -2.79 26.34 -21.58
C PRO B 322 -2.25 24.98 -21.11
N ALA B 323 -1.74 24.92 -19.89
CA ALA B 323 -1.24 23.67 -19.33
C ALA B 323 -2.38 22.65 -19.28
N HIS B 324 -3.59 23.13 -19.00
CA HIS B 324 -4.75 22.30 -18.82
C HIS B 324 -5.24 21.79 -20.18
N LYS B 325 -5.33 22.68 -21.15
CA LYS B 325 -5.62 22.29 -22.51
C LYS B 325 -4.64 21.20 -22.97
N SER B 326 -3.37 21.42 -22.69
CA SER B 326 -2.29 20.49 -23.00
C SER B 326 -2.58 19.10 -22.42
N GLN B 327 -3.00 19.03 -21.16
CA GLN B 327 -3.21 17.79 -20.48
C GLN B 327 -4.29 17.03 -21.24
N LEU B 328 -5.34 17.78 -21.62
CA LEU B 328 -6.48 17.18 -22.24
C LEU B 328 -6.03 16.46 -23.50
N VAL B 329 -5.29 17.17 -24.37
CA VAL B 329 -4.82 16.64 -25.62
C VAL B 329 -3.85 15.46 -25.37
N TRP B 330 -2.98 15.63 -24.40
CA TRP B 330 -2.07 14.54 -24.07
C TRP B 330 -2.87 13.29 -23.71
N MET B 331 -3.80 13.38 -22.75
CA MET B 331 -4.65 12.23 -22.37
C MET B 331 -5.35 11.61 -23.59
N ALA B 332 -5.93 12.43 -24.46
CA ALA B 332 -6.57 11.94 -25.67
C ALA B 332 -5.58 11.18 -26.54
N CYS B 333 -4.43 11.79 -26.83
CA CYS B 333 -3.39 11.17 -27.70
C CYS B 333 -3.05 9.74 -27.28
N HIS B 334 -3.01 9.49 -25.97
CA HIS B 334 -2.57 8.23 -25.44
C HIS B 334 -3.74 7.46 -24.78
N SER B 335 -4.98 7.85 -25.08
CA SER B 335 -6.12 7.06 -24.69
C SER B 335 -6.09 6.84 -23.19
N ALA B 336 -5.79 7.89 -22.42
CA ALA B 336 -5.57 7.75 -20.97
C ALA B 336 -6.71 8.33 -20.11
N ALA B 337 -7.84 8.76 -20.71
CA ALA B 337 -9.03 9.27 -19.95
C ALA B 337 -9.32 8.43 -18.71
N PHE B 338 -9.32 7.10 -18.80
CA PHE B 338 -9.76 6.27 -17.66
C PHE B 338 -8.59 5.62 -16.88
N GLU B 339 -7.38 6.19 -17.01
CA GLU B 339 -6.21 5.62 -16.38
C GLU B 339 -5.98 6.35 -15.06
N ASP B 340 -5.35 5.64 -14.13
CA ASP B 340 -4.93 6.16 -12.86
C ASP B 340 -4.07 7.41 -13.08
N LEU B 341 -4.53 8.54 -12.54
CA LEU B 341 -3.86 9.79 -12.66
C LEU B 341 -2.41 9.69 -12.20
N ARG B 342 -2.15 8.83 -11.23
CA ARG B 342 -0.76 8.81 -10.67
C ARG B 342 0.15 8.18 -11.73
N VAL B 343 -0.34 7.16 -12.44
CA VAL B 343 0.37 6.55 -13.57
C VAL B 343 0.58 7.57 -14.69
N SER B 344 -0.49 8.24 -15.10
CA SER B 344 -0.36 9.27 -16.12
C SER B 344 0.68 10.32 -15.66
N SER B 345 0.62 10.73 -14.38
CA SER B 345 1.51 11.76 -13.82
C SER B 345 3.00 11.34 -13.87
N PHE B 346 3.24 10.09 -13.46
CA PHE B 346 4.53 9.53 -13.44
C PHE B 346 5.12 9.55 -14.84
N ILE B 347 4.42 9.01 -15.84
CA ILE B 347 4.93 8.89 -17.21
C ILE B 347 5.22 10.29 -17.76
N ARG B 348 4.30 11.21 -17.49
CA ARG B 348 4.26 12.50 -18.16
C ARG B 348 5.31 13.44 -17.56
N GLY B 349 5.52 13.34 -16.25
CA GLY B 349 6.52 14.16 -15.55
C GLY B 349 5.95 15.42 -14.93
N THR B 350 4.71 15.79 -15.28
CA THR B 350 3.92 16.81 -14.62
C THR B 350 2.65 16.15 -14.02
N LYS B 351 2.03 16.81 -13.04
CA LYS B 351 0.81 16.31 -12.40
C LYS B 351 -0.33 16.31 -13.43
N VAL B 352 -0.95 15.16 -13.62
CA VAL B 352 -2.12 15.06 -14.41
C VAL B 352 -3.30 15.11 -13.45
N VAL B 353 -4.09 16.15 -13.62
CA VAL B 353 -5.04 16.70 -12.64
C VAL B 353 -6.45 16.21 -12.95
N PRO B 354 -7.35 16.01 -11.98
CA PRO B 354 -8.73 15.59 -12.28
C PRO B 354 -9.50 16.57 -13.15
N ARG B 355 -10.51 16.06 -13.90
CA ARG B 355 -11.35 16.86 -14.89
C ARG B 355 -12.03 18.04 -14.19
N GLY B 356 -12.42 17.86 -12.94
CA GLY B 356 -13.06 18.92 -12.19
C GLY B 356 -12.14 20.09 -11.85
N LYS B 357 -10.83 19.86 -11.86
CA LYS B 357 -9.88 20.91 -11.46
C LYS B 357 -9.30 21.61 -12.70
N LEU B 358 -9.84 21.33 -13.89
CA LEU B 358 -9.18 21.57 -15.16
C LEU B 358 -9.82 22.78 -15.84
N SER B 359 -9.12 23.92 -15.85
CA SER B 359 -9.58 25.16 -16.50
C SER B 359 -9.46 25.12 -18.03
N THR B 360 -10.30 24.31 -18.68
CA THR B 360 -10.46 24.37 -20.12
C THR B 360 -11.77 23.70 -20.49
N ARG B 361 -12.35 24.12 -21.62
CA ARG B 361 -13.70 23.73 -22.06
C ARG B 361 -13.69 22.85 -23.32
N GLY B 362 -12.52 22.43 -23.84
CA GLY B 362 -12.58 21.54 -25.04
C GLY B 362 -12.01 22.18 -26.30
N VAL B 363 -11.64 21.34 -27.26
CA VAL B 363 -10.72 21.78 -28.24
C VAL B 363 -11.42 22.45 -29.41
N GLN B 364 -12.55 21.92 -29.89
CA GLN B 364 -13.29 22.60 -30.96
C GLN B 364 -13.77 23.95 -30.40
N ILE B 365 -14.04 24.89 -31.29
CA ILE B 365 -14.57 26.19 -30.94
C ILE B 365 -15.94 26.35 -31.63
N ALA B 366 -16.97 26.70 -30.85
CA ALA B 366 -18.33 26.88 -31.35
C ALA B 366 -18.45 28.18 -32.18
N SER B 367 -19.44 28.16 -33.08
CA SER B 367 -19.61 29.16 -34.11
C SER B 367 -19.93 30.55 -33.53
N ASN B 368 -20.46 30.59 -32.31
CA ASN B 368 -20.89 31.84 -31.72
C ASN B 368 -19.84 32.33 -30.72
N GLU B 369 -18.65 31.72 -30.78
CA GLU B 369 -17.56 32.13 -29.92
C GLU B 369 -16.88 33.33 -30.58
N ASN B 370 -16.32 34.21 -29.74
CA ASN B 370 -15.79 35.48 -30.17
C ASN B 370 -14.31 35.32 -30.54
N MET B 371 -13.98 35.49 -31.83
CA MET B 371 -12.62 35.27 -32.33
C MET B 371 -11.65 36.36 -31.87
N GLU B 372 -12.18 37.49 -31.43
CA GLU B 372 -11.34 38.64 -31.14
C GLU B 372 -10.54 38.41 -29.86
N THR B 373 -11.10 37.64 -28.92
CA THR B 373 -10.52 37.42 -27.60
C THR B 373 -9.70 36.13 -27.59
N MET B 374 -9.50 35.53 -28.77
CA MET B 374 -8.93 34.21 -28.92
C MET B 374 -7.40 34.35 -29.05
N GLU B 375 -6.64 33.71 -28.15
CA GLU B 375 -5.15 33.67 -28.21
C GLU B 375 -4.70 32.23 -28.54
N SER B 376 -3.42 32.02 -28.78
CA SER B 376 -2.95 30.68 -29.19
C SER B 376 -1.64 30.34 -28.47
N SER B 377 -1.51 29.07 -28.03
CA SER B 377 -0.28 28.59 -27.37
C SER B 377 0.19 27.24 -27.92
N THR B 378 1.46 26.94 -27.62
CA THR B 378 2.02 25.66 -27.93
C THR B 378 1.53 24.66 -26.90
N LEU B 379 0.98 23.56 -27.39
CA LEU B 379 0.55 22.50 -26.58
C LEU B 379 1.82 21.82 -26.10
N GLU B 380 1.88 21.59 -24.80
CA GLU B 380 2.91 20.83 -24.21
C GLU B 380 2.49 19.37 -24.27
N LEU B 381 3.01 18.59 -25.23
CA LEU B 381 2.54 17.17 -25.43
C LEU B 381 3.60 16.12 -25.09
N ARG B 382 4.70 16.58 -24.50
CA ARG B 382 5.86 15.79 -24.33
C ARG B 382 5.63 14.97 -23.09
N SER B 383 6.58 14.09 -22.77
CA SER B 383 6.49 13.37 -21.52
C SER B 383 7.87 12.88 -21.08
N ARG B 384 7.97 12.54 -19.82
CA ARG B 384 9.26 12.24 -19.18
C ARG B 384 9.65 10.82 -19.60
N TYR B 385 8.66 9.91 -19.63
CA TYR B 385 8.90 8.52 -20.05
C TYR B 385 7.86 8.08 -21.09
N TRP B 386 7.97 6.81 -21.48
CA TRP B 386 6.90 6.16 -22.19
C TRP B 386 6.59 4.85 -21.47
N ALA B 387 5.44 4.28 -21.83
CA ALA B 387 4.99 2.99 -21.35
C ALA B 387 4.20 2.32 -22.47
N ILE B 388 4.32 1.00 -22.55
CA ILE B 388 3.63 0.25 -23.57
C ILE B 388 2.15 0.41 -23.27
N ARG B 389 1.28 0.55 -24.28
CA ARG B 389 -0.17 0.46 -24.10
C ARG B 389 -0.63 -1.01 -24.12
N THR B 390 -1.50 -1.42 -23.18
CA THR B 390 -2.01 -2.83 -23.14
C THR B 390 -3.45 -2.94 -23.65
N ARG B 391 -3.80 -4.18 -24.02
CA ARG B 391 -5.16 -4.59 -24.25
C ARG B 391 -5.64 -5.42 -23.06
N SER B 392 -4.78 -5.63 -22.07
CA SER B 392 -5.10 -6.32 -20.81
C SER B 392 -5.92 -5.46 -19.83
N GLY B 393 -6.71 -6.13 -19.00
CA GLY B 393 -7.48 -5.48 -17.96
C GLY B 393 -6.89 -5.67 -16.56
N GLY B 394 -5.74 -6.37 -16.43
CA GLY B 394 -5.21 -6.81 -15.11
C GLY B 394 -5.59 -8.26 -14.83
N ASN B 395 -5.52 -8.70 -13.57
CA ASN B 395 -6.03 -10.07 -13.22
C ASN B 395 -7.49 -9.96 -12.79
N SER B 403 4.96 -21.37 -10.61
CA SER B 403 5.80 -21.80 -9.47
C SER B 403 6.97 -20.81 -9.22
N GLY B 404 7.85 -21.14 -8.24
CA GLY B 404 8.85 -20.21 -7.73
C GLY B 404 8.51 -19.69 -6.34
N GLN B 405 9.46 -19.02 -5.71
CA GLN B 405 9.34 -18.52 -4.39
C GLN B 405 8.46 -17.27 -4.43
N ILE B 406 7.51 -17.13 -3.50
CA ILE B 406 6.61 -15.97 -3.52
C ILE B 406 6.65 -15.23 -2.17
N SER B 407 7.62 -15.57 -1.31
CA SER B 407 7.74 -14.91 0.00
C SER B 407 9.15 -15.13 0.55
N ILE B 408 9.50 -14.34 1.54
CA ILE B 408 10.82 -14.35 2.16
C ILE B 408 10.64 -14.92 3.57
N GLN B 409 11.66 -15.64 4.03
CA GLN B 409 11.75 -16.02 5.41
C GLN B 409 12.99 -15.34 5.98
N PRO B 410 12.83 -14.42 6.94
CA PRO B 410 13.96 -13.61 7.35
C PRO B 410 15.01 -14.52 7.99
N THR B 411 16.28 -14.24 7.69
CA THR B 411 17.41 -14.95 8.29
C THR B 411 18.18 -14.06 9.27
N PHE B 412 18.30 -12.77 8.93
CA PHE B 412 19.05 -11.86 9.80
C PHE B 412 18.12 -10.84 10.43
N SER B 413 18.49 -10.48 11.67
CA SER B 413 17.95 -9.33 12.42
C SER B 413 18.42 -8.00 11.81
N VAL B 414 17.59 -7.46 10.91
CA VAL B 414 17.94 -6.31 10.09
C VAL B 414 16.62 -5.63 9.72
N GLN B 415 16.58 -4.31 9.76
CA GLN B 415 15.36 -3.57 9.48
C GLN B 415 15.12 -3.55 7.98
N ARG B 416 13.90 -3.92 7.60
CA ARG B 416 13.48 -3.96 6.21
C ARG B 416 12.04 -4.46 6.13
N ASN B 417 11.40 -4.20 4.99
CA ASN B 417 10.10 -4.81 4.74
C ASN B 417 10.32 -6.27 4.36
N LEU B 418 9.24 -7.07 4.41
CA LEU B 418 9.30 -8.51 4.13
C LEU B 418 8.43 -8.81 2.92
N PRO B 419 9.01 -8.70 1.69
CA PRO B 419 8.27 -8.98 0.47
C PRO B 419 7.52 -10.33 0.46
N PHE B 420 6.39 -10.30 -0.25
CA PHE B 420 5.62 -11.46 -0.63
C PHE B 420 4.70 -10.98 -1.74
N ASP B 421 4.22 -11.93 -2.53
CA ASP B 421 3.37 -11.71 -3.65
C ASP B 421 1.92 -11.90 -3.17
N ARG B 422 1.30 -10.79 -2.75
CA ARG B 422 -0.02 -10.75 -2.14
C ARG B 422 -1.08 -11.21 -3.13
N PRO B 423 -1.09 -10.73 -4.39
CA PRO B 423 -2.09 -11.21 -5.34
C PRO B 423 -2.14 -12.73 -5.52
N THR B 424 -0.98 -13.39 -5.64
CA THR B 424 -0.91 -14.83 -5.86
C THR B 424 -1.39 -15.62 -4.64
N ILE B 425 -0.89 -15.26 -3.46
CA ILE B 425 -1.17 -15.98 -2.23
C ILE B 425 -2.65 -15.86 -1.92
N MET B 426 -3.18 -14.63 -1.88
CA MET B 426 -4.60 -14.37 -1.56
C MET B 426 -5.52 -15.05 -2.60
N ALA B 427 -5.03 -15.27 -3.83
CA ALA B 427 -5.84 -15.77 -4.94
C ALA B 427 -6.50 -17.11 -4.59
N ALA B 428 -5.90 -17.85 -3.64
CA ALA B 428 -6.35 -19.18 -3.24
C ALA B 428 -7.77 -19.11 -2.67
N SER B 438 -22.60 -22.96 -9.70
CA SER B 438 -23.12 -23.38 -11.02
C SER B 438 -24.12 -22.37 -11.63
N ASP B 439 -24.54 -21.36 -10.86
CA ASP B 439 -25.32 -20.20 -11.37
C ASP B 439 -24.34 -19.06 -11.62
N MET B 440 -24.30 -18.60 -12.88
CA MET B 440 -23.20 -17.74 -13.34
C MET B 440 -23.20 -16.40 -12.58
N ARG B 441 -24.35 -15.76 -12.44
CA ARG B 441 -24.50 -14.58 -11.63
C ARG B 441 -23.73 -14.77 -10.31
N THR B 442 -23.98 -15.90 -9.63
CA THR B 442 -23.49 -16.14 -8.25
C THR B 442 -21.97 -16.29 -8.28
N GLU B 443 -21.46 -17.02 -9.27
CA GLU B 443 -20.00 -17.19 -9.45
C GLU B 443 -19.32 -15.82 -9.60
N ILE B 444 -19.94 -14.93 -10.37
CA ILE B 444 -19.37 -13.64 -10.68
C ILE B 444 -19.39 -12.76 -9.40
N ILE B 445 -20.53 -12.70 -8.70
CA ILE B 445 -20.64 -11.92 -7.47
C ILE B 445 -19.58 -12.42 -6.49
N ARG B 446 -19.39 -13.74 -6.43
CA ARG B 446 -18.37 -14.29 -5.55
C ARG B 446 -17.02 -13.66 -5.92
N LEU B 447 -16.64 -13.67 -7.21
CA LEU B 447 -15.32 -13.20 -7.65
C LEU B 447 -15.17 -11.68 -7.47
N MET B 448 -16.23 -10.94 -7.73
CA MET B 448 -16.25 -9.47 -7.48
C MET B 448 -16.02 -9.15 -5.99
N GLU B 449 -16.68 -9.92 -5.11
CA GLU B 449 -16.63 -9.75 -3.65
C GLU B 449 -15.21 -10.12 -3.14
N SER B 450 -14.54 -11.06 -3.81
CA SER B 450 -13.23 -11.52 -3.40
C SER B 450 -12.16 -10.46 -3.70
N ALA B 451 -12.33 -9.78 -4.84
CA ALA B 451 -11.30 -8.94 -5.41
C ALA B 451 -10.95 -7.81 -4.46
N ARG B 452 -9.66 -7.46 -4.46
CA ARG B 452 -9.07 -6.43 -3.65
C ARG B 452 -8.54 -5.32 -4.54
N PRO B 453 -9.00 -4.05 -4.34
CA PRO B 453 -8.57 -2.95 -5.20
C PRO B 453 -7.06 -2.73 -5.09
N GLU B 454 -6.46 -3.24 -4.03
CA GLU B 454 -5.09 -2.93 -3.75
C GLU B 454 -4.17 -4.09 -4.17
N ASP B 455 -4.74 -5.09 -4.86
CA ASP B 455 -3.93 -6.11 -5.52
C ASP B 455 -3.10 -5.44 -6.62
N VAL B 456 -1.85 -5.84 -6.79
CA VAL B 456 -1.02 -5.30 -7.84
C VAL B 456 -1.18 -6.15 -9.08
N SER B 457 -1.28 -5.49 -10.22
CA SER B 457 -1.24 -6.07 -11.55
C SER B 457 0.02 -5.54 -12.26
N PHE B 458 0.30 -6.13 -13.43
CA PHE B 458 1.39 -5.79 -14.30
C PHE B 458 2.71 -5.84 -13.51
N GLN B 459 2.86 -6.91 -12.71
CA GLN B 459 4.03 -7.07 -11.83
C GLN B 459 5.26 -7.15 -12.73
N GLY B 460 6.28 -6.35 -12.44
CA GLY B 460 7.51 -6.34 -13.24
C GLY B 460 7.49 -5.37 -14.42
N ARG B 461 6.32 -4.88 -14.82
CA ARG B 461 6.20 -4.07 -15.98
C ARG B 461 6.48 -2.62 -15.57
N GLY B 462 7.30 -1.94 -16.37
CA GLY B 462 7.86 -0.64 -16.03
C GLY B 462 7.73 0.35 -17.18
N VAL B 463 8.01 1.62 -16.87
CA VAL B 463 8.15 2.64 -17.90
C VAL B 463 9.57 2.60 -18.52
N PHE B 464 9.77 3.35 -19.61
CA PHE B 464 11.00 3.33 -20.32
C PHE B 464 11.42 4.73 -20.66
N GLU B 465 12.74 4.93 -20.90
CA GLU B 465 13.27 6.16 -21.38
C GLU B 465 12.88 6.27 -22.84
N LEU B 466 12.75 7.49 -23.33
CA LEU B 466 12.40 7.76 -24.72
C LEU B 466 13.54 7.43 -25.68
N SER B 467 14.72 7.06 -25.20
CA SER B 467 15.81 6.49 -26.05
C SER B 467 15.67 4.97 -26.26
N ASP B 468 14.78 4.33 -25.52
CA ASP B 468 14.82 2.89 -25.31
C ASP B 468 13.80 2.21 -26.21
N GLU B 469 14.05 2.29 -27.52
CA GLU B 469 13.24 1.71 -28.64
C GLU B 469 12.80 0.26 -28.36
N LYS B 470 13.76 -0.57 -27.94
CA LYS B 470 13.62 -2.00 -27.86
C LYS B 470 13.11 -2.42 -26.46
N ALA B 471 12.71 -1.45 -25.63
CA ALA B 471 12.05 -1.76 -24.33
C ALA B 471 12.92 -2.69 -23.49
N THR B 472 14.18 -2.30 -23.35
CA THR B 472 15.29 -3.01 -22.83
C THR B 472 15.42 -2.89 -21.30
N SER B 473 15.03 -1.75 -20.71
CA SER B 473 15.43 -1.40 -19.36
C SER B 473 14.23 -0.85 -18.61
N PRO B 474 13.29 -1.69 -18.10
CA PRO B 474 12.07 -1.21 -17.46
C PRO B 474 12.41 -0.51 -16.15
N ILE B 475 11.71 0.60 -15.87
CA ILE B 475 11.84 1.34 -14.62
C ILE B 475 10.50 1.23 -13.87
N VAL B 476 10.50 0.43 -12.80
CA VAL B 476 9.25 0.02 -12.14
C VAL B 476 8.98 1.03 -11.05
N PRO B 477 7.83 1.74 -11.07
CA PRO B 477 7.54 2.78 -10.10
C PRO B 477 7.04 2.15 -8.79
N SER B 478 6.86 2.96 -7.75
CA SER B 478 6.35 2.45 -6.44
C SER B 478 5.14 3.24 -5.97
N PHE B 479 3.98 2.81 -6.47
CA PHE B 479 2.76 3.44 -6.14
C PHE B 479 2.25 2.88 -4.80
N ASP B 480 1.46 3.69 -4.12
CA ASP B 480 0.76 3.29 -2.93
C ASP B 480 -0.53 2.57 -3.34
N MET B 481 -0.57 1.29 -2.96
CA MET B 481 -1.61 0.34 -3.33
C MET B 481 -2.88 0.60 -2.52
N SER B 482 -2.78 1.30 -1.37
CA SER B 482 -3.97 1.76 -0.52
C SER B 482 -4.83 2.83 -1.22
N ASN B 483 -4.31 3.37 -2.32
CA ASN B 483 -4.90 4.50 -2.99
C ASN B 483 -5.82 4.01 -4.13
N GLU B 484 -7.13 4.26 -3.95
CA GLU B 484 -8.18 3.90 -4.92
C GLU B 484 -9.04 5.13 -5.29
N GLY B 485 -8.41 6.30 -5.48
CA GLY B 485 -9.12 7.60 -5.73
C GLY B 485 -8.71 8.34 -7.01
N SER B 486 -7.70 7.87 -7.77
CA SER B 486 -7.06 8.69 -8.82
C SER B 486 -7.80 8.52 -10.18
N TYR B 487 -9.03 9.03 -10.20
CA TYR B 487 -9.91 9.01 -11.30
C TYR B 487 -9.90 10.37 -11.97
N PHE B 488 -9.94 10.39 -13.28
CA PHE B 488 -10.10 11.61 -13.96
C PHE B 488 -11.46 12.24 -13.62
N PHE B 489 -12.54 11.45 -13.57
CA PHE B 489 -13.92 12.01 -13.59
C PHE B 489 -14.62 11.88 -12.22
N GLY B 490 -15.29 12.96 -11.79
CA GLY B 490 -16.27 12.91 -10.74
C GLY B 490 -16.36 14.21 -9.98
N ASN C 21 25.91 -16.89 32.71
CA ASN C 21 24.95 -17.90 32.11
C ASN C 21 24.88 -17.79 30.57
N ALA C 22 24.94 -16.55 30.04
CA ALA C 22 25.15 -16.31 28.60
C ALA C 22 26.47 -16.97 28.15
N THR C 23 27.48 -16.86 29.02
CA THR C 23 28.81 -17.35 28.75
C THR C 23 28.86 -18.87 29.00
N GLU C 24 27.87 -19.43 29.70
CA GLU C 24 27.80 -20.88 29.93
C GLU C 24 27.46 -21.55 28.60
N ILE C 25 26.52 -20.95 27.87
CA ILE C 25 26.14 -21.41 26.53
C ILE C 25 27.32 -21.26 25.57
N ARG C 26 27.98 -20.11 25.58
CA ARG C 26 29.10 -19.92 24.68
C ARG C 26 30.14 -21.02 24.89
N ALA C 27 30.33 -21.45 26.13
CA ALA C 27 31.35 -22.43 26.46
C ALA C 27 30.95 -23.83 25.95
N SER C 28 29.65 -24.12 26.01
CA SER C 28 29.17 -25.43 25.60
C SER C 28 29.14 -25.56 24.06
N VAL C 29 28.71 -24.51 23.36
CA VAL C 29 28.82 -24.44 21.91
C VAL C 29 30.28 -24.54 21.50
N GLY C 30 31.13 -23.78 22.23
CA GLY C 30 32.56 -23.81 22.05
C GLY C 30 33.09 -25.23 22.10
N LYS C 31 32.68 -25.96 23.17
CA LYS C 31 33.13 -27.36 23.38
C LYS C 31 32.69 -28.23 22.21
N MET C 32 31.48 -27.99 21.67
CA MET C 32 30.95 -28.79 20.59
C MET C 32 31.77 -28.56 19.29
N ILE C 33 32.05 -27.31 18.98
CA ILE C 33 32.87 -26.95 17.84
C ILE C 33 34.26 -27.61 17.98
N ASP C 34 34.90 -27.46 19.16
CA ASP C 34 36.19 -28.07 19.47
C ASP C 34 36.17 -29.53 19.02
N GLY C 35 35.14 -30.25 19.48
CA GLY C 35 35.00 -31.65 19.20
C GLY C 35 35.04 -31.92 17.71
N ILE C 36 34.22 -31.20 16.95
CA ILE C 36 34.10 -31.43 15.51
C ILE C 36 35.46 -31.15 14.89
N GLY C 37 36.14 -30.09 15.36
CA GLY C 37 37.43 -29.70 14.83
C GLY C 37 38.44 -30.82 15.02
N ARG C 38 38.56 -31.27 16.27
CA ARG C 38 39.49 -32.33 16.65
C ARG C 38 39.22 -33.57 15.80
N PHE C 39 37.94 -33.96 15.69
CA PHE C 39 37.58 -35.13 14.93
C PHE C 39 38.02 -34.95 13.46
N TYR C 40 37.84 -33.76 12.91
CA TYR C 40 38.22 -33.51 11.54
C TYR C 40 39.74 -33.67 11.41
N ILE C 41 40.50 -33.08 12.32
CA ILE C 41 41.96 -33.16 12.27
C ILE C 41 42.39 -34.63 12.26
N GLN C 42 41.80 -35.43 13.16
CA GLN C 42 42.12 -36.84 13.33
C GLN C 42 41.85 -37.61 12.04
N MET C 43 40.76 -37.28 11.35
CA MET C 43 40.33 -37.95 10.12
C MET C 43 41.26 -37.59 8.96
N CYS C 44 41.82 -36.39 9.00
CA CYS C 44 42.75 -35.97 8.00
C CYS C 44 44.08 -36.70 8.22
N THR C 45 44.43 -36.92 9.48
CA THR C 45 45.65 -37.66 9.79
C THR C 45 45.54 -39.10 9.28
N GLU C 46 44.40 -39.74 9.52
CA GLU C 46 44.19 -41.15 9.18
C GLU C 46 44.19 -41.33 7.66
N LEU C 47 43.60 -40.38 6.93
CA LEU C 47 43.55 -40.43 5.46
C LEU C 47 44.85 -39.86 4.85
N LYS C 48 45.75 -39.32 5.69
CA LYS C 48 46.99 -38.73 5.23
C LYS C 48 46.66 -37.71 4.13
N LEU C 49 45.79 -36.76 4.48
CA LEU C 49 45.47 -35.63 3.65
C LEU C 49 46.45 -34.52 4.02
N SER C 50 46.97 -33.83 2.99
CA SER C 50 47.79 -32.63 3.22
C SER C 50 46.91 -31.56 3.88
N ASP C 51 47.51 -30.42 4.22
CA ASP C 51 46.74 -29.26 4.69
C ASP C 51 45.85 -28.71 3.56
N TYR C 52 46.33 -28.75 2.33
CA TYR C 52 45.59 -28.26 1.17
C TYR C 52 44.34 -29.13 0.97
N GLU C 53 44.50 -30.45 1.01
CA GLU C 53 43.42 -31.40 0.72
C GLU C 53 42.32 -31.33 1.78
N GLY C 54 42.74 -31.15 3.04
CA GLY C 54 41.93 -31.02 4.23
C GLY C 54 41.00 -29.82 4.18
N ARG C 55 41.39 -28.79 3.42
CA ARG C 55 40.57 -27.61 3.26
C ARG C 55 39.68 -27.71 2.01
N LEU C 56 39.69 -28.85 1.32
CA LEU C 56 38.81 -29.07 0.18
C LEU C 56 37.41 -29.44 0.71
N ILE C 57 36.42 -28.55 0.46
CA ILE C 57 35.07 -28.74 0.98
C ILE C 57 34.53 -30.13 0.57
N GLN C 58 34.84 -30.62 -0.63
CA GLN C 58 34.35 -31.92 -1.06
C GLN C 58 34.81 -33.00 -0.06
N ASN C 59 36.03 -32.87 0.44
CA ASN C 59 36.58 -33.83 1.37
C ASN C 59 35.86 -33.65 2.70
N SER C 60 35.48 -32.42 3.01
CA SER C 60 34.80 -32.14 4.27
C SER C 60 33.45 -32.89 4.29
N LEU C 61 32.70 -32.77 3.19
CA LEU C 61 31.40 -33.37 3.02
C LEU C 61 31.47 -34.88 3.23
N THR C 62 32.45 -35.54 2.62
CA THR C 62 32.60 -36.99 2.71
C THR C 62 32.90 -37.39 4.15
N ILE C 63 33.87 -36.73 4.75
CA ILE C 63 34.20 -37.00 6.14
C ILE C 63 32.95 -36.79 7.00
N GLU C 64 32.24 -35.69 6.78
CA GLU C 64 31.01 -35.40 7.53
C GLU C 64 30.04 -36.57 7.34
N ARG C 65 29.74 -36.96 6.08
CA ARG C 65 28.73 -37.97 5.77
C ARG C 65 29.10 -39.32 6.39
N MET C 66 30.39 -39.63 6.42
CA MET C 66 30.85 -40.85 7.02
C MET C 66 30.47 -40.88 8.51
N VAL C 67 30.78 -39.84 9.27
CA VAL C 67 30.55 -39.90 10.73
C VAL C 67 29.04 -39.97 10.99
N LEU C 68 28.25 -39.28 10.17
CA LEU C 68 26.82 -39.23 10.43
C LEU C 68 26.22 -40.62 10.19
N SER C 69 26.63 -41.22 9.05
CA SER C 69 26.32 -42.57 8.65
C SER C 69 26.66 -43.60 9.74
N ALA C 70 27.83 -43.40 10.38
CA ALA C 70 28.32 -44.29 11.43
C ALA C 70 27.38 -44.31 12.64
N PHE C 71 26.56 -43.26 12.82
CA PHE C 71 25.74 -43.15 14.03
C PHE C 71 24.27 -43.30 13.69
N ASP C 72 23.96 -43.56 12.42
CA ASP C 72 22.59 -43.62 11.97
C ASP C 72 22.02 -44.95 12.48
N GLU C 73 21.52 -44.91 13.72
CA GLU C 73 20.89 -46.02 14.46
C GLU C 73 19.82 -46.68 13.59
N ARG C 74 18.89 -45.85 13.09
CA ARG C 74 17.87 -46.26 12.12
C ARG C 74 18.48 -47.20 11.08
N ARG C 75 19.51 -46.71 10.36
CA ARG C 75 20.10 -47.35 9.17
C ARG C 75 20.87 -48.63 9.56
N ASN C 76 21.47 -48.63 10.76
CA ASN C 76 22.42 -49.68 11.10
C ASN C 76 21.69 -50.87 11.79
N LYS C 77 20.36 -50.85 11.84
CA LYS C 77 19.55 -52.06 12.09
C LYS C 77 18.89 -52.50 10.77
N ASP C 88 31.64 -54.94 3.58
CA ASP C 88 30.49 -55.20 4.45
C ASP C 88 29.42 -54.15 4.18
N PRO C 89 28.14 -54.36 4.55
CA PRO C 89 27.36 -53.26 5.13
C PRO C 89 27.51 -53.02 6.64
N LYS C 90 28.72 -53.26 7.19
CA LYS C 90 29.12 -52.72 8.51
C LYS C 90 30.18 -51.61 8.29
N LYS C 91 30.29 -51.18 7.03
CA LYS C 91 31.32 -50.26 6.52
C LYS C 91 30.64 -49.01 5.96
N THR C 92 31.40 -47.91 5.88
CA THR C 92 30.92 -46.64 5.32
C THR C 92 32.03 -46.06 4.44
N GLY C 93 31.68 -45.12 3.56
CA GLY C 93 32.69 -44.32 2.90
C GLY C 93 32.12 -43.34 1.89
N GLY C 94 32.92 -43.03 0.87
CA GLY C 94 32.56 -42.07 -0.17
C GLY C 94 33.82 -41.51 -0.85
N PRO C 95 33.68 -40.47 -1.69
CA PRO C 95 34.79 -39.96 -2.47
C PRO C 95 35.72 -39.05 -1.66
N ILE C 96 37.01 -39.40 -1.63
CA ILE C 96 38.09 -38.52 -1.13
C ILE C 96 38.90 -38.03 -2.34
N TYR C 97 39.28 -36.75 -2.35
CA TYR C 97 40.00 -36.19 -3.49
C TYR C 97 41.44 -35.86 -3.08
N ARG C 98 42.40 -36.09 -4.00
CA ARG C 98 43.81 -35.85 -3.69
C ARG C 98 44.45 -34.98 -4.77
N ARG C 99 45.41 -34.18 -4.31
CA ARG C 99 46.24 -33.35 -5.15
C ARG C 99 47.44 -34.20 -5.58
N VAL C 100 47.47 -34.57 -6.86
CA VAL C 100 48.51 -35.44 -7.44
C VAL C 100 49.19 -34.67 -8.58
N ASP C 101 50.32 -34.01 -8.24
CA ASP C 101 51.04 -33.10 -9.13
C ASP C 101 50.07 -32.08 -9.71
N GLY C 102 49.41 -31.33 -8.82
CA GLY C 102 48.54 -30.19 -9.19
C GLY C 102 47.29 -30.58 -9.96
N LYS C 103 46.96 -31.88 -9.94
CA LYS C 103 45.76 -32.39 -10.59
C LYS C 103 44.98 -33.14 -9.52
N TRP C 104 43.66 -33.19 -9.70
CA TRP C 104 42.77 -33.70 -8.68
C TRP C 104 42.29 -35.12 -9.05
N ARG C 105 42.61 -36.08 -8.17
CA ARG C 105 42.30 -37.50 -8.37
C ARG C 105 41.29 -37.94 -7.29
N ARG C 106 40.19 -38.56 -7.75
CA ARG C 106 39.13 -39.12 -6.89
C ARG C 106 39.46 -40.59 -6.56
N GLU C 107 39.54 -40.92 -5.25
CA GLU C 107 39.52 -42.30 -4.72
C GLU C 107 38.25 -42.53 -3.89
N LEU C 108 37.67 -43.73 -3.96
CA LEU C 108 36.53 -44.11 -3.08
C LEU C 108 37.07 -44.94 -1.91
N ILE C 109 36.81 -44.53 -0.67
CA ILE C 109 37.43 -45.14 0.51
C ILE C 109 36.36 -45.91 1.32
N LEU C 110 36.82 -46.73 2.28
CA LEU C 110 35.92 -47.53 3.10
C LEU C 110 36.39 -47.62 4.55
N TYR C 111 35.44 -47.55 5.48
CA TYR C 111 35.77 -47.44 6.87
C TYR C 111 34.76 -48.23 7.70
N ASP C 112 35.21 -48.64 8.90
CA ASP C 112 34.36 -49.32 9.82
C ASP C 112 33.55 -48.30 10.61
N LYS C 113 32.23 -48.47 10.62
CA LYS C 113 31.40 -47.55 11.34
C LYS C 113 31.88 -47.51 12.80
N GLU C 114 32.30 -48.65 13.36
CA GLU C 114 32.69 -48.65 14.78
C GLU C 114 34.11 -48.02 14.94
N GLU C 115 34.92 -47.97 13.87
CA GLU C 115 36.21 -47.25 13.91
C GLU C 115 35.94 -45.74 13.94
N ILE C 116 34.98 -45.29 13.13
CA ILE C 116 34.66 -43.87 13.00
C ILE C 116 33.96 -43.40 14.27
N ARG C 117 33.03 -44.20 14.80
CA ARG C 117 32.34 -43.89 16.08
C ARG C 117 33.36 -43.76 17.22
N ARG C 118 34.41 -44.59 17.17
CA ARG C 118 35.45 -44.63 18.18
C ARG C 118 36.29 -43.34 18.12
N ILE C 119 36.61 -42.90 16.90
CA ILE C 119 37.44 -41.72 16.67
C ILE C 119 36.65 -40.46 17.05
N TRP C 120 35.35 -40.47 16.75
CA TRP C 120 34.45 -39.38 17.09
C TRP C 120 34.42 -39.17 18.63
N ARG C 121 34.30 -40.27 19.40
CA ARG C 121 34.18 -40.18 20.87
C ARG C 121 35.53 -39.74 21.47
N GLN C 122 36.64 -40.24 20.91
CA GLN C 122 37.96 -39.84 21.35
C GLN C 122 38.14 -38.33 21.16
N ALA C 123 37.66 -37.83 20.01
CA ALA C 123 37.78 -36.40 19.64
C ALA C 123 36.91 -35.51 20.53
N ASN C 124 35.87 -36.12 21.10
CA ASN C 124 34.92 -35.44 21.95
C ASN C 124 35.10 -35.85 23.43
N ASN C 125 36.26 -36.44 23.77
CA ASN C 125 36.66 -36.82 25.17
C ASN C 125 35.71 -37.87 25.77
N GLY C 126 35.22 -38.78 24.93
CA GLY C 126 34.40 -39.87 25.42
C GLY C 126 32.93 -39.52 25.53
N ASP C 127 32.57 -38.23 25.51
CA ASP C 127 31.16 -37.79 25.38
C ASP C 127 30.63 -38.35 24.04
N ASP C 128 29.31 -38.51 23.94
CA ASP C 128 28.73 -39.10 22.73
C ASP C 128 28.44 -37.99 21.69
N ALA C 129 28.38 -36.74 22.15
CA ALA C 129 28.42 -35.50 21.34
C ALA C 129 27.33 -35.53 20.28
N THR C 130 26.10 -35.81 20.70
CA THR C 130 24.96 -35.79 19.79
C THR C 130 24.81 -34.41 19.15
N ALA C 131 25.08 -33.36 19.93
CA ALA C 131 24.93 -32.00 19.48
C ALA C 131 25.79 -31.74 18.23
N GLY C 132 27.08 -32.12 18.32
CA GLY C 132 28.02 -32.01 17.21
C GLY C 132 27.54 -32.72 15.97
N LEU C 133 26.96 -33.92 16.14
CA LEU C 133 26.41 -34.68 15.01
C LEU C 133 25.26 -33.89 14.38
N THR C 134 24.42 -33.35 15.25
CA THR C 134 23.29 -32.58 14.78
C THR C 134 23.76 -31.31 14.06
N HIS C 135 24.86 -30.72 14.55
CA HIS C 135 25.42 -29.53 13.95
C HIS C 135 25.76 -29.77 12.48
N MET C 136 26.45 -30.88 12.20
CA MET C 136 26.89 -31.18 10.89
C MET C 136 25.68 -31.51 10.01
N MET C 137 24.67 -32.14 10.60
CA MET C 137 23.42 -32.38 9.89
C MET C 137 22.84 -31.05 9.42
N ILE C 138 22.76 -30.09 10.36
CA ILE C 138 22.11 -28.87 10.07
C ILE C 138 22.87 -28.14 8.97
N TRP C 139 24.21 -28.27 8.94
CA TRP C 139 25.01 -27.69 7.85
C TRP C 139 24.63 -28.35 6.52
N HIS C 140 24.49 -29.67 6.49
CA HIS C 140 24.09 -30.33 5.24
C HIS C 140 22.73 -29.78 4.82
N SER C 141 21.82 -29.63 5.78
CA SER C 141 20.45 -29.20 5.49
C SER C 141 20.47 -27.81 4.82
N ASN C 142 21.19 -26.88 5.44
CA ASN C 142 21.36 -25.55 4.94
C ASN C 142 21.92 -25.62 3.51
N LEU C 143 22.86 -26.54 3.24
CA LEU C 143 23.43 -26.65 1.93
C LEU C 143 22.40 -27.19 0.94
N ASN C 144 21.61 -28.17 1.39
CA ASN C 144 20.53 -28.72 0.57
C ASN C 144 19.48 -27.62 0.28
N ASP C 145 19.17 -26.80 1.28
CA ASP C 145 18.14 -25.79 1.09
C ASP C 145 18.59 -24.75 0.06
N ALA C 146 19.91 -24.53 -0.04
CA ALA C 146 20.48 -23.54 -0.95
C ALA C 146 20.73 -24.12 -2.35
N THR C 147 20.76 -25.46 -2.51
CA THR C 147 21.16 -26.15 -3.75
C THR C 147 19.97 -26.67 -4.55
N TYR C 148 18.92 -27.14 -3.88
CA TYR C 148 17.84 -27.84 -4.53
C TYR C 148 16.50 -27.20 -4.21
N GLN C 149 15.78 -26.79 -5.24
CA GLN C 149 14.38 -26.46 -5.10
C GLN C 149 13.64 -27.76 -4.80
N ARG C 150 12.58 -27.70 -4.01
CA ARG C 150 11.92 -28.94 -3.65
C ARG C 150 10.54 -29.01 -4.31
N THR C 151 10.49 -28.67 -5.60
CA THR C 151 9.26 -28.51 -6.36
C THR C 151 8.56 -29.87 -6.53
N ARG C 152 9.38 -30.88 -6.85
CA ARG C 152 8.97 -32.27 -6.95
C ARG C 152 8.25 -32.71 -5.66
N ALA C 153 8.95 -32.64 -4.53
CA ALA C 153 8.45 -33.14 -3.24
C ALA C 153 7.12 -32.47 -2.85
N LEU C 154 7.01 -31.17 -3.13
CA LEU C 154 5.84 -30.38 -2.77
C LEU C 154 4.62 -30.84 -3.55
N VAL C 155 4.71 -30.99 -4.88
CA VAL C 155 3.52 -31.36 -5.69
C VAL C 155 3.08 -32.79 -5.37
N ARG C 156 4.05 -33.67 -5.14
CA ARG C 156 3.72 -35.06 -4.81
C ARG C 156 3.07 -35.17 -3.41
N THR C 157 3.02 -34.08 -2.64
CA THR C 157 2.40 -34.05 -1.32
C THR C 157 1.09 -33.28 -1.37
N GLY C 158 0.75 -32.72 -2.54
CA GLY C 158 -0.46 -31.87 -2.69
C GLY C 158 -0.27 -30.47 -2.12
N MET C 159 0.98 -30.07 -1.99
CA MET C 159 1.31 -28.73 -1.56
C MET C 159 1.71 -27.91 -2.79
N ASP C 160 1.59 -26.60 -2.67
CA ASP C 160 1.92 -25.66 -3.73
C ASP C 160 3.43 -25.52 -3.84
N PRO C 161 4.02 -25.63 -5.06
CA PRO C 161 5.48 -25.54 -5.25
C PRO C 161 6.10 -24.15 -4.99
N ARG C 162 5.24 -23.18 -4.72
CA ARG C 162 5.59 -21.83 -4.39
C ARG C 162 5.73 -21.66 -2.89
N MET C 163 5.52 -22.75 -2.15
CA MET C 163 5.69 -22.75 -0.74
C MET C 163 7.13 -23.09 -0.37
N CYS C 164 8.08 -22.90 -1.30
CA CYS C 164 9.43 -23.35 -1.04
C CYS C 164 10.17 -22.50 0.01
N SER C 165 9.71 -21.26 0.28
CA SER C 165 10.33 -20.43 1.34
C SER C 165 10.00 -20.97 2.73
N LEU C 166 9.06 -21.91 2.77
CA LEU C 166 8.62 -22.52 3.98
C LEU C 166 9.35 -23.85 4.24
N MET C 167 10.29 -24.24 3.37
CA MET C 167 10.80 -25.67 3.40
C MET C 167 12.19 -25.81 4.05
N GLN C 168 12.58 -24.87 4.90
CA GLN C 168 13.83 -24.98 5.64
C GLN C 168 13.82 -26.29 6.41
N GLY C 169 14.90 -27.06 6.27
CA GLY C 169 15.13 -28.29 7.01
C GLY C 169 14.34 -29.48 6.48
N SER C 170 13.79 -29.35 5.28
CA SER C 170 12.93 -30.39 4.73
C SER C 170 13.73 -31.67 4.45
N THR C 171 15.01 -31.64 4.70
CA THR C 171 15.95 -32.64 4.22
C THR C 171 16.55 -33.34 5.44
N LEU C 172 16.43 -32.70 6.59
CA LEU C 172 16.78 -33.27 7.83
C LEU C 172 16.00 -34.57 8.03
N PRO C 173 16.57 -35.56 8.75
CA PRO C 173 15.79 -36.66 9.31
C PRO C 173 14.58 -36.18 10.13
N ARG C 174 13.50 -36.99 10.07
CA ARG C 174 12.17 -36.65 10.60
C ARG C 174 12.23 -36.44 12.13
N ARG C 175 13.02 -37.27 12.84
CA ARG C 175 13.35 -37.01 14.23
C ARG C 175 14.82 -36.56 14.27
N SER C 176 15.02 -35.33 14.77
CA SER C 176 16.32 -34.61 14.80
C SER C 176 16.50 -34.06 16.20
N GLY C 177 17.45 -33.17 16.44
CA GLY C 177 17.53 -32.57 17.79
C GLY C 177 16.23 -31.86 18.22
N ALA C 178 16.30 -31.18 19.34
CA ALA C 178 15.57 -29.95 19.52
C ALA C 178 16.12 -28.90 18.55
N ALA C 179 17.41 -29.05 18.23
CA ALA C 179 18.07 -28.21 17.23
C ALA C 179 17.47 -28.51 15.86
N GLY C 180 17.20 -29.80 15.59
CA GLY C 180 16.53 -30.22 14.37
C GLY C 180 15.17 -29.55 14.19
N ALA C 181 14.39 -29.51 15.25
CA ALA C 181 13.08 -28.95 15.19
C ALA C 181 13.14 -27.41 15.13
N ALA C 182 14.15 -26.77 15.73
CA ALA C 182 14.12 -25.31 15.79
C ALA C 182 14.31 -24.75 14.37
N VAL C 183 15.04 -25.51 13.59
CA VAL C 183 15.57 -25.06 12.34
C VAL C 183 14.64 -25.46 11.19
N LYS C 184 13.63 -26.29 11.46
CA LYS C 184 12.71 -26.71 10.43
C LYS C 184 11.70 -25.58 10.18
N GLY C 185 11.28 -25.45 8.91
CA GLY C 185 10.30 -24.45 8.51
C GLY C 185 8.87 -24.92 8.74
N VAL C 186 7.95 -23.96 8.71
CA VAL C 186 6.57 -24.25 8.86
C VAL C 186 6.15 -25.28 7.80
N GLY C 187 6.66 -25.09 6.57
CA GLY C 187 6.36 -25.95 5.43
C GLY C 187 6.86 -27.36 5.65
N THR C 188 8.05 -27.49 6.23
CA THR C 188 8.61 -28.80 6.52
C THR C 188 7.65 -29.55 7.42
N MET C 189 7.13 -28.86 8.43
CA MET C 189 6.32 -29.48 9.47
C MET C 189 4.95 -29.87 8.88
N VAL C 190 4.40 -29.02 8.04
CA VAL C 190 3.15 -29.30 7.36
C VAL C 190 3.36 -30.52 6.46
N MET C 191 4.51 -30.57 5.79
CA MET C 191 4.78 -31.60 4.84
C MET C 191 4.77 -32.93 5.58
N GLU C 192 5.38 -32.97 6.78
CA GLU C 192 5.57 -34.18 7.57
C GLU C 192 4.18 -34.65 8.05
N LEU C 193 3.34 -33.69 8.47
CA LEU C 193 2.00 -34.02 8.93
C LEU C 193 1.20 -34.51 7.73
N ILE C 194 1.24 -33.80 6.58
CA ILE C 194 0.49 -34.30 5.41
C ILE C 194 0.91 -35.74 5.10
N ARG C 195 2.21 -36.02 5.09
CA ARG C 195 2.71 -37.32 4.76
C ARG C 195 1.99 -38.37 5.60
N MET C 196 1.87 -38.12 6.92
CA MET C 196 1.27 -39.04 7.88
C MET C 196 -0.24 -39.20 7.62
N ILE C 197 -0.92 -38.09 7.40
CA ILE C 197 -2.38 -38.14 7.19
C ILE C 197 -2.65 -39.02 5.96
N LYS C 198 -1.79 -38.90 4.93
CA LYS C 198 -2.01 -39.57 3.66
C LYS C 198 -1.81 -41.08 3.85
N ARG C 199 -0.76 -41.48 4.58
CA ARG C 199 -0.49 -42.85 4.87
C ARG C 199 -1.76 -43.46 5.46
N GLY C 200 -2.38 -42.69 6.37
CA GLY C 200 -3.55 -43.09 7.13
C GLY C 200 -4.81 -43.24 6.28
N ILE C 201 -4.91 -42.49 5.19
CA ILE C 201 -6.06 -42.55 4.27
C ILE C 201 -5.91 -43.78 3.36
N ASN C 202 -4.74 -43.93 2.72
CA ASN C 202 -4.45 -45.06 1.85
C ASN C 202 -4.60 -46.37 2.63
N ASP C 203 -3.76 -46.52 3.65
CA ASP C 203 -3.60 -47.73 4.42
C ASP C 203 -4.24 -47.52 5.79
N ARG C 204 -5.49 -48.00 5.95
CA ARG C 204 -6.36 -47.68 7.12
C ARG C 204 -5.86 -48.40 8.39
N ASN C 205 -4.63 -48.95 8.36
CA ASN C 205 -4.03 -49.70 9.47
C ASN C 205 -2.86 -48.88 10.07
N PHE C 206 -2.58 -47.70 9.51
CA PHE C 206 -1.50 -46.81 9.98
C PHE C 206 -1.80 -46.26 11.38
N TRP C 207 -3.08 -45.92 11.63
CA TRP C 207 -3.52 -45.30 12.88
C TRP C 207 -3.86 -46.35 13.95
N ARG C 208 -3.77 -47.63 13.57
CA ARG C 208 -4.11 -48.78 14.40
C ARG C 208 -2.87 -49.63 14.60
N GLY C 209 -3.03 -50.77 15.28
CA GLY C 209 -1.93 -51.59 15.76
C GLY C 209 -1.67 -51.31 17.24
N GLU C 210 -0.71 -52.05 17.81
CA GLU C 210 -0.26 -51.86 19.19
C GLU C 210 0.54 -50.55 19.29
N ASN C 211 1.25 -50.22 18.20
CA ASN C 211 2.03 -49.00 18.13
C ASN C 211 1.21 -47.91 17.41
N GLY C 212 -0.12 -48.02 17.42
CA GLY C 212 -1.01 -46.99 16.91
C GLY C 212 -1.04 -45.76 17.82
N ARG C 213 -0.85 -46.04 19.12
CA ARG C 213 -0.93 -45.03 20.17
C ARG C 213 0.34 -44.17 20.10
N ARG C 214 1.45 -44.76 19.67
CA ARG C 214 2.71 -44.03 19.58
C ARG C 214 2.83 -43.33 18.19
N THR C 215 2.12 -43.82 17.18
CA THR C 215 2.03 -43.06 15.94
C THR C 215 1.17 -41.81 16.19
N ARG C 216 0.08 -41.94 16.94
CA ARG C 216 -0.77 -40.81 17.33
C ARG C 216 0.01 -39.77 18.12
N ILE C 217 0.82 -40.17 19.08
CA ILE C 217 1.49 -39.15 19.91
C ILE C 217 2.48 -38.45 18.97
N ALA C 218 3.09 -39.19 18.04
CA ALA C 218 4.07 -38.59 17.08
C ALA C 218 3.40 -37.46 16.26
N TYR C 219 2.15 -37.71 15.81
CA TYR C 219 1.34 -36.70 15.09
C TYR C 219 1.12 -35.47 15.98
N GLU C 220 0.74 -35.69 17.24
CA GLU C 220 0.41 -34.56 18.16
C GLU C 220 1.68 -33.75 18.45
N ARG C 221 2.81 -34.45 18.57
CA ARG C 221 4.11 -33.87 18.88
C ARG C 221 4.48 -32.89 17.76
N MET C 222 4.27 -33.33 16.52
CA MET C 222 4.58 -32.54 15.38
C MET C 222 3.63 -31.35 15.24
N CYS C 223 2.37 -31.53 15.57
CA CYS C 223 1.45 -30.40 15.59
C CYS C 223 1.95 -29.36 16.60
N ASN C 224 2.41 -29.79 17.78
CA ASN C 224 2.76 -28.82 18.78
C ASN C 224 4.05 -28.09 18.37
N ILE C 225 4.98 -28.80 17.73
CA ILE C 225 6.13 -28.14 17.22
C ILE C 225 5.65 -27.02 16.30
N LEU C 226 4.75 -27.34 15.37
CA LEU C 226 4.28 -26.41 14.37
C LEU C 226 3.64 -25.22 15.11
N LYS C 227 2.81 -25.56 16.08
CA LYS C 227 2.02 -24.60 16.80
C LYS C 227 2.91 -23.54 17.43
N GLY C 228 4.05 -23.99 17.93
CA GLY C 228 5.03 -23.15 18.61
C GLY C 228 5.80 -22.26 17.66
N LYS C 229 5.70 -22.48 16.34
CA LYS C 229 6.39 -21.58 15.38
C LYS C 229 5.48 -20.40 15.03
N PHE C 230 4.17 -20.51 15.29
CA PHE C 230 3.23 -19.51 14.80
C PHE C 230 3.15 -18.40 15.85
N GLN C 231 3.12 -17.15 15.35
CA GLN C 231 3.17 -16.00 16.19
C GLN C 231 1.83 -15.27 16.23
N THR C 232 0.70 -15.93 15.91
CA THR C 232 -0.63 -15.35 16.10
C THR C 232 -1.55 -16.37 16.79
N ALA C 233 -2.48 -15.84 17.59
CA ALA C 233 -3.42 -16.64 18.31
C ALA C 233 -4.23 -17.51 17.35
N ALA C 234 -4.57 -16.95 16.19
CA ALA C 234 -5.50 -17.61 15.25
C ALA C 234 -4.84 -18.83 14.59
N GLN C 235 -3.61 -18.66 14.09
CA GLN C 235 -2.81 -19.79 13.53
C GLN C 235 -2.57 -20.89 14.61
N ARG C 236 -2.29 -20.45 15.85
CA ARG C 236 -2.08 -21.39 16.96
C ARG C 236 -3.38 -22.15 17.28
N THR C 237 -4.52 -21.45 17.26
CA THR C 237 -5.80 -22.10 17.50
C THR C 237 -6.11 -23.10 16.37
N MET C 238 -5.76 -22.79 15.12
CA MET C 238 -6.08 -23.72 14.02
C MET C 238 -5.24 -24.99 14.18
N VAL C 239 -4.02 -24.89 14.71
CA VAL C 239 -3.17 -26.08 14.86
C VAL C 239 -3.73 -26.95 15.99
N ASP C 240 -4.24 -26.33 17.07
CA ASP C 240 -4.96 -27.05 18.14
C ASP C 240 -6.09 -27.90 17.51
N GLN C 241 -6.95 -27.28 16.69
CA GLN C 241 -8.03 -27.98 15.99
C GLN C 241 -7.45 -29.18 15.21
N VAL C 242 -6.31 -29.00 14.52
CA VAL C 242 -5.78 -30.08 13.73
C VAL C 242 -5.28 -31.21 14.64
N ARG C 243 -4.56 -30.86 15.72
CA ARG C 243 -3.98 -31.83 16.64
C ARG C 243 -5.06 -32.66 17.33
N GLU C 244 -6.15 -31.98 17.68
CA GLU C 244 -7.27 -32.55 18.44
C GLU C 244 -8.20 -33.35 17.51
N SER C 245 -7.89 -33.42 16.21
CA SER C 245 -8.75 -34.10 15.28
C SER C 245 -8.83 -35.61 15.59
N ARG C 246 -10.07 -36.04 15.88
CA ARG C 246 -10.45 -37.43 15.89
C ARG C 246 -10.39 -37.85 14.42
N ASN C 247 -9.87 -39.02 14.11
CA ASN C 247 -9.68 -39.45 12.69
C ASN C 247 -9.21 -38.32 11.75
N PRO C 248 -7.88 -38.04 11.67
CA PRO C 248 -7.31 -37.06 10.75
C PRO C 248 -7.35 -37.46 9.28
N GLY C 249 -8.02 -36.66 8.45
CA GLY C 249 -8.24 -37.01 7.06
C GLY C 249 -8.20 -35.79 6.15
N ASN C 250 -9.09 -35.77 5.17
CA ASN C 250 -9.08 -34.83 4.09
C ASN C 250 -9.30 -33.40 4.63
N ALA C 251 -10.15 -33.21 5.64
CA ALA C 251 -10.39 -31.87 6.20
C ALA C 251 -9.09 -31.28 6.79
N GLU C 252 -8.31 -32.11 7.49
CA GLU C 252 -7.08 -31.66 8.16
C GLU C 252 -6.01 -31.38 7.12
N PHE C 253 -5.99 -32.16 6.03
CA PHE C 253 -5.14 -31.85 4.93
C PHE C 253 -5.40 -30.40 4.48
N GLU C 254 -6.67 -30.08 4.31
CA GLU C 254 -7.06 -28.79 3.81
C GLU C 254 -6.70 -27.70 4.83
N ASP C 255 -6.86 -27.98 6.12
CA ASP C 255 -6.53 -27.02 7.18
C ASP C 255 -5.02 -26.72 7.13
N LEU C 256 -4.21 -27.77 7.01
CA LEU C 256 -2.78 -27.64 6.99
C LEU C 256 -2.31 -26.87 5.75
N ILE C 257 -2.93 -27.10 4.58
CA ILE C 257 -2.56 -26.36 3.33
C ILE C 257 -2.84 -24.87 3.54
N PHE C 258 -4.03 -24.58 4.05
CA PHE C 258 -4.40 -23.22 4.41
C PHE C 258 -3.37 -22.60 5.38
N LEU C 259 -2.97 -23.34 6.43
CA LEU C 259 -2.00 -22.82 7.40
C LEU C 259 -0.66 -22.53 6.71
N ALA C 260 -0.20 -23.46 5.84
CA ALA C 260 1.08 -23.25 5.15
C ALA C 260 0.97 -21.99 4.28
N ARG C 261 -0.16 -21.84 3.59
CA ARG C 261 -0.35 -20.66 2.76
C ARG C 261 -0.24 -19.43 3.67
N SER C 262 -0.88 -19.47 4.82
CA SER C 262 -0.93 -18.30 5.68
C SER C 262 0.49 -17.89 6.13
N ALA C 263 1.36 -18.88 6.26
CA ALA C 263 2.73 -18.69 6.77
C ALA C 263 3.64 -18.01 5.73
N LEU C 264 3.13 -17.79 4.52
CA LEU C 264 3.81 -17.00 3.50
C LEU C 264 3.66 -15.51 3.83
N ILE C 265 2.72 -15.14 4.71
CA ILE C 265 2.48 -13.73 5.05
C ILE C 265 2.64 -13.51 6.56
N LEU C 266 1.86 -14.23 7.36
CA LEU C 266 2.06 -14.32 8.79
C LEU C 266 3.05 -15.47 9.04
N ARG C 267 4.32 -15.12 8.94
CA ARG C 267 5.42 -16.07 8.93
C ARG C 267 5.62 -16.68 10.33
N GLY C 268 6.09 -17.94 10.36
CA GLY C 268 6.44 -18.62 11.63
C GLY C 268 7.86 -18.33 12.04
N SER C 269 8.15 -18.58 13.32
CA SER C 269 9.49 -18.47 13.90
C SER C 269 10.29 -19.71 13.57
N VAL C 270 11.43 -19.50 12.92
CA VAL C 270 12.26 -20.57 12.46
C VAL C 270 13.70 -20.18 12.83
N ALA C 271 14.42 -21.06 13.52
CA ALA C 271 15.76 -20.76 13.95
C ALA C 271 16.69 -20.74 12.75
N HIS C 272 17.68 -19.86 12.80
CA HIS C 272 18.72 -19.76 11.82
C HIS C 272 20.05 -19.89 12.55
N LYS C 273 20.82 -20.88 12.13
CA LYS C 273 22.06 -21.22 12.78
C LYS C 273 23.15 -21.32 11.72
N SER C 274 24.23 -20.54 11.89
CA SER C 274 25.34 -20.59 10.96
C SER C 274 26.22 -21.79 11.33
N CYS C 275 26.17 -22.83 10.50
CA CYS C 275 26.86 -24.06 10.71
C CYS C 275 27.78 -24.28 9.53
N LEU C 276 29.07 -24.41 9.80
CA LEU C 276 30.11 -24.40 8.81
C LEU C 276 30.62 -25.82 8.59
N PRO C 277 31.22 -26.09 7.41
CA PRO C 277 31.80 -27.39 7.14
C PRO C 277 32.84 -27.71 8.23
N ALA C 278 33.10 -29.01 8.41
CA ALA C 278 33.92 -29.48 9.50
C ALA C 278 35.37 -28.98 9.33
N CYS C 279 35.83 -28.89 8.08
CA CYS C 279 37.20 -28.47 7.81
C CYS C 279 37.48 -27.06 8.34
N VAL C 280 36.50 -26.18 8.30
CA VAL C 280 36.73 -24.85 8.80
C VAL C 280 37.02 -24.89 10.30
N TYR C 281 36.23 -25.66 11.06
CA TYR C 281 36.48 -25.83 12.49
C TYR C 281 37.79 -26.57 12.71
N GLY C 282 38.10 -27.54 11.85
CA GLY C 282 39.32 -28.33 11.98
C GLY C 282 40.54 -27.46 11.79
N SER C 283 40.54 -26.74 10.66
CA SER C 283 41.53 -25.71 10.34
C SER C 283 41.80 -24.81 11.55
N ALA C 284 40.76 -24.19 12.12
CA ALA C 284 40.86 -23.22 13.26
C ALA C 284 41.44 -23.89 14.52
N VAL C 285 41.08 -25.16 14.78
CA VAL C 285 41.56 -25.87 15.92
C VAL C 285 43.04 -26.14 15.72
N ALA C 286 43.43 -26.50 14.48
CA ALA C 286 44.84 -26.77 14.12
C ALA C 286 45.69 -25.50 14.29
N SER C 287 45.11 -24.31 14.14
CA SER C 287 45.84 -23.05 14.33
C SER C 287 46.08 -22.73 15.81
N GLY C 288 45.52 -23.54 16.72
CA GLY C 288 45.59 -23.26 18.14
C GLY C 288 44.44 -22.40 18.60
N TYR C 289 43.34 -22.33 17.82
CA TYR C 289 42.13 -21.65 18.31
C TYR C 289 41.45 -22.54 19.36
N ASP C 290 41.07 -21.92 20.50
CA ASP C 290 40.49 -22.66 21.65
C ASP C 290 39.02 -22.27 21.86
N PHE C 291 38.13 -23.01 21.20
CA PHE C 291 36.73 -22.60 21.06
C PHE C 291 36.07 -22.58 22.43
N GLU C 292 36.41 -23.56 23.27
CA GLU C 292 35.83 -23.71 24.58
C GLU C 292 36.25 -22.53 25.46
N ARG C 293 37.54 -22.17 25.45
CA ARG C 293 38.02 -21.07 26.28
C ARG C 293 37.40 -19.78 25.73
N GLU C 294 37.43 -19.63 24.40
CA GLU C 294 37.04 -18.39 23.75
C GLU C 294 35.51 -18.25 23.73
N GLY C 295 34.78 -19.37 23.83
CA GLY C 295 33.32 -19.39 23.63
C GLY C 295 32.96 -19.31 22.15
N TYR C 296 31.71 -19.61 21.79
CA TYR C 296 31.28 -19.55 20.39
C TYR C 296 29.76 -19.47 20.37
N SER C 297 29.24 -18.84 19.31
CA SER C 297 27.79 -18.62 19.12
C SER C 297 27.46 -18.91 17.66
N LEU C 298 26.37 -19.64 17.40
CA LEU C 298 25.94 -19.92 16.04
C LEU C 298 25.20 -18.72 15.45
N VAL C 299 24.74 -17.79 16.33
CA VAL C 299 23.87 -16.66 15.93
C VAL C 299 24.56 -15.28 16.09
N GLY C 300 25.69 -15.19 16.79
CA GLY C 300 26.40 -13.92 16.94
C GLY C 300 27.48 -13.74 15.89
N ILE C 301 28.55 -13.01 16.25
CA ILE C 301 29.61 -12.62 15.30
C ILE C 301 30.52 -13.81 14.94
N ASP C 302 30.58 -14.83 15.80
CA ASP C 302 31.64 -15.80 15.78
C ASP C 302 31.76 -16.43 14.39
N PRO C 303 30.70 -17.02 13.77
CA PRO C 303 30.86 -17.70 12.49
C PRO C 303 31.39 -16.76 11.39
N PHE C 304 30.92 -15.49 11.39
CA PHE C 304 31.41 -14.47 10.44
C PHE C 304 32.90 -14.21 10.61
N ARG C 305 33.35 -14.05 11.87
CA ARG C 305 34.75 -13.84 12.21
C ARG C 305 35.57 -15.06 11.77
N LEU C 306 35.09 -16.25 12.08
CA LEU C 306 35.80 -17.45 11.76
C LEU C 306 35.95 -17.59 10.23
N LEU C 307 34.91 -17.23 9.48
CA LEU C 307 34.94 -17.31 8.01
C LEU C 307 35.83 -16.20 7.41
N GLN C 308 35.94 -15.03 8.07
CA GLN C 308 36.78 -13.94 7.54
C GLN C 308 38.22 -14.42 7.38
N ASN C 309 38.65 -15.38 8.21
CA ASN C 309 40.05 -15.74 8.32
C ASN C 309 40.30 -17.22 8.03
N SER C 310 39.33 -17.90 7.42
CA SER C 310 39.54 -19.30 7.10
C SER C 310 39.62 -19.44 5.57
N GLN C 311 40.14 -20.59 5.15
CA GLN C 311 40.54 -20.79 3.78
C GLN C 311 40.01 -22.16 3.32
N VAL C 312 39.04 -22.12 2.40
CA VAL C 312 38.29 -23.29 1.96
C VAL C 312 38.37 -23.36 0.43
N TYR C 313 38.72 -24.53 -0.09
CA TYR C 313 38.71 -24.70 -1.51
C TYR C 313 37.54 -25.58 -1.95
N SER C 314 37.23 -25.51 -3.24
CA SER C 314 36.23 -26.31 -3.84
C SER C 314 36.71 -26.73 -5.23
N LEU C 315 36.43 -27.98 -5.56
CA LEU C 315 36.40 -28.40 -6.93
C LEU C 315 35.31 -27.63 -7.66
N ILE C 316 35.53 -27.38 -8.95
CA ILE C 316 34.67 -26.55 -9.75
C ILE C 316 34.72 -27.04 -11.20
N ARG C 317 33.53 -27.21 -11.78
CA ARG C 317 33.35 -27.69 -13.15
C ARG C 317 33.69 -26.58 -14.15
N PRO C 318 34.17 -26.93 -15.37
CA PRO C 318 34.49 -25.92 -16.39
C PRO C 318 33.33 -24.97 -16.72
N ASN C 319 32.10 -25.47 -16.57
CA ASN C 319 30.83 -24.76 -16.79
C ASN C 319 30.64 -23.57 -15.84
N GLU C 320 31.37 -23.60 -14.72
CA GLU C 320 30.93 -22.96 -13.53
C GLU C 320 31.75 -21.73 -13.23
N ASN C 321 31.05 -20.69 -12.80
CA ASN C 321 31.61 -19.46 -12.30
C ASN C 321 31.99 -19.66 -10.83
N PRO C 322 33.27 -19.54 -10.43
CA PRO C 322 33.67 -19.65 -9.02
C PRO C 322 32.98 -18.68 -8.06
N ALA C 323 32.68 -17.47 -8.53
CA ALA C 323 31.93 -16.49 -7.72
C ALA C 323 30.53 -17.02 -7.33
N HIS C 324 29.94 -17.84 -8.21
CA HIS C 324 28.63 -18.42 -8.05
C HIS C 324 28.68 -19.59 -7.06
N LYS C 325 29.70 -20.45 -7.18
CA LYS C 325 29.93 -21.50 -6.23
C LYS C 325 30.07 -20.89 -4.84
N SER C 326 30.85 -19.82 -4.79
CA SER C 326 31.16 -19.12 -3.56
C SER C 326 29.90 -18.60 -2.88
N GLN C 327 28.95 -18.08 -3.69
CA GLN C 327 27.70 -17.51 -3.20
C GLN C 327 26.87 -18.63 -2.58
N LEU C 328 26.89 -19.80 -3.23
CA LEU C 328 26.12 -20.96 -2.79
C LEU C 328 26.53 -21.40 -1.38
N VAL C 329 27.83 -21.66 -1.22
CA VAL C 329 28.35 -22.03 0.08
C VAL C 329 28.10 -20.91 1.11
N TRP C 330 28.29 -19.63 0.73
CA TRP C 330 28.09 -18.55 1.65
C TRP C 330 26.67 -18.59 2.18
N MET C 331 25.69 -18.67 1.28
CA MET C 331 24.29 -18.74 1.67
C MET C 331 24.06 -19.92 2.62
N ALA C 332 24.59 -21.11 2.30
CA ALA C 332 24.43 -22.33 3.13
C ALA C 332 25.01 -22.13 4.52
N CYS C 333 26.21 -21.54 4.56
CA CYS C 333 26.95 -21.30 5.80
C CYS C 333 26.12 -20.47 6.78
N HIS C 334 25.30 -19.53 6.27
CA HIS C 334 24.53 -18.66 7.13
C HIS C 334 23.02 -18.92 7.02
N SER C 335 22.62 -20.07 6.49
CA SER C 335 21.18 -20.48 6.45
C SER C 335 20.30 -19.43 5.74
N ALA C 336 20.75 -18.93 4.57
CA ALA C 336 20.17 -17.73 3.93
C ALA C 336 19.44 -18.03 2.61
N ALA C 337 19.23 -19.31 2.29
CA ALA C 337 18.52 -19.68 1.06
C ALA C 337 17.28 -18.81 0.86
N PHE C 338 16.49 -18.60 1.91
CA PHE C 338 15.14 -18.01 1.72
C PHE C 338 15.09 -16.56 2.18
N GLU C 339 16.29 -15.98 2.45
CA GLU C 339 16.40 -14.61 2.85
C GLU C 339 16.40 -13.73 1.60
N ASP C 340 15.86 -12.52 1.80
CA ASP C 340 15.85 -11.44 0.81
C ASP C 340 17.28 -11.22 0.27
N LEU C 341 17.44 -11.42 -1.04
CA LEU C 341 18.70 -11.23 -1.70
C LEU C 341 19.23 -9.82 -1.48
N ARG C 342 18.36 -8.82 -1.35
CA ARG C 342 18.80 -7.48 -1.01
C ARG C 342 19.64 -7.51 0.27
N VAL C 343 19.07 -8.11 1.33
CA VAL C 343 19.68 -8.17 2.66
C VAL C 343 20.99 -8.97 2.59
N SER C 344 20.93 -10.14 1.94
CA SER C 344 22.09 -10.98 1.77
C SER C 344 23.21 -10.21 1.07
N SER C 345 22.88 -9.52 -0.05
CA SER C 345 23.83 -8.67 -0.82
C SER C 345 24.48 -7.60 0.06
N PHE C 346 23.66 -6.87 0.83
CA PHE C 346 24.13 -5.74 1.65
C PHE C 346 25.15 -6.21 2.71
N ILE C 347 24.84 -7.29 3.40
CA ILE C 347 25.73 -7.89 4.39
C ILE C 347 27.02 -8.37 3.73
N ARG C 348 26.88 -9.03 2.59
CA ARG C 348 28.00 -9.74 1.98
C ARG C 348 28.97 -8.74 1.32
N GLY C 349 28.41 -7.70 0.69
CA GLY C 349 29.16 -6.69 -0.04
C GLY C 349 29.35 -7.05 -1.49
N THR C 350 28.87 -8.23 -1.89
CA THR C 350 28.85 -8.76 -3.25
C THR C 350 27.38 -9.02 -3.57
N LYS C 351 26.99 -8.88 -4.84
CA LYS C 351 25.61 -9.08 -5.21
C LYS C 351 25.29 -10.57 -5.02
N VAL C 352 24.23 -10.85 -4.28
CA VAL C 352 23.76 -12.23 -4.14
C VAL C 352 22.63 -12.41 -5.13
N VAL C 353 22.83 -13.32 -6.06
CA VAL C 353 22.13 -13.40 -7.33
C VAL C 353 21.09 -14.52 -7.27
N PRO C 354 19.94 -14.44 -8.00
CA PRO C 354 18.93 -15.51 -7.95
C PRO C 354 19.41 -16.87 -8.49
N ARG C 355 18.82 -17.98 -8.00
CA ARG C 355 19.26 -19.37 -8.36
C ARG C 355 19.20 -19.54 -9.87
N GLY C 356 18.22 -18.90 -10.53
CA GLY C 356 18.03 -18.93 -12.00
C GLY C 356 19.15 -18.27 -12.79
N LYS C 357 19.96 -17.42 -12.15
CA LYS C 357 21.03 -16.72 -12.82
C LYS C 357 22.39 -17.28 -12.39
N LEU C 358 22.43 -18.47 -11.81
CA LEU C 358 23.60 -18.94 -11.06
C LEU C 358 24.24 -20.10 -11.83
N SER C 359 25.43 -19.89 -12.40
CA SER C 359 26.18 -20.85 -13.24
C SER C 359 26.98 -21.85 -12.40
N THR C 360 26.28 -22.67 -11.60
CA THR C 360 26.89 -23.74 -10.80
C THR C 360 25.81 -24.76 -10.46
N ARG C 361 26.26 -26.00 -10.22
CA ARG C 361 25.37 -27.13 -10.10
C ARG C 361 25.42 -27.70 -8.68
N GLY C 362 26.35 -27.26 -7.83
CA GLY C 362 26.34 -27.81 -6.48
C GLY C 362 27.62 -28.54 -6.13
N VAL C 363 27.81 -28.79 -4.85
CA VAL C 363 29.13 -28.90 -4.35
C VAL C 363 29.63 -30.32 -4.50
N GLN C 364 28.83 -31.33 -4.10
CA GLN C 364 29.20 -32.74 -4.30
C GLN C 364 29.47 -32.96 -5.79
N ILE C 365 30.35 -33.92 -6.08
CA ILE C 365 30.63 -34.30 -7.47
C ILE C 365 30.16 -35.75 -7.66
N ALA C 366 29.36 -35.95 -8.71
CA ALA C 366 28.72 -37.24 -8.96
C ALA C 366 29.79 -38.30 -9.26
N SER C 367 29.37 -39.57 -9.22
CA SER C 367 30.27 -40.70 -9.49
C SER C 367 30.61 -40.78 -10.97
N ASN C 368 29.80 -40.16 -11.84
CA ASN C 368 29.97 -40.30 -13.30
C ASN C 368 30.74 -39.10 -13.89
N GLU C 369 31.22 -38.20 -13.02
CA GLU C 369 31.87 -36.97 -13.47
C GLU C 369 33.36 -37.25 -13.69
N ASN C 370 33.91 -36.62 -14.73
CA ASN C 370 35.25 -36.91 -15.17
C ASN C 370 36.22 -36.00 -14.40
N MET C 371 37.10 -36.60 -13.60
CA MET C 371 38.00 -35.86 -12.71
C MET C 371 39.07 -35.08 -13.49
N GLU C 372 39.24 -35.41 -14.76
CA GLU C 372 40.33 -34.86 -15.54
C GLU C 372 40.10 -33.37 -15.85
N THR C 373 38.85 -32.95 -16.11
CA THR C 373 38.58 -31.50 -16.50
C THR C 373 38.08 -30.70 -15.27
N MET C 374 38.31 -31.24 -14.07
CA MET C 374 37.96 -30.60 -12.83
C MET C 374 39.10 -29.66 -12.40
N GLU C 375 38.79 -28.37 -12.22
CA GLU C 375 39.77 -27.42 -11.63
C GLU C 375 39.35 -27.11 -10.19
N SER C 376 40.11 -26.26 -9.49
CA SER C 376 39.81 -25.93 -8.11
C SER C 376 40.09 -24.45 -7.84
N SER C 377 39.23 -23.78 -7.08
CA SER C 377 39.48 -22.37 -6.66
C SER C 377 39.22 -22.17 -5.16
N THR C 378 39.67 -21.02 -4.67
CA THR C 378 39.38 -20.61 -3.31
C THR C 378 37.96 -20.04 -3.29
N LEU C 379 37.15 -20.55 -2.35
CA LEU C 379 35.83 -20.08 -2.08
C LEU C 379 35.97 -18.74 -1.36
N GLU C 380 35.28 -17.74 -1.90
CA GLU C 380 35.18 -16.45 -1.28
C GLU C 380 34.08 -16.58 -0.23
N LEU C 381 34.45 -16.69 1.05
CA LEU C 381 33.41 -16.87 2.04
C LEU C 381 33.28 -15.69 3.02
N ARG C 382 33.92 -14.57 2.68
CA ARG C 382 33.99 -13.45 3.59
C ARG C 382 32.76 -12.58 3.36
N SER C 383 32.63 -11.54 4.18
CA SER C 383 31.54 -10.60 3.94
C SER C 383 31.90 -9.22 4.50
N ARG C 384 31.15 -8.22 4.02
CA ARG C 384 31.43 -6.82 4.34
C ARG C 384 31.05 -6.54 5.80
N TYR C 385 29.90 -7.06 6.19
CA TYR C 385 29.40 -6.88 7.53
C TYR C 385 28.92 -8.21 8.11
N TRP C 386 28.51 -8.17 9.37
CA TRP C 386 27.74 -9.24 9.91
C TRP C 386 26.38 -8.75 10.45
N ALA C 387 25.50 -9.72 10.65
CA ALA C 387 24.24 -9.45 11.27
C ALA C 387 23.94 -10.66 12.18
N ILE C 388 23.18 -10.40 13.24
CA ILE C 388 22.71 -11.45 14.10
C ILE C 388 21.73 -12.29 13.29
N ARG C 389 21.72 -13.61 13.51
CA ARG C 389 20.67 -14.53 12.94
C ARG C 389 19.44 -14.59 13.85
N THR C 390 18.22 -14.48 13.33
CA THR C 390 16.98 -14.54 14.17
C THR C 390 16.23 -15.89 14.05
N ARG C 391 15.40 -16.16 15.06
CA ARG C 391 14.36 -17.18 15.04
C ARG C 391 13.00 -16.50 14.81
N SER C 392 13.00 -15.17 14.66
CA SER C 392 11.80 -14.37 14.45
C SER C 392 11.39 -14.39 12.98
N GLY C 393 10.07 -14.28 12.76
CA GLY C 393 9.48 -14.21 11.43
C GLY C 393 9.15 -12.78 11.00
N GLY C 394 9.21 -11.82 11.96
CA GLY C 394 8.95 -10.43 11.68
C GLY C 394 7.53 -9.99 12.03
N ASN C 395 6.97 -10.52 13.11
CA ASN C 395 5.53 -10.33 13.37
C ASN C 395 5.23 -9.12 14.28
N THR C 396 4.65 -8.07 13.68
CA THR C 396 4.10 -6.90 14.42
C THR C 396 2.87 -6.36 13.68
N SER C 403 -3.44 -2.36 23.59
CA SER C 403 -3.94 -0.96 23.56
C SER C 403 -3.12 -0.12 22.55
N GLY C 404 -3.50 1.16 22.40
CA GLY C 404 -3.11 1.94 21.25
C GLY C 404 -4.26 2.16 20.26
N GLN C 405 -4.10 3.20 19.45
CA GLN C 405 -5.07 3.63 18.52
C GLN C 405 -5.19 2.59 17.38
N ILE C 406 -6.42 2.24 16.97
CA ILE C 406 -6.67 1.28 15.89
C ILE C 406 -7.54 1.88 14.78
N SER C 407 -7.74 3.20 14.82
CA SER C 407 -8.53 3.87 13.77
C SER C 407 -8.16 5.35 13.74
N ILE C 408 -8.49 6.03 12.64
CA ILE C 408 -8.30 7.47 12.59
C ILE C 408 -9.66 8.14 12.68
N GLN C 409 -9.66 9.37 13.21
CA GLN C 409 -10.82 10.23 13.15
C GLN C 409 -10.47 11.43 12.29
N PRO C 410 -11.08 11.56 11.10
CA PRO C 410 -10.59 12.53 10.16
C PRO C 410 -10.78 13.94 10.71
N THR C 411 -9.77 14.79 10.49
CA THR C 411 -9.76 16.18 10.89
C THR C 411 -10.00 17.05 9.66
N PHE C 412 -9.34 16.68 8.55
CA PHE C 412 -9.29 17.51 7.39
C PHE C 412 -10.13 16.91 6.28
N SER C 413 -10.80 17.80 5.53
CA SER C 413 -11.62 17.54 4.35
C SER C 413 -10.70 17.27 3.14
N VAL C 414 -10.26 16.02 3.03
CA VAL C 414 -9.21 15.65 2.14
C VAL C 414 -9.51 14.24 1.64
N GLN C 415 -9.26 14.00 0.35
CA GLN C 415 -9.55 12.76 -0.28
C GLN C 415 -8.43 11.77 0.08
N ARG C 416 -8.83 10.65 0.68
CA ARG C 416 -7.91 9.61 1.09
C ARG C 416 -8.75 8.46 1.62
N ASN C 417 -8.09 7.34 1.93
CA ASN C 417 -8.73 6.29 2.64
C ASN C 417 -8.66 6.65 4.12
N LEU C 418 -9.44 5.92 4.95
CA LEU C 418 -9.49 6.19 6.40
C LEU C 418 -9.07 4.91 7.11
N PRO C 419 -7.76 4.74 7.36
CA PRO C 419 -7.22 3.55 7.98
C PRO C 419 -7.96 3.15 9.26
N PHE C 420 -8.06 1.84 9.42
CA PHE C 420 -8.43 1.20 10.63
C PHE C 420 -7.91 -0.24 10.55
N ASP C 421 -7.79 -0.81 11.75
CA ASP C 421 -7.27 -2.12 12.01
C ASP C 421 -8.44 -3.12 11.93
N ARG C 422 -8.65 -3.70 10.74
CA ARG C 422 -9.81 -4.52 10.42
C ARG C 422 -9.73 -5.87 11.15
N PRO C 423 -8.54 -6.51 11.26
CA PRO C 423 -8.44 -7.71 12.07
C PRO C 423 -8.91 -7.56 13.51
N THR C 424 -8.38 -6.57 14.25
CA THR C 424 -8.68 -6.39 15.66
C THR C 424 -10.14 -6.03 15.87
N ILE C 425 -10.65 -5.09 15.07
CA ILE C 425 -11.98 -4.53 15.34
C ILE C 425 -13.05 -5.61 15.10
N MET C 426 -12.95 -6.31 13.97
CA MET C 426 -13.90 -7.35 13.57
C MET C 426 -13.72 -8.57 14.46
N ALA C 427 -12.59 -8.67 15.17
CA ALA C 427 -12.29 -9.85 16.02
C ALA C 427 -13.31 -9.99 17.15
N ALA C 428 -13.93 -8.86 17.51
CA ALA C 428 -14.93 -8.77 18.58
C ALA C 428 -16.19 -9.63 18.31
N PHE C 429 -16.25 -10.40 17.21
CA PHE C 429 -17.51 -11.11 16.81
C PHE C 429 -17.17 -12.57 16.47
N SER C 438 -16.76 -16.07 12.87
CA SER C 438 -16.84 -17.14 13.87
C SER C 438 -15.81 -18.26 13.63
N ASP C 439 -15.03 -18.18 12.55
CA ASP C 439 -14.07 -19.21 12.15
C ASP C 439 -12.65 -18.68 12.36
N MET C 440 -11.76 -19.63 12.67
CA MET C 440 -10.34 -19.36 12.66
C MET C 440 -9.88 -18.98 11.25
N ARG C 441 -10.36 -19.69 10.23
CA ARG C 441 -10.01 -19.41 8.82
C ARG C 441 -10.33 -17.95 8.44
N THR C 442 -11.42 -17.40 9.00
CA THR C 442 -11.88 -16.02 8.72
C THR C 442 -10.97 -15.01 9.43
N GLU C 443 -10.62 -15.28 10.68
CA GLU C 443 -9.66 -14.43 11.40
C GLU C 443 -8.32 -14.36 10.64
N ILE C 444 -7.85 -15.50 10.13
CA ILE C 444 -6.56 -15.59 9.50
C ILE C 444 -6.58 -14.86 8.15
N ILE C 445 -7.65 -15.05 7.35
CA ILE C 445 -7.77 -14.34 6.07
C ILE C 445 -7.76 -12.84 6.34
N ARG C 446 -8.46 -12.43 7.39
CA ARG C 446 -8.48 -11.03 7.77
C ARG C 446 -7.05 -10.52 8.00
N LEU C 447 -6.29 -11.19 8.88
CA LEU C 447 -4.89 -10.81 9.18
C LEU C 447 -4.01 -10.82 7.91
N MET C 448 -4.18 -11.82 7.04
CA MET C 448 -3.40 -11.90 5.83
C MET C 448 -3.67 -10.68 4.95
N GLU C 449 -4.94 -10.30 4.86
CA GLU C 449 -5.38 -9.18 4.03
C GLU C 449 -4.87 -7.86 4.61
N SER C 450 -4.72 -7.82 5.94
CA SER C 450 -4.28 -6.64 6.70
C SER C 450 -2.80 -6.35 6.48
N ALA C 451 -2.00 -7.41 6.34
CA ALA C 451 -0.57 -7.35 6.12
C ALA C 451 -0.26 -6.88 4.69
N ARG C 452 0.80 -6.07 4.60
CA ARG C 452 1.21 -5.41 3.37
C ARG C 452 2.68 -5.72 3.15
N PRO C 453 3.10 -6.08 1.92
CA PRO C 453 4.50 -6.35 1.61
C PRO C 453 5.50 -5.26 2.02
N GLU C 454 5.02 -4.04 2.30
CA GLU C 454 5.92 -2.93 2.54
C GLU C 454 5.92 -2.56 4.02
N ASP C 455 5.21 -3.34 4.86
CA ASP C 455 5.27 -3.22 6.34
C ASP C 455 6.71 -3.49 6.76
N VAL C 456 7.28 -2.66 7.63
CA VAL C 456 8.69 -2.90 7.96
C VAL C 456 8.77 -3.69 9.27
N SER C 457 9.74 -4.61 9.33
CA SER C 457 10.01 -5.47 10.47
C SER C 457 11.42 -5.16 10.95
N PHE C 458 11.71 -5.65 12.15
CA PHE C 458 12.99 -5.54 12.79
C PHE C 458 13.38 -4.07 12.87
N GLN C 459 12.42 -3.24 13.31
CA GLN C 459 12.61 -1.79 13.46
C GLN C 459 13.81 -1.50 14.36
N GLY C 460 14.80 -0.74 13.85
CA GLY C 460 15.98 -0.36 14.63
C GLY C 460 17.16 -1.29 14.41
N ARG C 461 16.91 -2.53 14.01
CA ARG C 461 17.94 -3.56 13.93
C ARG C 461 18.75 -3.33 12.66
N GLY C 462 20.06 -3.59 12.74
CA GLY C 462 20.97 -3.33 11.65
C GLY C 462 22.14 -4.31 11.62
N VAL C 463 22.96 -4.17 10.59
CA VAL C 463 24.16 -4.95 10.41
C VAL C 463 25.30 -4.24 11.17
N PHE C 464 26.43 -4.91 11.31
CA PHE C 464 27.53 -4.43 12.13
C PHE C 464 28.87 -4.63 11.39
N GLU C 465 29.87 -3.84 11.80
CA GLU C 465 31.22 -4.02 11.33
C GLU C 465 31.81 -5.27 11.99
N LEU C 466 32.72 -5.94 11.30
CA LEU C 466 33.41 -7.09 11.87
C LEU C 466 34.36 -6.66 13.02
N SER C 467 34.65 -5.38 13.15
CA SER C 467 35.44 -4.82 14.26
C SER C 467 34.56 -4.43 15.45
N ASP C 468 33.24 -4.44 15.27
CA ASP C 468 32.26 -4.12 16.29
C ASP C 468 31.81 -5.41 16.95
N GLU C 469 32.73 -6.02 17.72
CA GLU C 469 32.59 -7.36 18.32
C GLU C 469 31.28 -7.47 19.13
N LYS C 470 30.99 -6.46 19.96
CA LYS C 470 29.91 -6.58 20.97
C LYS C 470 28.61 -5.95 20.42
N ALA C 471 28.54 -5.72 19.11
CA ALA C 471 27.26 -5.39 18.43
C ALA C 471 26.68 -4.12 19.04
N THR C 472 27.49 -3.06 19.02
CA THR C 472 27.16 -1.82 19.68
C THR C 472 26.44 -0.86 18.73
N SER C 473 26.87 -0.78 17.45
CA SER C 473 26.53 0.33 16.55
C SER C 473 25.88 -0.13 15.25
N PRO C 474 24.54 -0.34 15.26
CA PRO C 474 23.87 -0.97 14.13
C PRO C 474 23.99 -0.03 12.94
N ILE C 475 24.00 -0.61 11.75
CA ILE C 475 23.93 0.13 10.52
C ILE C 475 22.67 -0.32 9.79
N VAL C 476 21.65 0.57 9.78
CA VAL C 476 20.38 0.28 9.18
C VAL C 476 20.44 0.59 7.69
N PRO C 477 20.11 -0.39 6.81
CA PRO C 477 20.16 -0.17 5.37
C PRO C 477 18.95 0.65 4.89
N SER C 478 19.03 1.16 3.66
CA SER C 478 17.87 1.66 2.92
C SER C 478 17.79 0.90 1.60
N PHE C 479 16.62 0.36 1.29
CA PHE C 479 16.51 -0.57 0.18
C PHE C 479 15.64 0.06 -0.92
N ASP C 480 15.99 -0.28 -2.17
CA ASP C 480 15.06 -0.28 -3.30
C ASP C 480 14.59 -1.73 -3.52
N GLY C 485 13.18 -9.08 -7.37
CA GLY C 485 14.52 -8.64 -6.95
C GLY C 485 14.90 -9.11 -5.56
N SER C 486 14.22 -10.13 -5.01
CA SER C 486 14.47 -10.52 -3.61
C SER C 486 14.38 -12.02 -3.31
N TYR C 487 13.83 -12.86 -4.20
CA TYR C 487 13.69 -14.27 -3.87
C TYR C 487 14.76 -15.10 -4.59
N PHE C 488 15.45 -15.96 -3.83
CA PHE C 488 16.45 -16.82 -4.43
C PHE C 488 15.86 -17.72 -5.51
N PHE C 489 14.65 -18.26 -5.35
CA PHE C 489 14.15 -19.31 -6.23
C PHE C 489 12.92 -18.85 -7.00
N GLY C 490 13.08 -18.26 -8.19
CA GLY C 490 11.92 -17.92 -9.03
C GLY C 490 12.14 -16.65 -9.83
CAA B7O D . -4.95 36.43 9.55
CBF B7O D . -3.69 36.94 8.86
CAB B7O D . -3.12 35.79 8.07
CAC B7O D . -4.00 38.00 7.83
CBC B7O D . -2.74 37.49 9.72
CAN B7O D . -2.98 38.65 10.41
CAK B7O D . -2.01 39.19 11.23
CAM B7O D . -1.51 36.91 9.83
CAJ B7O D . -0.54 37.44 10.67
CBA B7O D . -0.77 38.59 11.37
CAW B7O D . 0.22 39.17 12.15
OAD B7O D . -0.04 39.37 13.31
NAS B7O D . 1.41 39.62 11.58
CAY B7O D . 1.75 39.53 10.26
CAG B7O D . 0.83 39.44 9.22
CAI B7O D . 1.06 39.33 7.89
CAF B7O D . 3.07 39.57 9.80
CAH B7O D . 3.35 39.48 8.42
CAZ B7O D . 2.34 39.38 7.47
NAT B7O D . 2.35 39.26 6.16
CAX B7O D . 3.33 39.48 5.29
OAE B7O D . 4.49 39.72 5.53
CBB B7O D . 2.96 39.22 3.98
CAP B7O D . 3.88 39.44 2.95
CBE B7O D . 3.48 39.14 1.65
OAV B7O D . 4.29 39.31 0.60
CAR B7O D . 4.29 38.07 -0.14
CAQ B7O D . 2.89 37.52 -0.38
OAU B7O D . 1.90 38.40 0.09
CBD B7O D . 2.21 38.65 1.38
CAO B7O D . 1.31 38.45 2.38
CAL B7O D . 1.69 38.72 3.68
CAA B7O E . -2.80 49.84 17.19
CBF B7O E . -3.04 48.94 18.38
CAB B7O E . -4.49 48.47 18.44
CAC B7O E . -2.20 47.72 18.21
CBC B7O E . -2.65 49.52 19.60
CAN B7O E . -2.76 48.76 20.75
CAK B7O E . -2.41 49.25 22.00
CAM B7O E . -2.14 50.80 19.72
CAJ B7O E . -1.76 51.29 20.97
CBA B7O E . -1.86 50.51 22.12
CAW B7O E . -1.50 51.07 23.37
OAD B7O E . -1.79 52.25 23.61
NAS B7O E . -0.91 50.31 24.34
CAY B7O E . -0.47 49.06 24.24
CAG B7O E . -0.50 48.27 25.38
CAI B7O E . 0.00 46.97 25.33
CAF B7O E . 0.11 48.52 23.08
CAH B7O E . 0.58 47.22 23.02
CAZ B7O E . 0.55 46.46 24.16
NAT B7O E . 0.96 45.23 24.08
CAX B7O E . 1.43 44.42 25.03
OAE B7O E . 1.79 44.71 26.17
CBB B7O E . 1.51 43.13 24.53
CAP B7O E . 2.61 42.28 24.65
CBE B7O E . 2.49 41.03 24.06
OAV B7O E . 3.48 40.13 24.13
CAR B7O E . 3.65 39.44 22.86
CAQ B7O E . 2.40 39.33 22.04
OAU B7O E . 1.32 39.40 22.85
CBD B7O E . 1.36 40.62 23.38
CAO B7O E . 0.28 41.45 23.26
CAL B7O E . 0.40 42.68 23.84
CAA B7O F . 8.13 -32.32 22.50
CBF B7O F . 7.01 -31.28 22.68
CAB B7O F . 7.34 -30.58 23.98
CAC B7O F . 6.91 -30.22 21.59
CBC B7O F . 5.64 -31.91 22.78
CAN B7O F . 5.33 -33.11 22.17
CAK B7O F . 4.06 -33.68 22.27
CAM B7O F . 4.64 -31.29 23.49
CAJ B7O F . 3.39 -31.88 23.60
CBA B7O F . 3.05 -33.09 22.98
CAW B7O F . 1.71 -33.83 23.02
OAD B7O F . 1.77 -34.84 22.38
NAS B7O F . 0.47 -33.57 23.53
CAY B7O F . -0.07 -32.36 23.79
CAG B7O F . -1.34 -32.03 24.26
CAI B7O F . -1.67 -30.68 24.53
CAF B7O F . 0.79 -31.31 23.65
CAH B7O F . 0.49 -30.00 23.90
CAZ B7O F . -0.74 -29.64 24.35
NAT B7O F . -0.96 -28.29 24.57
CAX B7O F . -0.03 -27.32 24.37
OAE B7O F . 1.09 -27.57 23.96
CBB B7O F . -0.27 -25.85 24.62
CAP B7O F . 0.79 -24.97 24.38
CBE B7O F . 0.64 -23.61 24.58
OAV B7O F . 1.67 -22.74 24.34
CAR B7O F . 1.86 -21.71 25.32
CAQ B7O F . 0.53 -21.01 25.65
OAU B7O F . -0.63 -21.75 25.22
CBD B7O F . -0.56 -23.10 25.04
CAO B7O F . -1.63 -23.97 25.30
CAL B7O F . -1.48 -25.34 25.09
#